data_3P6Y
#
_entry.id   3P6Y
#
_cell.length_a   104.783
_cell.length_b   129.419
_cell.length_c   111.159
_cell.angle_alpha   90.00
_cell.angle_beta   94.01
_cell.angle_gamma   90.00
#
_symmetry.space_group_name_H-M   'P 1 21 1'
#
loop_
_entity.id
_entity.type
_entity.pdbx_description
1 polymer 'Cleavage and polyadenylation specificity factor subunit 5'
2 polymer 'Cleavage and polyadenylation specificity factor subunit 6'
3 polymer "5'-R(*UP*GP*UP*AP*A)-3'"
4 water water
#
loop_
_entity_poly.entity_id
_entity_poly.type
_entity_poly.pdbx_seq_one_letter_code
_entity_poly.pdbx_strand_id
1 'polypeptide(L)'
;ERTINLYPLTNYTFGTKEPLYEKDSSVAARFQRMREEFDKIGMRRTVEGVLIVHEHRLPHVLLLQLGTTFFKLPGGELNP
GEDEVEGLKRLMTEILGRQDGVLQDWVIDDCIGNWWRPNFEPPQYPYIPAHITKPKEHKKLFLVQLQEKALFAVPKNYKL
VAAPLFELYDNAPGYGPIISSLPQLLSRFNFIYNLEHHHHHH
;
A,B,E,F,I,J,M,N
2 'polypeptide(L)'
;RIALYIGNLTWWTTDEDLTEAVHSLGVNDILEIKFFENRANGQSKGFALVGVGSEASSKKLMDLLPKRELHGQNPVVTPS
NKLEHHHHHH
;
C,D,G,H,K,L,O,P
3 'polyribonucleotide' UGUAA Q,R,S,T,U,V,W
#
# COMPACT_ATOMS: atom_id res chain seq x y z
N GLU A 1 -16.07 -30.37 24.60
CA GLU A 1 -16.19 -30.98 25.96
C GLU A 1 -17.25 -30.29 26.83
N ARG A 2 -17.64 -29.08 26.44
CA ARG A 2 -18.65 -28.33 27.21
C ARG A 2 -19.86 -27.94 26.36
N THR A 3 -21.02 -28.50 26.70
CA THR A 3 -22.26 -28.22 25.99
C THR A 3 -23.04 -27.09 26.66
N ILE A 4 -23.30 -26.03 25.91
CA ILE A 4 -24.11 -24.91 26.36
C ILE A 4 -25.32 -24.74 25.45
N ASN A 5 -26.50 -24.65 26.06
CA ASN A 5 -27.74 -24.43 25.32
C ASN A 5 -28.10 -22.97 25.12
N LEU A 6 -28.23 -22.58 23.85
CA LEU A 6 -28.66 -21.24 23.47
C LEU A 6 -30.04 -21.28 22.84
N TYR A 7 -30.79 -20.20 23.02
CA TYR A 7 -32.17 -20.11 22.52
C TYR A 7 -32.37 -18.82 21.75
N PRO A 8 -33.42 -18.75 20.90
CA PRO A 8 -33.63 -17.54 20.09
C PRO A 8 -33.87 -16.31 20.95
N LEU A 9 -33.47 -15.14 20.45
CA LEU A 9 -33.65 -13.88 21.19
C LEU A 9 -35.13 -13.59 21.49
N THR A 10 -35.99 -14.04 20.59
CA THR A 10 -37.44 -13.85 20.68
C THR A 10 -38.09 -14.71 21.80
N ASN A 11 -37.33 -15.65 22.35
CA ASN A 11 -37.78 -16.41 23.52
C ASN A 11 -37.79 -15.57 24.80
N TYR A 12 -37.19 -14.39 24.74
CA TYR A 12 -37.00 -13.56 25.92
C TYR A 12 -37.74 -12.24 25.83
N THR A 13 -38.51 -11.94 26.86
CA THR A 13 -39.21 -10.67 26.97
C THR A 13 -38.41 -9.73 27.86
N PHE A 14 -38.27 -8.49 27.42
CA PHE A 14 -37.51 -7.49 28.16
C PHE A 14 -38.45 -6.36 28.57
N GLY A 15 -38.53 -6.12 29.88
CA GLY A 15 -39.36 -5.04 30.42
C GLY A 15 -38.52 -3.94 31.04
N THR A 16 -39.16 -3.08 31.83
CA THR A 16 -38.46 -1.96 32.47
C THR A 16 -38.72 -1.90 33.97
N LYS A 17 -37.79 -1.25 34.67
CA LYS A 17 -37.96 -0.92 36.08
C LYS A 17 -37.27 0.40 36.41
N GLU A 18 -37.42 0.87 37.64
CA GLU A 18 -36.92 2.19 38.05
C GLU A 18 -35.39 2.29 37.93
N PRO A 19 -34.88 3.47 37.55
CA PRO A 19 -33.44 3.67 37.31
C PRO A 19 -32.56 3.27 38.49
N LEU A 20 -31.42 2.68 38.18
CA LEU A 20 -30.40 2.37 39.19
C LEU A 20 -29.10 3.07 38.80
N TYR A 21 -28.93 4.29 39.30
CA TYR A 21 -27.76 5.12 38.98
C TYR A 21 -26.48 4.57 39.60
N GLU A 22 -25.39 4.67 38.85
CA GLU A 22 -24.07 4.26 39.33
C GLU A 22 -23.67 5.08 40.56
N LYS A 23 -22.84 4.48 41.42
CA LYS A 23 -22.43 5.12 42.67
C LYS A 23 -21.72 6.46 42.47
N ASP A 24 -21.04 6.62 41.33
CA ASP A 24 -20.37 7.86 40.99
C ASP A 24 -20.74 8.40 39.61
N SER A 25 -20.82 9.73 39.50
CA SER A 25 -21.34 10.39 38.31
C SER A 25 -20.33 10.55 37.17
N SER A 26 -19.09 10.88 37.52
CA SER A 26 -18.05 11.18 36.54
C SER A 26 -17.08 10.01 36.33
N VAL A 27 -16.07 10.23 35.48
CA VAL A 27 -14.94 9.31 35.37
C VAL A 27 -13.96 9.61 36.50
N ALA A 28 -13.79 10.89 36.82
CA ALA A 28 -12.94 11.33 37.94
C ALA A 28 -13.50 10.91 39.29
N ALA A 29 -14.81 10.90 39.42
CA ALA A 29 -15.50 10.49 40.65
C ALA A 29 -15.35 9.00 40.96
N ARG A 30 -15.28 8.18 39.91
CA ARG A 30 -15.15 6.74 40.09
C ARG A 30 -13.72 6.31 40.41
N PHE A 31 -12.74 7.04 39.91
CA PHE A 31 -11.34 6.73 40.20
C PHE A 31 -10.90 7.27 41.55
N GLN A 32 -11.63 8.24 42.09
CA GLN A 32 -11.35 8.72 43.43
C GLN A 32 -11.88 7.75 44.49
N ARG A 33 -13.10 7.26 44.28
CA ARG A 33 -13.70 6.28 45.19
C ARG A 33 -12.87 4.99 45.24
N MET A 34 -12.31 4.61 44.10
CA MET A 34 -11.40 3.46 44.02
C MET A 34 -10.15 3.68 44.86
N ARG A 35 -9.59 4.89 44.78
CA ARG A 35 -8.42 5.27 45.57
C ARG A 35 -8.72 5.28 47.08
N GLU A 36 -9.90 5.76 47.44
CA GLU A 36 -10.31 5.85 48.84
C GLU A 36 -10.66 4.49 49.44
N GLU A 37 -11.32 3.63 48.66
CA GLU A 37 -11.69 2.29 49.13
C GLU A 37 -10.49 1.36 49.22
N PHE A 38 -9.51 1.56 48.34
CA PHE A 38 -8.31 0.72 48.29
C PHE A 38 -7.49 0.79 49.58
N ASP A 39 -7.41 1.98 50.16
CA ASP A 39 -6.66 2.18 51.40
C ASP A 39 -7.33 1.51 52.61
N LYS A 40 -8.63 1.29 52.53
CA LYS A 40 -9.41 0.76 53.64
C LYS A 40 -9.76 -0.73 53.50
N ILE A 41 -10.05 -1.14 52.26
CA ILE A 41 -10.49 -2.52 52.00
C ILE A 41 -9.53 -3.26 51.07
N GLY A 42 -8.69 -2.52 50.37
CA GLY A 42 -7.72 -3.12 49.45
C GLY A 42 -8.25 -3.25 48.04
N MET A 43 -7.85 -4.33 47.37
CA MET A 43 -8.24 -4.62 45.99
C MET A 43 -9.76 -4.73 45.82
N ARG A 44 -10.28 -4.09 44.77
CA ARG A 44 -11.69 -4.21 44.41
C ARG A 44 -11.93 -5.52 43.67
N ARG A 45 -13.00 -6.22 44.05
CA ARG A 45 -13.37 -7.46 43.39
C ARG A 45 -14.67 -7.28 42.60
N THR A 46 -14.55 -7.34 41.28
CA THR A 46 -15.70 -7.18 40.39
C THR A 46 -15.96 -8.48 39.65
N VAL A 47 -17.24 -8.83 39.52
CA VAL A 47 -17.67 -9.99 38.76
C VAL A 47 -18.73 -9.56 37.76
N GLU A 48 -18.65 -10.10 36.54
CA GLU A 48 -19.61 -9.80 35.49
C GLU A 48 -20.06 -11.06 34.77
N GLY A 49 -21.29 -11.05 34.26
CA GLY A 49 -21.87 -12.22 33.63
C GLY A 49 -22.16 -12.07 32.14
N VAL A 50 -21.87 -13.12 31.39
CA VAL A 50 -22.08 -13.14 29.95
C VAL A 50 -23.30 -13.98 29.61
N LEU A 51 -24.40 -13.31 29.26
CA LEU A 51 -25.63 -13.99 28.86
C LEU A 51 -25.64 -14.14 27.35
N ILE A 52 -25.72 -15.37 26.88
CA ILE A 52 -25.66 -15.63 25.44
C ILE A 52 -26.99 -16.14 24.88
N VAL A 53 -27.45 -15.49 23.81
CA VAL A 53 -28.57 -15.97 23.02
C VAL A 53 -28.09 -16.23 21.59
N HIS A 54 -28.99 -16.59 20.69
CA HIS A 54 -28.64 -16.73 19.28
C HIS A 54 -29.72 -16.18 18.38
N GLU A 55 -29.28 -15.69 17.23
CA GLU A 55 -30.18 -15.23 16.18
C GLU A 55 -29.46 -15.46 14.86
N HIS A 56 -30.17 -16.03 13.89
CA HIS A 56 -29.60 -16.34 12.58
C HIS A 56 -28.38 -17.29 12.69
N ARG A 57 -28.51 -18.29 13.55
CA ARG A 57 -27.47 -19.31 13.80
C ARG A 57 -26.11 -18.73 14.22
N LEU A 58 -26.15 -17.66 15.00
CA LEU A 58 -24.94 -17.03 15.53
C LEU A 58 -25.18 -16.56 16.96
N PRO A 59 -24.23 -16.83 17.87
CA PRO A 59 -24.37 -16.38 19.25
C PRO A 59 -24.34 -14.86 19.38
N HIS A 60 -25.23 -14.34 20.22
CA HIS A 60 -25.33 -12.92 20.52
C HIS A 60 -25.09 -12.71 22.01
N VAL A 61 -24.48 -11.58 22.36
CA VAL A 61 -24.13 -11.28 23.75
C VAL A 61 -24.96 -10.08 24.22
N LEU A 62 -25.71 -10.29 25.30
CA LEU A 62 -26.56 -9.22 25.82
C LEU A 62 -25.75 -8.16 26.56
N LEU A 63 -25.79 -6.93 26.06
CA LEU A 63 -25.07 -5.83 26.69
C LEU A 63 -26.02 -4.71 27.07
N LEU A 64 -25.63 -3.91 28.06
CA LEU A 64 -26.40 -2.76 28.50
C LEU A 64 -25.74 -1.47 28.03
N GLN A 65 -26.55 -0.51 27.59
CA GLN A 65 -26.05 0.77 27.07
C GLN A 65 -26.48 1.93 27.96
N LEU A 66 -25.58 2.89 28.18
CA LEU A 66 -25.89 4.14 28.89
C LEU A 66 -25.95 5.38 28.00
N GLY A 67 -24.92 5.59 27.18
CA GLY A 67 -24.91 6.69 26.22
C GLY A 67 -25.35 6.19 24.85
N THR A 68 -24.62 6.59 23.82
CA THR A 68 -24.71 5.96 22.50
C THR A 68 -23.32 5.36 22.22
N THR A 69 -22.51 5.35 23.26
CA THR A 69 -21.09 5.08 23.15
C THR A 69 -20.62 4.05 24.17
N PHE A 70 -21.26 4.02 25.33
CA PHE A 70 -20.82 3.15 26.41
C PHE A 70 -21.69 1.90 26.61
N PHE A 71 -21.05 0.73 26.54
CA PHE A 71 -21.68 -0.56 26.79
C PHE A 71 -21.02 -1.27 27.96
N LYS A 72 -21.79 -2.03 28.72
CA LYS A 72 -21.21 -2.89 29.75
C LYS A 72 -22.00 -4.19 29.95
N LEU A 73 -21.38 -5.13 30.67
CA LEU A 73 -22.02 -6.39 31.03
C LEU A 73 -22.75 -6.21 32.36
N PRO A 74 -23.82 -6.99 32.60
CA PRO A 74 -24.43 -6.96 33.93
C PRO A 74 -23.46 -7.52 34.98
N GLY A 75 -23.28 -6.79 36.07
CA GLY A 75 -22.36 -7.18 37.14
C GLY A 75 -22.06 -6.04 38.09
N GLY A 76 -20.86 -6.03 38.66
CA GLY A 76 -20.43 -4.97 39.57
C GLY A 76 -19.57 -5.42 40.75
N GLU A 77 -19.50 -4.57 41.77
CA GLU A 77 -18.63 -4.78 42.94
C GLU A 77 -19.16 -5.81 43.92
N LEU A 78 -18.25 -6.65 44.39
CA LEU A 78 -18.55 -7.57 45.49
C LEU A 78 -18.32 -6.85 46.81
N ASN A 79 -19.22 -7.08 47.77
CA ASN A 79 -19.01 -6.64 49.14
C ASN A 79 -17.91 -7.49 49.76
N PRO A 80 -17.00 -6.87 50.54
CA PRO A 80 -15.87 -7.59 51.12
C PRO A 80 -16.27 -8.88 51.82
N GLY A 81 -15.57 -9.97 51.52
CA GLY A 81 -15.85 -11.28 52.12
C GLY A 81 -16.85 -12.12 51.33
N GLU A 82 -17.58 -11.48 50.42
CA GLU A 82 -18.62 -12.15 49.62
C GLU A 82 -18.05 -13.11 48.59
N ASP A 83 -18.62 -14.30 48.52
CA ASP A 83 -18.27 -15.31 47.51
C ASP A 83 -18.50 -14.79 46.08
N GLU A 84 -17.64 -15.21 45.16
CA GLU A 84 -17.68 -14.74 43.77
C GLU A 84 -19.01 -15.03 43.08
N VAL A 85 -19.42 -16.30 43.09
CA VAL A 85 -20.61 -16.77 42.37
C VAL A 85 -21.89 -16.28 43.05
N GLU A 86 -21.90 -16.33 44.39
CA GLU A 86 -23.04 -15.88 45.17
C GLU A 86 -23.33 -14.41 44.94
N GLY A 87 -22.27 -13.61 44.81
CA GLY A 87 -22.39 -12.18 44.61
C GLY A 87 -22.83 -11.78 43.22
N LEU A 88 -22.52 -12.62 42.23
CA LEU A 88 -22.92 -12.36 40.86
C LEU A 88 -24.42 -12.51 40.70
N LYS A 89 -24.99 -13.52 41.33
CA LYS A 89 -26.45 -13.74 41.34
C LYS A 89 -27.20 -12.56 41.98
N ARG A 90 -26.58 -11.97 43.01
CA ARG A 90 -27.12 -10.78 43.64
C ARG A 90 -27.16 -9.61 42.65
N LEU A 91 -26.01 -9.32 42.05
CA LEU A 91 -25.88 -8.23 41.09
C LEU A 91 -26.72 -8.43 39.83
N MET A 92 -26.77 -9.67 39.33
CA MET A 92 -27.60 -10.05 38.19
C MET A 92 -29.07 -9.68 38.40
N THR A 93 -29.61 -10.09 39.55
CA THR A 93 -31.00 -9.83 39.90
C THR A 93 -31.24 -8.35 40.17
N GLU A 94 -30.21 -7.67 40.67
CA GLU A 94 -30.28 -6.23 40.91
C GLU A 94 -30.44 -5.47 39.59
N ILE A 95 -29.72 -5.90 38.56
CA ILE A 95 -29.73 -5.25 37.25
C ILE A 95 -30.87 -5.75 36.33
N LEU A 96 -31.02 -7.06 36.22
CA LEU A 96 -31.96 -7.65 35.24
C LEU A 96 -33.12 -8.42 35.85
N GLY A 97 -33.22 -8.42 37.18
CA GLY A 97 -34.25 -9.16 37.88
C GLY A 97 -35.65 -8.67 37.59
N ARG A 98 -36.57 -9.61 37.39
CA ARG A 98 -37.97 -9.30 37.13
C ARG A 98 -38.69 -8.83 38.39
N GLN A 99 -39.67 -7.95 38.20
CA GLN A 99 -40.50 -7.44 39.30
C GLN A 99 -41.76 -8.29 39.46
N ASP A 100 -41.84 -9.34 38.65
CA ASP A 100 -43.01 -10.21 38.55
C ASP A 100 -43.39 -10.85 39.89
N GLY A 101 -42.39 -11.25 40.65
CA GLY A 101 -42.58 -12.06 41.85
C GLY A 101 -42.15 -13.50 41.60
N VAL A 102 -42.26 -13.91 40.33
CA VAL A 102 -41.87 -15.26 39.89
C VAL A 102 -40.36 -15.49 40.05
N LEU A 103 -40.01 -16.69 40.51
CA LEU A 103 -38.62 -17.06 40.78
C LEU A 103 -37.78 -17.13 39.51
N GLN A 104 -36.67 -16.40 39.49
CA GLN A 104 -35.74 -16.42 38.37
C GLN A 104 -34.34 -16.77 38.86
N ASP A 105 -34.05 -18.07 38.92
CA ASP A 105 -32.77 -18.57 39.43
C ASP A 105 -31.68 -18.53 38.34
N TRP A 106 -30.57 -17.86 38.66
CA TRP A 106 -29.46 -17.74 37.73
C TRP A 106 -28.55 -18.96 37.78
N VAL A 107 -28.18 -19.48 36.61
CA VAL A 107 -27.24 -20.59 36.53
C VAL A 107 -25.88 -20.08 36.04
N ILE A 108 -25.02 -19.76 37.00
CA ILE A 108 -23.64 -19.35 36.71
C ILE A 108 -22.74 -20.54 37.00
N ASP A 109 -21.95 -20.95 36.02
CA ASP A 109 -21.13 -22.15 36.23
C ASP A 109 -19.66 -22.04 35.79
N ASP A 110 -19.39 -21.39 34.66
CA ASP A 110 -18.04 -21.42 34.09
C ASP A 110 -17.37 -20.06 34.06
N CYS A 111 -16.18 -20.00 34.63
CA CYS A 111 -15.33 -18.81 34.57
C CYS A 111 -14.78 -18.74 33.15
N ILE A 112 -14.84 -17.57 32.54
CA ILE A 112 -14.33 -17.44 31.17
C ILE A 112 -13.11 -16.54 31.05
N GLY A 113 -12.87 -15.71 32.06
CA GLY A 113 -11.68 -14.85 32.10
C GLY A 113 -11.41 -14.16 33.42
N ASN A 114 -10.23 -13.55 33.51
CA ASN A 114 -9.85 -12.72 34.67
C ASN A 114 -9.12 -11.47 34.20
N TRP A 115 -9.53 -10.31 34.70
CA TRP A 115 -8.92 -9.03 34.30
C TRP A 115 -8.43 -8.20 35.48
N TRP A 116 -7.17 -7.77 35.41
CA TRP A 116 -6.53 -7.03 36.50
C TRP A 116 -6.20 -5.59 36.11
N ARG A 117 -6.27 -4.69 37.10
CA ARG A 117 -6.03 -3.26 36.90
C ARG A 117 -4.87 -2.77 37.79
N PRO A 118 -3.68 -2.55 37.20
CA PRO A 118 -2.49 -2.21 37.99
C PRO A 118 -2.59 -0.88 38.75
N ASN A 119 -3.06 0.17 38.08
CA ASN A 119 -3.14 1.51 38.66
C ASN A 119 -4.58 2.00 38.73
N PHE A 120 -4.77 3.17 39.34
CA PHE A 120 -6.09 3.82 39.38
C PHE A 120 -6.38 4.52 38.05
N GLU A 121 -6.28 3.76 36.98
CA GLU A 121 -6.42 4.28 35.63
C GLU A 121 -7.26 3.31 34.79
N PRO A 122 -7.75 3.76 33.62
CA PRO A 122 -8.54 2.88 32.72
C PRO A 122 -7.91 1.51 32.35
N PRO A 123 -6.61 1.46 31.99
CA PRO A 123 -6.06 0.20 31.45
C PRO A 123 -6.28 -1.06 32.30
N GLN A 124 -6.84 -2.09 31.67
CA GLN A 124 -7.01 -3.41 32.28
C GLN A 124 -6.36 -4.46 31.39
N TYR A 125 -5.78 -5.50 32.01
CA TYR A 125 -5.10 -6.57 31.28
C TYR A 125 -5.53 -7.96 31.78
N PRO A 126 -5.44 -8.99 30.91
CA PRO A 126 -5.84 -10.35 31.27
C PRO A 126 -4.74 -11.15 31.97
N TYR A 127 -3.83 -10.46 32.65
CA TYR A 127 -2.75 -11.06 33.44
C TYR A 127 -2.25 -10.00 34.41
N ILE A 128 -1.55 -10.43 35.46
CA ILE A 128 -0.89 -9.47 36.34
C ILE A 128 0.53 -9.24 35.80
N PRO A 129 0.84 -7.98 35.45
CA PRO A 129 2.19 -7.66 34.98
C PRO A 129 3.24 -8.00 36.03
N ALA A 130 4.38 -8.50 35.57
CA ALA A 130 5.48 -8.97 36.44
C ALA A 130 5.88 -8.07 37.60
N HIS A 131 5.78 -6.76 37.43
CA HIS A 131 6.22 -5.80 38.44
C HIS A 131 5.10 -5.33 39.39
N ILE A 132 3.93 -5.97 39.30
CA ILE A 132 2.79 -5.63 40.16
C ILE A 132 2.56 -6.75 41.18
N THR A 133 2.41 -6.37 42.45
CA THR A 133 2.14 -7.35 43.51
C THR A 133 0.78 -7.14 44.18
N LYS A 134 0.27 -5.90 44.12
CA LYS A 134 -1.07 -5.59 44.57
C LYS A 134 -1.79 -4.80 43.49
N PRO A 135 -2.58 -5.47 42.65
CA PRO A 135 -3.42 -4.73 41.69
C PRO A 135 -4.59 -4.06 42.41
N LYS A 136 -5.15 -3.03 41.78
CA LYS A 136 -6.21 -2.22 42.38
C LYS A 136 -7.61 -2.82 42.19
N GLU A 137 -7.82 -3.50 41.06
CA GLU A 137 -9.09 -4.17 40.78
C GLU A 137 -8.89 -5.50 40.07
N HIS A 138 -9.63 -6.52 40.50
CA HIS A 138 -9.66 -7.83 39.83
C HIS A 138 -11.08 -8.15 39.36
N LYS A 139 -11.25 -8.12 38.04
CA LYS A 139 -12.54 -8.39 37.40
C LYS A 139 -12.59 -9.84 36.90
N LYS A 140 -13.61 -10.56 37.32
CA LYS A 140 -13.80 -11.95 36.94
C LYS A 140 -15.03 -12.10 36.06
N LEU A 141 -14.89 -12.83 34.95
CA LEU A 141 -15.99 -13.02 34.00
C LEU A 141 -16.54 -14.44 34.02
N PHE A 142 -17.87 -14.55 34.15
CA PHE A 142 -18.55 -15.84 34.20
C PHE A 142 -19.56 -15.99 33.09
N LEU A 143 -19.72 -17.21 32.59
CA LEU A 143 -20.78 -17.49 31.63
C LEU A 143 -22.06 -17.84 32.38
N VAL A 144 -23.16 -17.27 31.91
CA VAL A 144 -24.46 -17.48 32.53
C VAL A 144 -25.37 -18.21 31.54
N GLN A 145 -25.77 -19.42 31.92
CA GLN A 145 -26.68 -20.24 31.12
C GLN A 145 -28.12 -19.81 31.38
N LEU A 146 -28.83 -19.46 30.31
CA LEU A 146 -30.21 -19.02 30.40
C LEU A 146 -31.22 -20.16 30.28
N GLN A 147 -32.41 -19.94 30.83
CA GLN A 147 -33.55 -20.85 30.65
C GLN A 147 -34.05 -20.70 29.21
N GLU A 148 -34.90 -21.64 28.77
CA GLU A 148 -35.45 -21.58 27.41
C GLU A 148 -36.26 -20.30 27.20
N LYS A 149 -36.98 -19.88 28.23
CA LYS A 149 -37.72 -18.62 28.20
C LYS A 149 -37.48 -17.83 29.49
N ALA A 150 -37.46 -16.51 29.37
CA ALA A 150 -37.25 -15.65 30.53
C ALA A 150 -37.80 -14.24 30.32
N LEU A 151 -38.08 -13.59 31.44
CA LEU A 151 -38.48 -12.18 31.46
C LEU A 151 -37.46 -11.40 32.29
N PHE A 152 -36.92 -10.34 31.69
CA PHE A 152 -35.98 -9.50 32.41
C PHE A 152 -36.59 -8.12 32.59
N ALA A 153 -36.07 -7.37 33.56
CA ALA A 153 -36.47 -6.00 33.77
C ALA A 153 -35.24 -5.12 33.71
N VAL A 154 -35.23 -4.21 32.74
CA VAL A 154 -34.12 -3.29 32.54
C VAL A 154 -34.42 -1.96 33.23
N PRO A 155 -33.47 -1.45 34.04
CA PRO A 155 -33.59 -0.09 34.57
C PRO A 155 -33.68 0.91 33.42
N LYS A 156 -34.43 1.99 33.62
CA LYS A 156 -34.75 2.92 32.55
C LYS A 156 -33.54 3.69 32.02
N ASN A 157 -32.58 3.97 32.89
CA ASN A 157 -31.31 4.58 32.47
C ASN A 157 -30.45 3.65 31.59
N TYR A 158 -30.85 2.38 31.50
CA TYR A 158 -30.16 1.40 30.67
C TYR A 158 -31.02 0.95 29.50
N LYS A 159 -30.37 0.45 28.45
CA LYS A 159 -31.05 -0.22 27.36
C LYS A 159 -30.31 -1.51 26.98
N LEU A 160 -31.05 -2.53 26.60
CA LEU A 160 -30.44 -3.83 26.35
C LEU A 160 -30.23 -4.16 24.86
N VAL A 161 -28.98 -4.36 24.46
CA VAL A 161 -28.66 -4.78 23.11
C VAL A 161 -28.25 -6.24 23.05
N ALA A 162 -28.63 -6.92 21.98
CA ALA A 162 -28.15 -8.26 21.70
C ALA A 162 -27.09 -8.19 20.59
N ALA A 163 -25.83 -8.02 20.99
CA ALA A 163 -24.74 -7.84 20.03
C ALA A 163 -24.17 -9.15 19.53
N PRO A 164 -24.17 -9.36 18.21
CA PRO A 164 -23.54 -10.54 17.63
C PRO A 164 -22.02 -10.49 17.76
N LEU A 165 -21.39 -11.67 17.79
CA LEU A 165 -19.95 -11.78 18.05
C LEU A 165 -19.05 -11.06 17.05
N PHE A 166 -19.46 -11.02 15.78
CA PHE A 166 -18.65 -10.32 14.76
C PHE A 166 -18.59 -8.81 14.96
N GLU A 167 -19.66 -8.21 15.47
CA GLU A 167 -19.66 -6.79 15.78
C GLU A 167 -18.72 -6.52 16.96
N LEU A 168 -18.50 -7.55 17.77
CA LEU A 168 -17.61 -7.43 18.93
C LEU A 168 -16.16 -7.74 18.57
N TYR A 169 -15.97 -8.78 17.76
CA TYR A 169 -14.63 -9.28 17.46
C TYR A 169 -13.76 -8.19 16.85
N ASP A 170 -12.61 -7.97 17.47
CA ASP A 170 -11.60 -7.02 16.99
C ASP A 170 -12.05 -5.56 17.07
N ASN A 171 -13.13 -5.29 17.80
CA ASN A 171 -13.72 -3.95 17.91
C ASN A 171 -13.58 -3.32 19.30
N ALA A 172 -12.34 -3.05 19.70
CA ALA A 172 -12.08 -2.39 20.99
C ALA A 172 -12.49 -0.91 21.04
N PRO A 173 -12.35 -0.17 19.91
CA PRO A 173 -12.83 1.23 19.94
C PRO A 173 -14.34 1.35 20.11
N GLY A 174 -15.07 0.27 19.83
CA GLY A 174 -16.53 0.25 19.92
C GLY A 174 -17.08 -0.32 21.21
N TYR A 175 -16.29 -1.15 21.90
CA TYR A 175 -16.79 -1.89 23.07
C TYR A 175 -15.81 -2.00 24.26
N GLY A 176 -14.59 -1.49 24.08
CA GLY A 176 -13.54 -1.68 25.08
C GLY A 176 -12.80 -2.99 24.86
N PRO A 177 -11.70 -3.21 25.60
CA PRO A 177 -10.89 -4.41 25.36
C PRO A 177 -11.46 -5.69 25.99
N ILE A 178 -12.39 -5.55 26.92
CA ILE A 178 -12.94 -6.74 27.59
C ILE A 178 -14.09 -7.35 26.78
N ILE A 179 -15.12 -6.54 26.52
CA ILE A 179 -16.24 -6.98 25.68
C ILE A 179 -15.79 -7.40 24.27
N SER A 180 -14.86 -6.66 23.67
CA SER A 180 -14.39 -6.96 22.32
C SER A 180 -13.59 -8.27 22.23
N SER A 181 -13.06 -8.73 23.36
CA SER A 181 -12.24 -9.94 23.38
C SER A 181 -13.03 -11.19 23.77
N LEU A 182 -14.34 -11.05 23.89
CA LEU A 182 -15.23 -12.15 24.27
C LEU A 182 -15.32 -13.30 23.26
N PRO A 183 -15.34 -13.00 21.94
CA PRO A 183 -15.51 -14.13 21.02
C PRO A 183 -14.48 -15.25 21.24
N GLN A 184 -13.19 -14.89 21.36
CA GLN A 184 -12.10 -15.85 21.50
C GLN A 184 -12.33 -16.78 22.69
N LEU A 185 -12.51 -16.18 23.87
CA LEU A 185 -12.76 -16.92 25.10
C LEU A 185 -14.00 -17.81 24.99
N LEU A 186 -15.01 -17.33 24.26
CA LEU A 186 -16.29 -18.01 24.14
C LEU A 186 -16.27 -19.19 23.17
N SER A 187 -15.22 -19.27 22.36
CA SER A 187 -15.18 -20.24 21.26
C SER A 187 -15.00 -21.69 21.72
N ARG A 188 -14.59 -21.89 22.97
CA ARG A 188 -14.35 -23.24 23.49
C ARG A 188 -15.62 -24.01 23.82
N PHE A 189 -16.77 -23.35 23.70
CA PHE A 189 -18.06 -23.97 24.01
C PHE A 189 -18.73 -24.55 22.79
N ASN A 190 -19.28 -25.75 22.94
CA ASN A 190 -20.13 -26.34 21.92
C ASN A 190 -21.55 -25.83 22.11
N PHE A 191 -21.93 -24.86 21.28
CA PHE A 191 -23.24 -24.25 21.38
C PHE A 191 -24.29 -25.02 20.59
N ILE A 192 -25.39 -25.35 21.28
CA ILE A 192 -26.56 -25.90 20.61
C ILE A 192 -27.50 -24.74 20.30
N TYR A 193 -27.90 -24.63 19.05
CA TYR A 193 -28.87 -23.62 18.64
C TYR A 193 -30.26 -24.24 18.55
N ASN A 194 -30.97 -24.23 19.67
CA ASN A 194 -32.33 -24.76 19.75
C ASN A 194 -33.28 -23.82 19.01
N LEU A 195 -34.04 -24.36 18.07
CA LEU A 195 -34.97 -23.56 17.25
C LEU A 195 -36.40 -23.60 17.80
N GLU B 1 -12.92 -24.29 39.35
CA GLU B 1 -11.72 -23.47 39.04
C GLU B 1 -10.51 -24.36 38.71
N ARG B 2 -9.97 -24.20 37.50
CA ARG B 2 -8.85 -25.03 37.03
C ARG B 2 -7.49 -24.52 37.48
N THR B 3 -6.80 -25.35 38.27
CA THR B 3 -5.52 -24.99 38.87
C THR B 3 -4.35 -25.66 38.15
N ILE B 4 -3.57 -24.86 37.44
CA ILE B 4 -2.45 -25.37 36.64
C ILE B 4 -1.13 -24.98 37.28
N ASN B 5 -0.23 -25.95 37.43
CA ASN B 5 1.14 -25.70 37.88
C ASN B 5 2.04 -25.30 36.72
N LEU B 6 2.71 -24.15 36.87
CA LEU B 6 3.72 -23.71 35.92
C LEU B 6 5.10 -23.82 36.55
N TYR B 7 6.10 -24.18 35.74
CA TYR B 7 7.47 -24.33 36.23
C TYR B 7 8.40 -23.44 35.41
N PRO B 8 9.56 -23.05 36.00
CA PRO B 8 10.44 -22.16 35.23
C PRO B 8 11.04 -22.84 34.01
N LEU B 9 11.32 -22.05 32.98
CA LEU B 9 11.89 -22.55 31.72
C LEU B 9 13.09 -23.49 31.91
N THR B 10 13.91 -23.25 32.93
CA THR B 10 15.13 -24.04 33.17
C THR B 10 14.87 -25.45 33.68
N ASN B 11 13.65 -25.70 34.15
CA ASN B 11 13.23 -27.03 34.57
C ASN B 11 13.21 -28.02 33.41
N TYR B 12 13.24 -27.46 32.20
CA TYR B 12 13.14 -28.25 30.98
C TYR B 12 14.42 -28.16 30.18
N THR B 13 14.89 -29.32 29.74
CA THR B 13 16.08 -29.41 28.88
C THR B 13 15.67 -29.58 27.42
N PHE B 14 16.28 -28.80 26.53
CA PHE B 14 15.93 -28.81 25.12
C PHE B 14 17.02 -29.36 24.22
N GLY B 15 16.85 -30.62 23.83
CA GLY B 15 17.77 -31.29 22.91
C GLY B 15 17.43 -30.99 21.47
N THR B 16 17.97 -31.79 20.56
CA THR B 16 17.82 -31.57 19.13
C THR B 16 17.53 -32.90 18.42
N LYS B 17 16.83 -32.83 17.30
CA LYS B 17 16.67 -33.98 16.41
C LYS B 17 16.61 -33.56 14.94
N GLU B 18 16.53 -34.56 14.06
CA GLU B 18 16.60 -34.32 12.61
C GLU B 18 15.46 -33.42 12.11
N PRO B 19 15.76 -32.53 11.14
CA PRO B 19 14.82 -31.56 10.60
C PRO B 19 13.51 -32.16 10.10
N LEU B 20 12.44 -31.42 10.29
CA LEU B 20 11.11 -31.79 9.80
C LEU B 20 10.65 -30.70 8.85
N TYR B 21 10.18 -31.10 7.68
CA TYR B 21 9.73 -30.12 6.67
C TYR B 21 8.24 -30.19 6.40
N GLU B 22 7.65 -29.01 6.18
CA GLU B 22 6.22 -28.90 5.91
C GLU B 22 5.87 -29.48 4.54
N LYS B 23 4.66 -30.04 4.43
CA LYS B 23 4.16 -30.62 3.19
C LYS B 23 4.07 -29.60 2.04
N ASP B 24 4.08 -28.32 2.40
CA ASP B 24 3.92 -27.23 1.45
C ASP B 24 5.17 -26.35 1.44
N SER B 25 5.58 -25.93 0.24
CA SER B 25 6.79 -25.12 0.04
C SER B 25 6.50 -23.62 -0.03
N SER B 26 5.26 -23.27 -0.39
CA SER B 26 4.83 -21.87 -0.51
C SER B 26 3.42 -21.66 0.03
N VAL B 27 3.01 -20.40 0.16
CA VAL B 27 1.67 -20.05 0.63
C VAL B 27 0.63 -20.42 -0.43
N ALA B 28 0.97 -20.23 -1.70
CA ALA B 28 0.07 -20.55 -2.81
C ALA B 28 -0.15 -22.05 -2.98
N ALA B 29 0.89 -22.85 -2.70
CA ALA B 29 0.79 -24.30 -2.76
C ALA B 29 0.02 -24.86 -1.55
N ARG B 30 0.09 -24.13 -0.43
CA ARG B 30 -0.62 -24.50 0.79
C ARG B 30 -2.13 -24.46 0.58
N PHE B 31 -2.61 -23.42 -0.07
CA PHE B 31 -4.02 -23.29 -0.41
C PHE B 31 -4.41 -24.19 -1.56
N GLN B 32 -3.43 -24.56 -2.39
CA GLN B 32 -3.66 -25.48 -3.51
C GLN B 32 -3.99 -26.88 -3.01
N ARG B 33 -3.19 -27.40 -2.08
CA ARG B 33 -3.41 -28.72 -1.50
C ARG B 33 -4.69 -28.75 -0.68
N MET B 34 -5.04 -27.61 -0.09
CA MET B 34 -6.26 -27.47 0.68
C MET B 34 -7.47 -27.62 -0.22
N ARG B 35 -7.44 -26.96 -1.38
CA ARG B 35 -8.50 -27.06 -2.39
C ARG B 35 -8.69 -28.49 -2.89
N GLU B 36 -7.58 -29.17 -3.17
CA GLU B 36 -7.59 -30.56 -3.64
C GLU B 36 -8.17 -31.51 -2.60
N GLU B 37 -7.69 -31.38 -1.35
CA GLU B 37 -8.13 -32.24 -0.25
C GLU B 37 -9.58 -32.00 0.18
N PHE B 38 -10.08 -30.79 -0.04
CA PHE B 38 -11.47 -30.46 0.28
C PHE B 38 -12.45 -31.24 -0.59
N ASP B 39 -12.04 -31.54 -1.82
CA ASP B 39 -12.85 -32.32 -2.74
C ASP B 39 -12.68 -33.82 -2.49
N LYS B 40 -11.62 -34.19 -1.77
CA LYS B 40 -11.40 -35.59 -1.39
C LYS B 40 -12.01 -35.91 -0.02
N ILE B 41 -11.42 -35.36 1.04
CA ILE B 41 -11.78 -35.71 2.41
C ILE B 41 -12.71 -34.68 3.08
N GLY B 42 -12.96 -33.56 2.40
CA GLY B 42 -13.79 -32.48 2.93
C GLY B 42 -13.01 -31.47 3.76
N MET B 43 -13.66 -30.96 4.81
CA MET B 43 -13.07 -29.97 5.71
C MET B 43 -11.83 -30.50 6.42
N ARG B 44 -10.78 -29.68 6.47
CA ARG B 44 -9.56 -30.03 7.18
C ARG B 44 -9.74 -29.84 8.67
N ARG B 45 -9.18 -30.77 9.44
CA ARG B 45 -9.24 -30.70 10.89
C ARG B 45 -7.83 -30.59 11.46
N THR B 46 -7.56 -29.45 12.09
CA THR B 46 -6.24 -29.14 12.64
C THR B 46 -6.32 -29.09 14.16
N VAL B 47 -5.23 -29.47 14.82
CA VAL B 47 -5.09 -29.34 16.28
C VAL B 47 -3.73 -28.72 16.63
N GLU B 48 -3.67 -27.97 17.73
CA GLU B 48 -2.42 -27.38 18.18
C GLU B 48 -2.37 -27.37 19.70
N GLY B 49 -1.16 -27.45 20.24
CA GLY B 49 -0.98 -27.49 21.69
C GLY B 49 -0.37 -26.22 22.22
N VAL B 50 -0.88 -25.78 23.37
CA VAL B 50 -0.37 -24.62 24.05
C VAL B 50 0.43 -25.08 25.27
N LEU B 51 1.75 -25.18 25.09
CA LEU B 51 2.67 -25.49 26.17
C LEU B 51 3.00 -24.21 26.94
N ILE B 52 2.75 -24.23 28.24
CA ILE B 52 2.96 -23.04 29.07
C ILE B 52 4.00 -23.27 30.17
N VAL B 53 4.95 -22.34 30.25
CA VAL B 53 5.95 -22.30 31.31
C VAL B 53 5.81 -20.95 32.01
N HIS B 54 6.79 -20.57 32.82
CA HIS B 54 6.83 -19.21 33.38
C HIS B 54 8.25 -18.74 33.67
N GLU B 55 8.45 -17.43 33.58
CA GLU B 55 9.64 -16.78 34.09
C GLU B 55 9.19 -15.58 34.91
N HIS B 56 9.82 -15.39 36.06
CA HIS B 56 9.52 -14.27 36.96
C HIS B 56 8.02 -14.11 37.24
N ARG B 57 7.36 -15.23 37.52
CA ARG B 57 5.95 -15.27 37.89
C ARG B 57 5.01 -14.71 36.80
N LEU B 58 5.39 -14.89 35.54
CA LEU B 58 4.57 -14.50 34.41
C LEU B 58 4.50 -15.62 33.36
N PRO B 59 3.30 -16.00 32.93
CA PRO B 59 3.10 -17.09 31.97
C PRO B 59 3.81 -16.86 30.65
N HIS B 60 4.48 -17.90 30.14
CA HIS B 60 5.17 -17.86 28.85
C HIS B 60 4.67 -19.00 27.96
N VAL B 61 4.43 -18.69 26.69
CA VAL B 61 3.94 -19.68 25.73
C VAL B 61 5.08 -20.12 24.83
N LEU B 62 5.33 -21.42 24.78
CA LEU B 62 6.39 -21.98 23.94
C LEU B 62 5.99 -22.01 22.46
N LEU B 63 6.69 -21.25 21.64
CA LEU B 63 6.44 -21.23 20.20
C LEU B 63 7.62 -21.78 19.40
N LEU B 64 7.29 -22.35 18.24
CA LEU B 64 8.29 -22.81 17.28
C LEU B 64 8.53 -21.69 16.29
N GLN B 65 9.79 -21.26 16.19
CA GLN B 65 10.17 -20.18 15.29
C GLN B 65 10.75 -20.72 13.98
N LEU B 66 10.35 -20.11 12.87
CA LEU B 66 10.89 -20.43 11.55
C LEU B 66 11.41 -19.17 10.85
N GLY B 67 12.66 -18.83 11.15
CA GLY B 67 13.30 -17.65 10.56
C GLY B 67 13.40 -16.51 11.56
N THR B 68 12.77 -15.40 11.23
CA THR B 68 12.85 -14.19 12.04
C THR B 68 11.49 -13.69 12.46
N THR B 69 10.48 -14.01 11.64
CA THR B 69 9.15 -13.42 11.78
C THR B 69 8.01 -14.42 11.93
N PHE B 70 8.23 -15.67 11.51
CA PHE B 70 7.15 -16.67 11.57
C PHE B 70 7.21 -17.58 12.81
N PHE B 71 6.11 -17.56 13.57
CA PHE B 71 5.93 -18.37 14.77
C PHE B 71 4.73 -19.29 14.62
N LYS B 72 4.80 -20.46 15.25
CA LYS B 72 3.64 -21.35 15.30
C LYS B 72 3.62 -22.19 16.59
N LEU B 73 2.43 -22.67 16.93
CA LEU B 73 2.27 -23.62 18.01
C LEU B 73 2.54 -25.02 17.48
N PRO B 74 2.98 -25.96 18.34
CA PRO B 74 3.19 -27.33 17.88
C PRO B 74 1.86 -28.05 17.63
N GLY B 75 1.75 -28.68 16.46
CA GLY B 75 0.54 -29.41 16.07
C GLY B 75 0.51 -29.76 14.59
N GLY B 76 -0.69 -29.86 14.03
CA GLY B 76 -0.83 -30.16 12.60
C GLY B 76 -2.17 -30.77 12.23
N GLU B 77 -2.32 -31.12 10.96
CA GLU B 77 -3.59 -31.69 10.48
C GLU B 77 -3.78 -33.16 10.87
N LEU B 78 -5.00 -33.48 11.26
CA LEU B 78 -5.36 -34.83 11.67
C LEU B 78 -5.63 -35.71 10.47
N ASN B 79 -5.24 -36.98 10.60
CA ASN B 79 -5.61 -38.00 9.63
C ASN B 79 -7.11 -38.29 9.76
N PRO B 80 -7.79 -38.62 8.65
CA PRO B 80 -9.25 -38.84 8.70
C PRO B 80 -9.67 -39.88 9.75
N GLY B 81 -10.68 -39.53 10.54
CA GLY B 81 -11.20 -40.44 11.59
C GLY B 81 -10.52 -40.30 12.95
N GLU B 82 -9.25 -39.91 12.95
CA GLU B 82 -8.41 -39.81 14.15
C GLU B 82 -9.04 -38.93 15.25
N ASP B 83 -8.99 -39.42 16.48
CA ASP B 83 -9.45 -38.67 17.66
C ASP B 83 -8.54 -37.46 17.92
N GLU B 84 -9.15 -36.33 18.22
CA GLU B 84 -8.45 -35.05 18.35
C GLU B 84 -7.32 -35.08 19.38
N VAL B 85 -7.56 -35.70 20.53
CA VAL B 85 -6.58 -35.74 21.62
C VAL B 85 -5.43 -36.69 21.30
N GLU B 86 -5.76 -37.88 20.80
CA GLU B 86 -4.76 -38.89 20.42
C GLU B 86 -3.90 -38.41 19.25
N GLY B 87 -4.53 -37.73 18.30
CA GLY B 87 -3.85 -37.16 17.15
C GLY B 87 -2.86 -36.09 17.55
N LEU B 88 -3.26 -35.27 18.52
CA LEU B 88 -2.37 -34.23 19.07
C LEU B 88 -1.16 -34.85 19.72
N LYS B 89 -1.37 -35.86 20.57
CA LYS B 89 -0.27 -36.56 21.22
C LYS B 89 0.72 -37.13 20.21
N ARG B 90 0.19 -37.73 19.14
CA ARG B 90 1.00 -38.22 18.04
C ARG B 90 1.80 -37.07 17.43
N LEU B 91 1.09 -35.99 17.07
CA LEU B 91 1.70 -34.81 16.44
C LEU B 91 2.74 -34.13 17.33
N MET B 92 2.48 -34.14 18.64
CA MET B 92 3.43 -33.63 19.62
C MET B 92 4.74 -34.42 19.61
N THR B 93 4.64 -35.73 19.73
CA THR B 93 5.83 -36.62 19.76
C THR B 93 6.68 -36.43 18.51
N GLU B 94 6.03 -36.31 17.36
CA GLU B 94 6.70 -36.06 16.08
C GLU B 94 7.52 -34.77 16.10
N ILE B 95 7.02 -33.75 16.78
CA ILE B 95 7.66 -32.43 16.79
C ILE B 95 8.58 -32.22 17.99
N LEU B 96 8.11 -32.58 19.18
CA LEU B 96 8.85 -32.26 20.41
C LEU B 96 9.23 -33.46 21.28
N GLY B 97 8.87 -34.66 20.85
CA GLY B 97 9.12 -35.87 21.62
C GLY B 97 10.60 -36.23 21.75
N ARG B 98 11.01 -36.61 22.95
CA ARG B 98 12.39 -37.01 23.24
C ARG B 98 12.82 -38.23 22.44
N GLN B 99 14.12 -38.33 22.16
CA GLN B 99 14.64 -39.31 21.21
C GLN B 99 15.07 -40.66 21.81
N ASP B 100 15.28 -40.71 23.12
CA ASP B 100 15.73 -41.94 23.78
C ASP B 100 14.58 -42.92 24.08
N GLY B 101 14.84 -43.88 24.97
CA GLY B 101 13.90 -44.97 25.23
C GLY B 101 12.86 -44.77 26.31
N VAL B 102 12.99 -43.69 27.09
CA VAL B 102 12.04 -43.37 28.17
C VAL B 102 10.82 -42.67 27.59
N LEU B 103 9.63 -43.05 28.05
CA LEU B 103 8.42 -42.41 27.52
C LEU B 103 8.16 -41.01 28.07
N GLN B 104 7.67 -40.15 27.18
CA GLN B 104 7.22 -38.81 27.54
C GLN B 104 5.74 -38.76 27.26
N ASP B 105 4.94 -38.77 28.32
CA ASP B 105 3.49 -38.71 28.17
C ASP B 105 3.03 -37.27 28.11
N TRP B 106 2.00 -37.02 27.30
CA TRP B 106 1.42 -35.68 27.17
C TRP B 106 0.13 -35.55 27.96
N VAL B 107 0.09 -34.60 28.88
CA VAL B 107 -1.11 -34.32 29.65
C VAL B 107 -1.91 -33.23 28.94
N ILE B 108 -2.80 -33.65 28.04
CA ILE B 108 -3.63 -32.74 27.27
C ILE B 108 -5.08 -32.89 27.68
N ASP B 109 -5.59 -31.93 28.44
CA ASP B 109 -6.94 -32.03 29.01
C ASP B 109 -7.92 -30.90 28.62
N ASP B 110 -7.44 -29.66 28.59
CA ASP B 110 -8.34 -28.50 28.48
C ASP B 110 -8.35 -27.84 27.11
N CYS B 111 -9.54 -27.76 26.51
CA CYS B 111 -9.71 -27.06 25.24
C CYS B 111 -9.86 -25.56 25.50
N ILE B 112 -9.09 -24.76 24.77
CA ILE B 112 -9.10 -23.31 25.00
C ILE B 112 -9.65 -22.47 23.84
N GLY B 113 -9.94 -23.11 22.72
CA GLY B 113 -10.45 -22.38 21.57
C GLY B 113 -10.73 -23.19 20.31
N ASN B 114 -11.55 -22.60 19.44
CA ASN B 114 -11.91 -23.16 18.16
C ASN B 114 -11.86 -22.06 17.11
N TRP B 115 -11.20 -22.34 15.98
CA TRP B 115 -11.05 -21.36 14.92
C TRP B 115 -11.44 -21.93 13.57
N TRP B 116 -12.25 -21.18 12.83
CA TRP B 116 -12.73 -21.63 11.54
C TRP B 116 -12.21 -20.75 10.41
N ARG B 117 -11.89 -21.40 9.28
CA ARG B 117 -11.42 -20.74 8.08
C ARG B 117 -12.52 -20.85 7.02
N PRO B 118 -13.24 -19.75 6.75
CA PRO B 118 -14.38 -19.74 5.83
C PRO B 118 -14.08 -19.96 4.33
N ASN B 119 -12.85 -19.71 3.91
CA ASN B 119 -12.47 -19.84 2.50
C ASN B 119 -11.03 -20.34 2.35
N PHE B 120 -10.62 -20.65 1.13
CA PHE B 120 -9.22 -21.02 0.88
C PHE B 120 -8.32 -19.78 0.88
N GLU B 121 -8.33 -19.09 2.02
CA GLU B 121 -7.70 -17.78 2.21
C GLU B 121 -7.16 -17.68 3.66
N PRO B 122 -6.31 -16.67 3.95
CA PRO B 122 -5.71 -16.53 5.30
C PRO B 122 -6.66 -16.32 6.50
N PRO B 123 -7.74 -15.51 6.37
CA PRO B 123 -8.56 -15.15 7.54
C PRO B 123 -9.16 -16.30 8.35
N GLN B 124 -9.00 -16.23 9.67
CA GLN B 124 -9.63 -17.16 10.60
C GLN B 124 -10.43 -16.39 11.65
N TYR B 125 -11.48 -17.00 12.19
CA TYR B 125 -12.31 -16.37 13.21
C TYR B 125 -12.75 -17.38 14.26
N PRO B 126 -12.96 -16.93 15.52
CA PRO B 126 -13.43 -17.80 16.61
C PRO B 126 -14.94 -18.11 16.55
N TYR B 127 -15.50 -18.12 15.34
CA TYR B 127 -16.91 -18.40 15.10
C TYR B 127 -17.09 -18.65 13.60
N ILE B 128 -18.25 -19.16 13.20
CA ILE B 128 -18.55 -19.29 11.78
C ILE B 128 -19.48 -18.16 11.37
N PRO B 129 -19.07 -17.32 10.40
CA PRO B 129 -19.94 -16.22 9.94
C PRO B 129 -21.29 -16.76 9.49
N ALA B 130 -22.36 -16.02 9.75
CA ALA B 130 -23.73 -16.54 9.56
C ALA B 130 -24.09 -16.94 8.12
N HIS B 131 -23.26 -16.55 7.16
CA HIS B 131 -23.53 -16.89 5.76
C HIS B 131 -22.69 -18.08 5.27
N ILE B 132 -21.87 -18.63 6.15
CA ILE B 132 -21.02 -19.77 5.83
C ILE B 132 -21.65 -21.08 6.34
N THR B 133 -21.77 -22.07 5.46
CA THR B 133 -22.33 -23.37 5.86
C THR B 133 -21.33 -24.51 5.69
N LYS B 134 -20.28 -24.27 4.92
CA LYS B 134 -19.24 -25.26 4.69
C LYS B 134 -17.86 -24.65 4.93
N PRO B 135 -17.41 -24.59 6.19
CA PRO B 135 -16.04 -24.11 6.49
C PRO B 135 -14.98 -24.99 5.83
N LYS B 136 -13.82 -24.41 5.57
CA LYS B 136 -12.74 -25.11 4.86
C LYS B 136 -11.71 -25.72 5.80
N GLU B 137 -11.56 -25.12 6.99
CA GLU B 137 -10.69 -25.68 8.03
C GLU B 137 -11.28 -25.41 9.42
N HIS B 138 -11.18 -26.39 10.31
CA HIS B 138 -11.55 -26.22 11.70
C HIS B 138 -10.36 -26.55 12.61
N LYS B 139 -9.82 -25.51 13.25
CA LYS B 139 -8.68 -25.65 14.13
C LYS B 139 -9.15 -25.84 15.57
N LYS B 140 -8.33 -26.51 16.38
CA LYS B 140 -8.65 -26.74 17.78
C LYS B 140 -7.43 -26.61 18.66
N LEU B 141 -7.59 -25.88 19.76
CA LEU B 141 -6.49 -25.59 20.67
C LEU B 141 -6.67 -26.30 22.01
N PHE B 142 -5.62 -26.97 22.47
CA PHE B 142 -5.65 -27.63 23.78
C PHE B 142 -4.49 -27.15 24.64
N LEU B 143 -4.74 -26.99 25.94
CA LEU B 143 -3.67 -26.67 26.87
C LEU B 143 -2.95 -27.97 27.22
N VAL B 144 -1.63 -27.97 27.05
CA VAL B 144 -0.81 -29.11 27.42
C VAL B 144 -0.12 -28.83 28.76
N GLN B 145 -0.40 -29.65 29.76
CA GLN B 145 0.24 -29.53 31.06
C GLN B 145 1.59 -30.24 31.10
N LEU B 146 2.64 -29.44 31.26
CA LEU B 146 3.99 -29.98 31.43
C LEU B 146 4.21 -30.34 32.90
N GLN B 147 4.92 -31.46 33.12
CA GLN B 147 5.28 -31.89 34.47
C GLN B 147 6.44 -31.06 35.01
N GLU B 148 6.89 -31.36 36.23
CA GLU B 148 7.94 -30.59 36.91
C GLU B 148 9.25 -30.49 36.12
N LYS B 149 9.64 -31.59 35.50
CA LYS B 149 10.86 -31.64 34.67
C LYS B 149 10.60 -32.49 33.43
N ALA B 150 11.13 -32.08 32.29
CA ALA B 150 10.87 -32.76 31.02
C ALA B 150 11.99 -32.55 29.99
N LEU B 151 12.18 -33.54 29.14
CA LEU B 151 13.13 -33.44 28.03
C LEU B 151 12.41 -33.38 26.70
N PHE B 152 12.80 -32.42 25.87
CA PHE B 152 12.23 -32.28 24.52
C PHE B 152 13.30 -32.31 23.44
N ALA B 153 12.90 -32.66 22.22
CA ALA B 153 13.80 -32.66 21.07
C ALA B 153 13.23 -31.78 19.96
N VAL B 154 13.93 -30.69 19.68
CA VAL B 154 13.53 -29.70 18.68
C VAL B 154 14.22 -29.96 17.34
N PRO B 155 13.44 -30.12 16.25
CA PRO B 155 14.02 -30.31 14.90
C PRO B 155 14.92 -29.14 14.49
N LYS B 156 16.05 -29.47 13.88
CA LYS B 156 17.14 -28.52 13.60
C LYS B 156 16.71 -27.24 12.88
N ASN B 157 15.77 -27.35 11.94
CA ASN B 157 15.23 -26.20 11.23
C ASN B 157 14.50 -25.21 12.15
N TYR B 158 13.70 -25.75 13.07
CA TYR B 158 12.96 -24.93 14.04
C TYR B 158 13.87 -24.46 15.19
N LYS B 159 13.34 -23.49 15.94
CA LYS B 159 13.94 -23.05 17.21
C LYS B 159 12.80 -22.83 18.22
N LEU B 160 13.07 -23.05 19.51
CA LEU B 160 12.03 -22.95 20.52
C LEU B 160 12.17 -21.71 21.38
N VAL B 161 11.09 -20.94 21.49
CA VAL B 161 11.10 -19.70 22.27
C VAL B 161 9.96 -19.65 23.27
N ALA B 162 10.24 -19.09 24.45
CA ALA B 162 9.21 -18.81 25.44
C ALA B 162 8.73 -17.36 25.31
N ALA B 163 7.53 -17.20 24.77
CA ALA B 163 6.94 -15.88 24.57
C ALA B 163 6.11 -15.43 25.77
N PRO B 164 6.51 -14.35 26.44
CA PRO B 164 5.72 -13.82 27.55
C PRO B 164 4.36 -13.33 27.08
N LEU B 165 3.36 -13.34 27.96
CA LEU B 165 2.00 -12.95 27.60
C LEU B 165 1.88 -11.52 27.07
N PHE B 166 2.60 -10.58 27.67
CA PHE B 166 2.51 -9.17 27.26
C PHE B 166 3.08 -8.93 25.86
N GLU B 167 3.96 -9.83 25.43
CA GLU B 167 4.51 -9.79 24.09
C GLU B 167 3.47 -10.23 23.06
N LEU B 168 2.61 -11.17 23.47
CA LEU B 168 1.54 -11.66 22.60
C LEU B 168 0.35 -10.71 22.60
N TYR B 169 0.05 -10.14 23.77
CA TYR B 169 -1.16 -9.34 23.94
C TYR B 169 -1.25 -8.17 22.96
N ASP B 170 -2.39 -8.08 22.29
CA ASP B 170 -2.71 -6.99 21.36
C ASP B 170 -1.60 -6.81 20.31
N ASN B 171 -1.02 -7.92 19.86
CA ASN B 171 0.09 -7.89 18.91
C ASN B 171 -0.12 -8.83 17.71
N ALA B 172 -1.29 -8.70 17.09
CA ALA B 172 -1.61 -9.48 15.90
C ALA B 172 -0.61 -9.31 14.75
N PRO B 173 -0.16 -8.05 14.48
CA PRO B 173 0.91 -7.88 13.47
C PRO B 173 2.17 -8.72 13.78
N GLY B 174 2.42 -8.98 15.06
CA GLY B 174 3.56 -9.77 15.47
C GLY B 174 3.36 -11.27 15.32
N TYR B 175 2.23 -11.77 15.81
CA TYR B 175 2.03 -13.22 15.96
C TYR B 175 0.80 -13.81 15.26
N GLY B 176 -0.05 -12.94 14.72
CA GLY B 176 -1.30 -13.37 14.11
C GLY B 176 -2.46 -13.29 15.08
N PRO B 177 -3.70 -13.40 14.57
CA PRO B 177 -4.90 -13.25 15.39
C PRO B 177 -5.06 -14.34 16.46
N ILE B 178 -4.66 -15.57 16.17
CA ILE B 178 -4.84 -16.68 17.11
C ILE B 178 -3.86 -16.61 18.28
N ILE B 179 -2.57 -16.66 17.96
CA ILE B 179 -1.52 -16.63 18.97
C ILE B 179 -1.61 -15.37 19.83
N SER B 180 -1.83 -14.22 19.20
CA SER B 180 -1.92 -12.94 19.90
C SER B 180 -3.18 -12.79 20.74
N SER B 181 -4.19 -13.63 20.50
CA SER B 181 -5.39 -13.62 21.32
C SER B 181 -5.32 -14.66 22.45
N LEU B 182 -4.16 -15.29 22.61
CA LEU B 182 -4.00 -16.31 23.65
C LEU B 182 -4.13 -15.77 25.09
N PRO B 183 -3.53 -14.60 25.39
CA PRO B 183 -3.61 -14.18 26.79
C PRO B 183 -5.02 -14.16 27.35
N GLN B 184 -5.98 -13.64 26.57
CA GLN B 184 -7.37 -13.53 27.02
C GLN B 184 -7.95 -14.89 27.33
N LEU B 185 -7.89 -15.80 26.35
CA LEU B 185 -8.32 -17.18 26.53
C LEU B 185 -7.66 -17.91 27.72
N LEU B 186 -6.39 -17.60 28.01
CA LEU B 186 -5.63 -18.29 29.05
C LEU B 186 -5.89 -17.79 30.47
N SER B 187 -6.66 -16.70 30.60
CA SER B 187 -6.80 -16.03 31.89
C SER B 187 -7.74 -16.73 32.87
N ARG B 188 -8.56 -17.66 32.37
CA ARG B 188 -9.49 -18.40 33.23
C ARG B 188 -8.78 -19.34 34.19
N PHE B 189 -7.59 -19.81 33.78
CA PHE B 189 -6.82 -20.74 34.59
C PHE B 189 -6.11 -20.05 35.75
N ASN B 190 -6.04 -20.75 36.88
CA ASN B 190 -5.31 -20.28 38.05
C ASN B 190 -3.93 -20.94 38.12
N PHE B 191 -2.91 -20.20 37.68
CA PHE B 191 -1.54 -20.69 37.59
C PHE B 191 -0.78 -20.54 38.91
N ILE B 192 -0.07 -21.60 39.31
CA ILE B 192 0.89 -21.52 40.42
C ILE B 192 2.30 -21.44 39.83
N TYR B 193 3.02 -20.38 40.19
CA TYR B 193 4.38 -20.17 39.67
C TYR B 193 5.41 -20.78 40.60
N ASN B 194 5.72 -22.05 40.36
CA ASN B 194 6.69 -22.80 41.14
C ASN B 194 8.12 -22.37 40.85
N LEU B 195 8.94 -22.30 41.89
CA LEU B 195 10.33 -21.87 41.74
C LEU B 195 11.30 -23.04 41.58
N GLU B 196 12.52 -22.75 41.16
CA GLU B 196 13.54 -23.77 40.94
C GLU B 196 14.07 -24.39 42.23
N HIS B 197 14.78 -25.52 42.09
CA HIS B 197 15.47 -26.24 43.17
C HIS B 197 14.65 -27.37 43.79
N ILE C 2 -23.51 -14.13 -18.32
CA ILE C 2 -22.54 -15.00 -17.60
C ILE C 2 -22.27 -14.56 -16.13
N ALA C 3 -22.01 -13.28 -15.90
CA ALA C 3 -21.70 -12.80 -14.54
C ALA C 3 -22.67 -11.72 -14.02
N LEU C 4 -23.17 -11.92 -12.80
CA LEU C 4 -24.19 -11.05 -12.20
C LEU C 4 -23.88 -10.73 -10.75
N TYR C 5 -24.17 -9.49 -10.37
CA TYR C 5 -24.16 -9.09 -8.96
C TYR C 5 -25.55 -9.29 -8.39
N ILE C 6 -25.65 -10.09 -7.35
CA ILE C 6 -26.87 -10.22 -6.58
C ILE C 6 -26.64 -9.45 -5.30
N GLY C 7 -27.47 -8.44 -5.05
CA GLY C 7 -27.30 -7.54 -3.92
C GLY C 7 -28.54 -7.47 -3.04
N ASN C 8 -28.48 -6.60 -2.03
CA ASN C 8 -29.54 -6.44 -1.03
C ASN C 8 -29.78 -7.70 -0.19
N LEU C 9 -28.74 -8.50 -0.01
CA LEU C 9 -28.83 -9.71 0.80
C LEU C 9 -28.60 -9.38 2.27
N THR C 10 -29.32 -10.05 3.16
CA THR C 10 -29.01 -9.97 4.58
C THR C 10 -27.69 -10.69 4.82
N TRP C 11 -27.01 -10.38 5.92
CA TRP C 11 -25.72 -11.01 6.22
C TRP C 11 -25.85 -12.47 6.68
N TRP C 12 -27.08 -12.91 6.95
CA TRP C 12 -27.33 -14.31 7.29
C TRP C 12 -27.95 -15.14 6.15
N THR C 13 -27.98 -14.54 4.96
CA THR C 13 -28.32 -15.25 3.74
C THR C 13 -27.10 -16.10 3.32
N THR C 14 -27.29 -17.42 3.31
CA THR C 14 -26.17 -18.35 3.09
C THR C 14 -25.95 -18.64 1.62
N ASP C 15 -24.97 -19.48 1.30
CA ASP C 15 -24.80 -19.93 -0.07
C ASP C 15 -25.86 -20.98 -0.42
N GLU C 16 -26.27 -21.76 0.57
CA GLU C 16 -27.39 -22.68 0.39
C GLU C 16 -28.66 -21.90 0.02
N ASP C 17 -28.97 -20.85 0.78
CA ASP C 17 -30.15 -20.02 0.57
C ASP C 17 -30.23 -19.49 -0.86
N LEU C 18 -29.09 -19.00 -1.36
CA LEU C 18 -29.01 -18.42 -2.68
C LEU C 18 -29.14 -19.50 -3.77
N THR C 19 -28.41 -20.60 -3.59
CA THR C 19 -28.49 -21.74 -4.49
C THR C 19 -29.91 -22.31 -4.57
N GLU C 20 -30.60 -22.38 -3.44
CA GLU C 20 -31.97 -22.88 -3.38
C GLU C 20 -32.97 -21.95 -4.10
N ALA C 21 -32.74 -20.65 -4.03
CA ALA C 21 -33.57 -19.67 -4.74
C ALA C 21 -33.33 -19.67 -6.26
N VAL C 22 -32.06 -19.77 -6.66
CA VAL C 22 -31.71 -19.86 -8.07
C VAL C 22 -32.30 -21.12 -8.71
N HIS C 23 -32.07 -22.27 -8.11
CA HIS C 23 -32.58 -23.55 -8.62
C HIS C 23 -34.10 -23.58 -8.73
N SER C 24 -34.78 -22.91 -7.81
CA SER C 24 -36.25 -22.78 -7.84
C SER C 24 -36.75 -21.93 -9.01
N LEU C 25 -35.86 -21.15 -9.62
CA LEU C 25 -36.20 -20.33 -10.78
C LEU C 25 -35.97 -21.08 -12.11
N GLY C 26 -35.31 -22.23 -12.04
CA GLY C 26 -35.01 -23.02 -13.23
C GLY C 26 -33.56 -22.96 -13.67
N VAL C 27 -32.80 -22.01 -13.14
CA VAL C 27 -31.39 -21.87 -13.47
C VAL C 27 -30.55 -22.95 -12.76
N ASN C 28 -30.06 -23.90 -13.55
CA ASN C 28 -29.20 -24.97 -13.06
C ASN C 28 -27.73 -24.69 -13.38
N ASP C 29 -27.52 -23.74 -14.29
CA ASP C 29 -26.22 -23.48 -14.89
C ASP C 29 -25.26 -22.68 -14.00
N ILE C 30 -25.51 -22.69 -12.69
CA ILE C 30 -24.65 -22.02 -11.70
C ILE C 30 -23.20 -22.47 -11.85
N LEU C 31 -22.30 -21.52 -12.06
CA LEU C 31 -20.88 -21.80 -12.24
C LEU C 31 -20.06 -21.49 -10.99
N GLU C 32 -20.44 -20.44 -10.26
CA GLU C 32 -19.74 -20.01 -9.04
C GLU C 32 -20.52 -19.00 -8.19
N ILE C 33 -20.35 -19.07 -6.88
CA ILE C 33 -20.89 -18.05 -5.97
C ILE C 33 -19.79 -17.56 -5.02
N LYS C 34 -19.37 -16.31 -5.22
CA LYS C 34 -18.37 -15.69 -4.37
C LYS C 34 -18.98 -14.55 -3.56
N PHE C 35 -19.03 -14.72 -2.24
CA PHE C 35 -19.52 -13.67 -1.36
C PHE C 35 -18.45 -12.63 -1.07
N PHE C 36 -18.86 -11.36 -1.07
CA PHE C 36 -17.99 -10.27 -0.66
C PHE C 36 -18.18 -10.03 0.83
N GLU C 37 -17.09 -10.08 1.58
CA GLU C 37 -17.18 -10.07 3.03
C GLU C 37 -16.24 -9.08 3.71
N ASN C 38 -16.65 -8.63 4.90
CA ASN C 38 -15.86 -7.74 5.75
C ASN C 38 -14.66 -8.47 6.34
N ARG C 39 -13.50 -8.27 5.74
CA ARG C 39 -12.26 -8.98 6.10
C ARG C 39 -11.94 -8.99 7.62
N ALA C 40 -12.15 -7.85 8.27
CA ALA C 40 -11.85 -7.71 9.70
C ALA C 40 -12.59 -8.71 10.59
N ASN C 41 -13.86 -8.98 10.28
CA ASN C 41 -14.67 -9.88 11.12
C ASN C 41 -15.46 -10.97 10.38
N GLY C 42 -15.25 -11.06 9.07
CA GLY C 42 -15.84 -12.14 8.27
C GLY C 42 -17.30 -12.00 7.90
N GLN C 43 -17.94 -10.92 8.34
CA GLN C 43 -19.36 -10.66 8.03
C GLN C 43 -19.56 -10.39 6.54
N SER C 44 -20.65 -10.95 6.00
CA SER C 44 -21.05 -10.72 4.61
C SER C 44 -21.47 -9.27 4.40
N LYS C 45 -21.02 -8.67 3.31
CA LYS C 45 -21.36 -7.28 2.98
C LYS C 45 -22.75 -7.17 2.36
N GLY C 46 -23.39 -8.31 2.13
CA GLY C 46 -24.76 -8.36 1.65
C GLY C 46 -24.91 -8.44 0.15
N PHE C 47 -23.81 -8.71 -0.54
CA PHE C 47 -23.88 -8.96 -1.97
C PHE C 47 -22.87 -10.00 -2.45
N ALA C 48 -23.21 -10.69 -3.54
CA ALA C 48 -22.36 -11.74 -4.09
C ALA C 48 -22.25 -11.66 -5.60
N LEU C 49 -21.15 -12.20 -6.13
CA LEU C 49 -20.96 -12.34 -7.56
C LEU C 49 -21.33 -13.77 -7.97
N VAL C 50 -22.20 -13.87 -8.97
CA VAL C 50 -22.74 -15.15 -9.39
C VAL C 50 -22.51 -15.39 -10.88
N GLY C 51 -21.85 -16.50 -11.19
CA GLY C 51 -21.65 -16.92 -12.58
C GLY C 51 -22.72 -17.91 -13.02
N VAL C 52 -23.37 -17.61 -14.14
CA VAL C 52 -24.30 -18.54 -14.78
C VAL C 52 -23.80 -18.91 -16.19
N GLY C 53 -24.34 -20.00 -16.74
CA GLY C 53 -23.89 -20.50 -18.04
C GLY C 53 -24.74 -20.15 -19.25
N SER C 54 -25.89 -19.53 -19.02
CA SER C 54 -26.85 -19.26 -20.09
C SER C 54 -27.33 -17.82 -20.11
N GLU C 55 -27.67 -17.34 -21.31
CA GLU C 55 -28.31 -16.03 -21.47
C GLU C 55 -29.77 -16.11 -21.02
N ALA C 56 -30.34 -17.31 -21.15
CA ALA C 56 -31.68 -17.59 -20.66
C ALA C 56 -31.69 -17.60 -19.13
N SER C 57 -30.64 -18.14 -18.53
CA SER C 57 -30.46 -18.13 -17.07
C SER C 57 -30.23 -16.71 -16.56
N SER C 58 -29.44 -15.93 -17.29
CA SER C 58 -29.19 -14.52 -16.96
C SER C 58 -30.48 -13.71 -16.97
N LYS C 59 -31.30 -13.93 -18.00
CA LYS C 59 -32.58 -13.26 -18.16
C LYS C 59 -33.57 -13.61 -17.04
N LYS C 60 -33.70 -14.90 -16.73
CA LYS C 60 -34.58 -15.37 -15.66
C LYS C 60 -34.17 -14.82 -14.29
N LEU C 61 -32.87 -14.78 -14.05
CA LEU C 61 -32.31 -14.29 -12.79
C LEU C 61 -32.51 -12.78 -12.64
N MET C 62 -32.40 -12.03 -13.73
CA MET C 62 -32.59 -10.58 -13.72
C MET C 62 -34.07 -10.15 -13.63
N ASP C 63 -34.97 -11.03 -14.05
CA ASP C 63 -36.40 -10.73 -14.02
C ASP C 63 -37.11 -11.32 -12.81
N LEU C 64 -36.88 -12.60 -12.53
CA LEU C 64 -37.70 -13.33 -11.55
C LEU C 64 -37.15 -13.35 -10.12
N LEU C 65 -35.83 -13.15 -9.97
CA LEU C 65 -35.21 -13.18 -8.65
C LEU C 65 -35.54 -11.98 -7.78
N PRO C 66 -35.54 -10.76 -8.35
CA PRO C 66 -35.97 -9.59 -7.56
C PRO C 66 -37.43 -9.65 -7.12
N LYS C 67 -38.21 -10.55 -7.71
CA LYS C 67 -39.63 -10.69 -7.42
C LYS C 67 -39.83 -11.40 -6.08
N ARG C 68 -39.18 -12.55 -5.90
CA ARG C 68 -39.26 -13.34 -4.66
C ARG C 68 -38.51 -12.63 -3.51
N GLU C 69 -38.77 -13.10 -2.28
CA GLU C 69 -38.11 -12.57 -1.10
C GLU C 69 -37.16 -13.58 -0.45
N LEU C 70 -35.97 -13.10 -0.08
CA LEU C 70 -35.00 -13.89 0.68
C LEU C 70 -34.86 -13.33 2.09
N HIS C 71 -35.25 -14.14 3.09
CA HIS C 71 -35.22 -13.73 4.50
C HIS C 71 -35.76 -12.30 4.68
N GLY C 72 -36.93 -12.04 4.10
CA GLY C 72 -37.56 -10.72 4.21
C GLY C 72 -36.97 -9.61 3.35
N GLN C 73 -36.10 -9.95 2.41
CA GLN C 73 -35.50 -8.95 1.51
C GLN C 73 -35.39 -9.37 0.06
N ASN C 74 -35.96 -8.56 -0.84
CA ASN C 74 -35.86 -8.78 -2.28
C ASN C 74 -34.48 -8.38 -2.78
N PRO C 75 -33.82 -9.26 -3.54
CA PRO C 75 -32.47 -8.97 -4.02
C PRO C 75 -32.49 -8.00 -5.19
N VAL C 76 -31.35 -7.35 -5.45
CA VAL C 76 -31.19 -6.46 -6.59
C VAL C 76 -30.13 -7.06 -7.51
N VAL C 77 -30.55 -7.45 -8.72
CA VAL C 77 -29.66 -8.10 -9.68
C VAL C 77 -29.10 -7.11 -10.69
N THR C 78 -27.80 -7.21 -10.95
CA THR C 78 -27.08 -6.28 -11.82
C THR C 78 -26.05 -6.99 -12.70
N PRO C 79 -25.94 -6.57 -13.98
CA PRO C 79 -24.94 -7.07 -14.93
C PRO C 79 -23.49 -6.76 -14.51
N SER C 80 -22.54 -7.42 -15.20
CA SER C 80 -21.10 -7.17 -15.06
C SER C 80 -20.31 -8.05 -16.02
N ILE D 2 9.24 15.36 47.89
CA ILE D 2 10.57 15.53 47.21
C ILE D 2 10.91 14.30 46.34
N ALA D 3 11.28 14.55 45.09
CA ALA D 3 11.21 13.52 44.04
C ALA D 3 12.53 13.00 43.44
N LEU D 4 12.56 11.69 43.22
CA LEU D 4 13.77 10.95 42.86
C LEU D 4 13.48 9.88 41.79
N TYR D 5 14.23 9.94 40.69
CA TYR D 5 14.10 8.99 39.57
C TYR D 5 15.04 7.80 39.72
N ILE D 6 14.48 6.60 39.66
CA ILE D 6 15.27 5.36 39.78
C ILE D 6 15.16 4.52 38.50
N GLY D 7 16.27 4.34 37.80
CA GLY D 7 16.29 3.62 36.53
C GLY D 7 17.05 2.31 36.57
N ASN D 8 17.30 1.76 35.38
CA ASN D 8 18.01 0.49 35.18
C ASN D 8 17.39 -0.72 35.91
N LEU D 9 16.09 -0.65 36.13
CA LEU D 9 15.35 -1.74 36.77
C LEU D 9 14.90 -2.74 35.71
N THR D 10 14.77 -4.00 36.12
CA THR D 10 14.21 -5.03 35.23
C THR D 10 12.69 -4.93 35.25
N TRP D 11 12.05 -5.46 34.20
CA TRP D 11 10.58 -5.40 34.11
C TRP D 11 9.89 -6.27 35.16
N TRP D 12 10.65 -7.13 35.83
CA TRP D 12 10.11 -7.96 36.91
C TRP D 12 10.58 -7.49 38.29
N THR D 13 11.08 -6.26 38.37
CA THR D 13 11.40 -5.65 39.65
C THR D 13 10.11 -5.02 40.18
N THR D 14 9.62 -5.56 41.30
CA THR D 14 8.32 -5.17 41.84
C THR D 14 8.44 -3.97 42.76
N ASP D 15 7.29 -3.41 43.14
CA ASP D 15 7.21 -2.38 44.16
C ASP D 15 7.75 -2.89 45.50
N GLU D 16 7.45 -4.15 45.82
CA GLU D 16 7.97 -4.81 47.02
C GLU D 16 9.49 -4.84 47.00
N ASP D 17 10.06 -5.32 45.89
CA ASP D 17 11.52 -5.45 45.71
C ASP D 17 12.25 -4.13 45.95
N LEU D 18 11.65 -3.04 45.52
CA LEU D 18 12.22 -1.71 45.66
C LEU D 18 12.02 -1.15 47.08
N THR D 19 10.85 -1.41 47.64
CA THR D 19 10.51 -0.94 48.99
C THR D 19 11.49 -1.48 50.03
N GLU D 20 11.77 -2.79 49.97
CA GLU D 20 12.70 -3.45 50.89
C GLU D 20 14.11 -2.91 50.74
N ALA D 21 14.53 -2.69 49.49
CA ALA D 21 15.86 -2.21 49.16
C ALA D 21 16.17 -0.88 49.83
N VAL D 22 15.17 -0.02 49.91
CA VAL D 22 15.28 1.26 50.59
C VAL D 22 15.28 1.07 52.11
N HIS D 23 14.40 0.18 52.59
CA HIS D 23 14.31 -0.11 54.03
C HIS D 23 15.57 -0.79 54.58
N SER D 24 16.42 -1.28 53.67
CA SER D 24 17.72 -1.85 54.04
C SER D 24 18.78 -0.75 54.14
N LEU D 25 18.60 0.31 53.34
CA LEU D 25 19.51 1.46 53.35
C LEU D 25 19.36 2.33 54.61
N GLY D 26 18.19 2.24 55.23
CA GLY D 26 17.87 3.03 56.42
C GLY D 26 17.09 4.27 56.06
N VAL D 27 16.02 4.09 55.28
CA VAL D 27 15.12 5.19 54.95
C VAL D 27 13.67 4.73 55.10
N ASN D 28 13.09 5.04 56.26
CA ASN D 28 11.71 4.65 56.58
C ASN D 28 10.71 5.81 56.42
N ASP D 29 10.92 6.62 55.39
CA ASP D 29 10.03 7.75 55.08
C ASP D 29 9.73 7.90 53.59
N ILE D 30 9.38 6.78 52.95
CA ILE D 30 8.97 6.78 51.54
C ILE D 30 7.50 7.18 51.39
N LEU D 31 7.22 8.05 50.43
CA LEU D 31 5.86 8.54 50.18
C LEU D 31 5.09 7.62 49.24
N GLU D 32 5.47 7.63 47.96
CA GLU D 32 4.81 6.82 46.94
C GLU D 32 5.77 6.43 45.81
N ILE D 33 5.61 5.21 45.31
CA ILE D 33 6.39 4.73 44.18
C ILE D 33 5.49 4.65 42.94
N LYS D 34 5.90 5.33 41.86
CA LYS D 34 5.16 5.31 40.60
C LYS D 34 6.02 4.74 39.49
N PHE D 35 5.64 3.58 38.98
CA PHE D 35 6.34 2.93 37.88
C PHE D 35 5.93 3.52 36.53
N PHE D 36 6.89 3.57 35.60
CA PHE D 36 6.61 3.99 34.23
C PHE D 36 6.39 2.76 33.37
N GLU D 37 5.17 2.62 32.85
CA GLU D 37 4.76 1.41 32.16
C GLU D 37 4.19 1.64 30.77
N ASN D 38 4.38 0.66 29.91
CA ASN D 38 3.83 0.61 28.55
C ASN D 38 2.32 0.46 28.62
N ARG D 39 1.59 1.36 27.96
CA ARG D 39 0.12 1.38 28.04
C ARG D 39 -0.55 0.22 27.29
N ALA D 40 0.06 -0.22 26.19
CA ALA D 40 -0.50 -1.28 25.35
C ALA D 40 -0.60 -2.62 26.08
N ASN D 41 0.48 -3.03 26.74
CA ASN D 41 0.55 -4.34 27.36
C ASN D 41 0.73 -4.36 28.89
N GLY D 42 1.14 -3.23 29.46
CA GLY D 42 1.28 -3.12 30.90
C GLY D 42 2.68 -3.38 31.43
N GLN D 43 3.62 -3.64 30.53
CA GLN D 43 4.99 -3.96 30.89
C GLN D 43 5.75 -2.75 31.41
N SER D 44 6.53 -2.96 32.47
CA SER D 44 7.40 -1.92 33.05
C SER D 44 8.46 -1.51 32.04
N LYS D 45 8.69 -0.21 31.91
CA LYS D 45 9.69 0.32 30.99
C LYS D 45 11.11 0.19 31.51
N GLY D 46 11.26 0.13 32.83
CA GLY D 46 12.56 -0.08 33.44
C GLY D 46 12.97 1.00 34.42
N PHE D 47 12.05 1.91 34.71
CA PHE D 47 12.30 2.97 35.68
C PHE D 47 11.05 3.44 36.42
N ALA D 48 11.26 4.06 37.58
CA ALA D 48 10.18 4.54 38.41
C ALA D 48 10.56 5.86 39.08
N LEU D 49 9.57 6.51 39.68
CA LEU D 49 9.76 7.74 40.43
C LEU D 49 9.29 7.54 41.87
N VAL D 50 10.16 7.83 42.83
CA VAL D 50 9.84 7.64 44.25
C VAL D 50 9.74 8.98 44.99
N GLY D 51 8.67 9.13 45.76
CA GLY D 51 8.51 10.27 46.66
C GLY D 51 9.20 9.98 47.98
N VAL D 52 10.04 10.91 48.42
CA VAL D 52 10.76 10.76 49.69
C VAL D 52 10.06 11.52 50.82
N SER D 54 12.18 13.47 53.47
CA SER D 54 13.30 14.15 54.14
C SER D 54 14.49 14.35 53.22
N GLU D 55 15.30 15.37 53.52
CA GLU D 55 16.51 15.65 52.75
C GLU D 55 17.63 14.68 53.08
N ALA D 56 17.67 14.23 54.33
CA ALA D 56 18.63 13.22 54.79
C ALA D 56 18.39 11.89 54.11
N SER D 57 17.11 11.54 53.95
CA SER D 57 16.70 10.30 53.29
C SER D 57 16.94 10.34 51.78
N SER D 58 17.02 11.56 51.23
CA SER D 58 17.23 11.75 49.80
C SER D 58 18.70 11.61 49.40
N LYS D 59 19.58 12.33 50.10
CA LYS D 59 21.02 12.29 49.85
C LYS D 59 21.57 10.88 50.08
N LYS D 60 21.02 10.20 51.09
CA LYS D 60 21.36 8.82 51.39
C LYS D 60 21.11 7.91 50.18
N LEU D 61 19.89 7.93 49.68
CA LEU D 61 19.45 7.05 48.58
C LEU D 61 20.17 7.30 47.26
N MET D 62 20.58 8.54 47.02
CA MET D 62 21.32 8.89 45.79
C MET D 62 22.78 8.44 45.91
N ASP D 63 23.19 8.20 47.14
CA ASP D 63 24.57 7.91 47.51
C ASP D 63 24.77 6.40 47.55
N LEU D 64 23.79 5.71 48.15
CA LEU D 64 23.98 4.36 48.66
C LEU D 64 23.25 3.28 47.87
N LEU D 65 22.19 3.66 47.15
CA LEU D 65 21.33 2.69 46.46
C LEU D 65 22.00 1.95 45.29
N PRO D 66 22.68 2.66 44.37
CA PRO D 66 23.31 1.97 43.25
C PRO D 66 24.34 0.91 43.63
N LYS D 67 24.74 0.88 44.90
CA LYS D 67 25.72 -0.09 45.38
C LYS D 67 25.07 -1.37 45.93
N ARG D 68 23.77 -1.52 45.69
CA ARG D 68 23.04 -2.72 46.07
C ARG D 68 22.23 -3.21 44.88
N GLU D 69 22.64 -4.34 44.30
CA GLU D 69 22.01 -4.85 43.08
C GLU D 69 20.66 -5.53 43.31
N LEU D 70 19.79 -5.41 42.31
CA LEU D 70 18.47 -6.05 42.33
C LEU D 70 18.28 -6.86 41.06
N HIS D 71 18.08 -8.16 41.23
CA HIS D 71 17.93 -9.11 40.12
C HIS D 71 19.12 -9.07 39.15
N GLY D 72 20.31 -8.94 39.72
CA GLY D 72 21.56 -8.90 38.95
C GLY D 72 21.82 -7.59 38.23
N GLN D 73 21.16 -6.52 38.67
CA GLN D 73 21.32 -5.20 38.05
C GLN D 73 21.44 -4.07 39.07
N ASN D 74 22.36 -3.15 38.81
CA ASN D 74 22.58 -1.98 39.67
C ASN D 74 21.66 -0.83 39.28
N PRO D 75 20.90 -0.27 40.25
CA PRO D 75 20.03 0.88 39.99
C PRO D 75 20.78 2.18 39.65
N VAL D 76 20.08 3.11 38.99
CA VAL D 76 20.63 4.42 38.63
C VAL D 76 19.71 5.51 39.17
N VAL D 77 20.25 6.41 39.97
CA VAL D 77 19.44 7.43 40.65
C VAL D 77 19.66 8.84 40.05
N THR D 78 18.59 9.63 40.04
CA THR D 78 18.60 11.00 39.47
C THR D 78 17.56 11.89 40.17
N PRO D 79 17.87 13.19 40.37
CA PRO D 79 16.88 14.15 40.88
C PRO D 79 15.71 14.40 39.90
N SER D 80 14.62 14.95 40.42
CA SER D 80 13.41 15.22 39.63
C SER D 80 13.65 16.26 38.53
N GLU E 1 4.10 -6.99 -51.67
CA GLU E 1 4.82 -8.29 -51.51
C GLU E 1 6.32 -8.10 -51.75
N ARG E 2 7.13 -8.97 -51.15
CA ARG E 2 8.58 -8.89 -51.24
C ARG E 2 9.20 -10.29 -51.31
N THR E 3 9.65 -10.66 -52.50
CA THR E 3 10.17 -12.00 -52.77
C THR E 3 11.66 -12.11 -52.43
N ILE E 4 12.02 -13.16 -51.69
CA ILE E 4 13.41 -13.42 -51.33
C ILE E 4 13.80 -14.87 -51.67
N ASN E 5 14.93 -15.03 -52.34
CA ASN E 5 15.45 -16.35 -52.67
C ASN E 5 16.28 -16.97 -51.56
N LEU E 6 16.00 -18.23 -51.25
CA LEU E 6 16.75 -18.99 -50.27
C LEU E 6 17.29 -20.27 -50.89
N TYR E 7 18.48 -20.65 -50.49
CA TYR E 7 19.16 -21.83 -51.03
C TYR E 7 19.58 -22.78 -49.90
N PRO E 8 19.78 -24.08 -50.21
CA PRO E 8 20.12 -25.05 -49.17
C PRO E 8 21.45 -24.73 -48.47
N LEU E 9 21.54 -25.11 -47.20
CA LEU E 9 22.76 -24.87 -46.41
C LEU E 9 24.01 -25.50 -47.03
N THR E 10 23.82 -26.61 -47.75
CA THR E 10 24.92 -27.33 -48.38
C THR E 10 25.39 -26.68 -49.68
N ASN E 11 24.76 -25.56 -50.03
CA ASN E 11 25.22 -24.72 -51.15
C ASN E 11 26.31 -23.74 -50.74
N TYR E 12 26.59 -23.69 -49.44
CA TYR E 12 27.56 -22.73 -48.91
C TYR E 12 28.69 -23.47 -48.21
N THR E 13 29.91 -23.12 -48.59
CA THR E 13 31.10 -23.68 -47.96
C THR E 13 31.60 -22.70 -46.90
N PHE E 14 32.07 -23.25 -45.78
CA PHE E 14 32.57 -22.43 -44.69
C PHE E 14 33.97 -22.87 -44.34
N GLY E 15 34.91 -21.94 -44.40
CA GLY E 15 36.28 -22.19 -44.00
C GLY E 15 36.59 -21.43 -42.73
N THR E 16 37.88 -21.34 -42.39
CA THR E 16 38.31 -20.55 -41.25
C THR E 16 39.39 -19.55 -41.62
N LYS E 17 39.46 -18.47 -40.84
CA LYS E 17 40.54 -17.49 -40.94
C LYS E 17 41.01 -17.11 -39.53
N GLU E 18 42.09 -16.34 -39.45
CA GLU E 18 42.67 -15.94 -38.17
C GLU E 18 41.66 -15.23 -37.25
N PRO E 19 41.72 -15.54 -35.93
CA PRO E 19 40.76 -15.01 -34.96
C PRO E 19 40.66 -13.50 -34.96
N LEU E 20 39.44 -12.99 -34.81
CA LEU E 20 39.19 -11.56 -34.69
C LEU E 20 38.49 -11.29 -33.36
N TYR E 21 39.26 -10.75 -32.41
CA TYR E 21 38.75 -10.51 -31.06
C TYR E 21 38.01 -9.19 -30.95
N GLU E 22 36.96 -9.17 -30.14
CA GLU E 22 36.17 -7.97 -29.89
C GLU E 22 37.05 -6.85 -29.35
N LYS E 23 36.61 -5.60 -29.54
CA LYS E 23 37.38 -4.43 -29.13
C LYS E 23 37.60 -4.31 -27.62
N ASP E 24 36.93 -5.18 -26.84
CA ASP E 24 37.04 -5.20 -25.38
C ASP E 24 36.88 -6.59 -24.78
N SER E 25 37.51 -6.81 -23.62
CA SER E 25 37.65 -8.15 -23.03
C SER E 25 36.56 -8.57 -22.05
N SER E 26 35.86 -7.60 -21.47
CA SER E 26 34.88 -7.87 -20.44
C SER E 26 33.56 -7.16 -20.70
N VAL E 27 32.54 -7.51 -19.92
CA VAL E 27 31.27 -6.78 -19.94
C VAL E 27 31.50 -5.33 -19.52
N ALA E 28 32.16 -5.14 -18.38
CA ALA E 28 32.41 -3.82 -17.80
C ALA E 28 33.28 -2.93 -18.68
N ALA E 29 34.26 -3.54 -19.35
CA ALA E 29 35.15 -2.80 -20.24
C ALA E 29 34.43 -2.23 -21.47
N ARG E 30 33.45 -2.95 -21.99
CA ARG E 30 32.69 -2.48 -23.15
C ARG E 30 31.67 -1.40 -22.78
N PHE E 31 31.17 -1.45 -21.55
CA PHE E 31 30.27 -0.40 -21.08
C PHE E 31 31.01 0.85 -20.62
N GLN E 32 32.30 0.71 -20.33
CA GLN E 32 33.16 1.87 -20.10
C GLN E 32 33.57 2.55 -21.39
N ARG E 33 34.01 1.77 -22.37
CA ARG E 33 34.36 2.32 -23.68
C ARG E 33 33.18 3.06 -24.30
N MET E 34 31.99 2.53 -24.08
CA MET E 34 30.76 3.16 -24.54
C MET E 34 30.52 4.47 -23.80
N ARG E 35 30.68 4.43 -22.48
CA ARG E 35 30.48 5.59 -21.61
C ARG E 35 31.41 6.74 -21.97
N GLU E 36 32.63 6.41 -22.35
CA GLU E 36 33.65 7.39 -22.72
C GLU E 36 33.43 7.93 -24.12
N GLU E 37 33.09 7.04 -25.06
CA GLU E 37 32.87 7.42 -26.46
C GLU E 37 31.65 8.32 -26.65
N PHE E 38 30.66 8.20 -25.75
CA PHE E 38 29.42 8.96 -25.83
C PHE E 38 29.60 10.45 -25.58
N ASP E 39 30.43 10.79 -24.60
CA ASP E 39 30.70 12.20 -24.25
C ASP E 39 31.47 12.89 -25.37
N LYS E 40 32.34 12.13 -26.04
CA LYS E 40 33.11 12.63 -27.16
C LYS E 40 32.30 12.71 -28.45
N ILE E 41 31.75 11.57 -28.88
CA ILE E 41 31.13 11.41 -30.20
C ILE E 41 29.59 11.44 -30.16
N GLY E 42 29.01 10.90 -29.10
CA GLY E 42 27.55 10.78 -29.00
C GLY E 42 27.07 9.36 -29.18
N MET E 43 25.86 9.22 -29.72
CA MET E 43 25.20 7.93 -29.88
C MET E 43 26.00 6.94 -30.73
N ARG E 44 26.10 5.71 -30.24
CA ARG E 44 26.74 4.64 -30.99
C ARG E 44 25.79 4.11 -32.07
N ARG E 45 26.32 3.93 -33.27
CA ARG E 45 25.55 3.35 -34.36
C ARG E 45 26.02 1.94 -34.66
N THR E 46 25.11 0.98 -34.53
CA THR E 46 25.40 -0.43 -34.77
C THR E 46 24.56 -0.95 -35.94
N VAL E 47 25.18 -1.78 -36.78
CA VAL E 47 24.49 -2.47 -37.86
C VAL E 47 24.79 -3.96 -37.86
N GLU E 48 23.77 -4.78 -38.00
CA GLU E 48 23.91 -6.24 -38.01
C GLU E 48 23.15 -6.82 -39.20
N GLY E 49 23.59 -7.99 -39.66
CA GLY E 49 23.01 -8.60 -40.85
C GLY E 49 22.42 -9.98 -40.62
N VAL E 50 21.26 -10.21 -41.24
CA VAL E 50 20.57 -11.47 -41.13
C VAL E 50 20.71 -12.26 -42.44
N LEU E 51 21.55 -13.28 -42.39
CA LEU E 51 21.78 -14.16 -43.53
C LEU E 51 20.91 -15.39 -43.39
N ILE E 52 20.09 -15.68 -44.39
CA ILE E 52 19.13 -16.77 -44.29
C ILE E 52 19.39 -17.87 -45.32
N VAL E 53 19.40 -19.10 -44.84
CA VAL E 53 19.43 -20.29 -45.69
C VAL E 53 18.16 -21.09 -45.43
N HIS E 54 17.99 -22.23 -46.11
CA HIS E 54 16.88 -23.13 -45.82
C HIS E 54 17.27 -24.60 -45.77
N GLU E 55 16.63 -25.34 -44.87
CA GLU E 55 16.78 -26.79 -44.80
C GLU E 55 15.47 -27.39 -44.33
N HIS E 56 15.08 -28.49 -44.97
CA HIS E 56 13.77 -29.13 -44.74
C HIS E 56 12.61 -28.14 -44.90
N ARG E 57 12.66 -27.34 -45.97
CA ARG E 57 11.64 -26.35 -46.29
C ARG E 57 11.32 -25.38 -45.12
N LEU E 58 12.37 -24.97 -44.41
CA LEU E 58 12.26 -24.06 -43.29
C LEU E 58 13.46 -23.11 -43.26
N PRO E 59 13.21 -21.80 -43.08
CA PRO E 59 14.30 -20.81 -43.07
C PRO E 59 15.21 -20.94 -41.85
N HIS E 60 16.51 -20.92 -42.08
CA HIS E 60 17.51 -20.95 -41.02
C HIS E 60 18.32 -19.65 -40.99
N VAL E 61 18.49 -19.08 -39.81
CA VAL E 61 19.32 -17.88 -39.63
C VAL E 61 20.73 -18.25 -39.20
N LEU E 62 21.72 -17.76 -39.95
CA LEU E 62 23.12 -17.99 -39.61
C LEU E 62 23.56 -17.09 -38.45
N LEU E 63 24.12 -17.72 -37.41
CA LEU E 63 24.61 -17.00 -36.24
C LEU E 63 26.04 -17.43 -35.93
N LEU E 64 26.76 -16.55 -35.23
CA LEU E 64 28.11 -16.86 -34.77
C LEU E 64 28.11 -17.12 -33.28
N GLN E 65 28.73 -18.23 -32.88
CA GLN E 65 28.84 -18.60 -31.49
C GLN E 65 30.21 -18.26 -30.94
N LEU E 66 30.21 -17.68 -29.75
CA LEU E 66 31.40 -17.44 -28.96
C LEU E 66 31.18 -18.31 -27.71
N GLY E 67 31.77 -19.52 -27.65
CA GLY E 67 31.61 -20.40 -26.46
C GLY E 67 30.61 -21.55 -26.51
N THR E 68 29.69 -21.57 -25.54
CA THR E 68 28.58 -22.52 -25.43
C THR E 68 27.28 -21.74 -25.32
N THR E 69 27.42 -20.47 -24.92
CA THR E 69 26.28 -19.64 -24.51
C THR E 69 25.96 -18.46 -25.43
N PHE E 70 26.99 -17.74 -25.87
CA PHE E 70 26.78 -16.46 -26.55
C PHE E 70 26.72 -16.51 -28.08
N PHE E 71 25.60 -16.06 -28.62
CA PHE E 71 25.40 -15.97 -30.06
C PHE E 71 25.22 -14.51 -30.48
N LYS E 72 25.84 -14.14 -31.60
CA LYS E 72 25.55 -12.83 -32.20
C LYS E 72 25.39 -12.90 -33.72
N LEU E 73 24.84 -11.84 -34.29
CA LEU E 73 24.73 -11.70 -35.74
C LEU E 73 26.00 -11.05 -36.28
N PRO E 74 26.33 -11.29 -37.56
CA PRO E 74 27.49 -10.61 -38.15
C PRO E 74 27.25 -9.11 -38.34
N GLY E 75 28.13 -8.30 -37.77
CA GLY E 75 28.01 -6.84 -37.83
C GLY E 75 28.98 -6.14 -36.90
N GLY E 76 28.56 -4.99 -36.36
CA GLY E 76 29.38 -4.22 -35.43
C GLY E 76 29.18 -2.72 -35.47
N GLU E 77 30.18 -1.99 -34.94
CA GLU E 77 30.10 -0.54 -34.76
C GLU E 77 30.40 0.25 -36.03
N LEU E 78 29.59 1.27 -36.27
CA LEU E 78 29.82 2.20 -37.36
C LEU E 78 30.74 3.33 -36.93
N ASN E 79 31.71 3.64 -37.78
CA ASN E 79 32.56 4.81 -37.59
C ASN E 79 31.74 6.08 -37.85
N PRO E 80 32.00 7.16 -37.08
CA PRO E 80 31.22 8.39 -37.23
C PRO E 80 31.27 8.96 -38.65
N GLY E 81 30.09 9.21 -39.23
CA GLY E 81 29.97 9.74 -40.59
C GLY E 81 29.70 8.69 -41.66
N GLU E 82 29.83 7.41 -41.30
CA GLU E 82 29.70 6.31 -42.25
C GLU E 82 28.25 6.02 -42.63
N ASP E 83 28.05 5.58 -43.87
CA ASP E 83 26.75 5.14 -44.36
C ASP E 83 26.36 3.80 -43.72
N GLU E 84 25.11 3.70 -43.30
CA GLU E 84 24.55 2.49 -42.68
C GLU E 84 24.84 1.25 -43.52
N VAL E 85 24.48 1.32 -44.79
CA VAL E 85 24.57 0.19 -45.72
C VAL E 85 26.02 -0.12 -46.11
N GLU E 86 26.82 0.93 -46.28
CA GLU E 86 28.21 0.76 -46.71
C GLU E 86 29.09 0.28 -45.54
N GLY E 87 28.68 0.61 -44.32
CA GLY E 87 29.39 0.16 -43.13
C GLY E 87 29.11 -1.31 -42.82
N LEU E 88 27.92 -1.76 -43.16
CA LEU E 88 27.53 -3.14 -42.96
C LEU E 88 28.32 -4.05 -43.90
N LYS E 89 28.45 -3.64 -45.16
CA LYS E 89 29.20 -4.41 -46.15
C LYS E 89 30.68 -4.55 -45.78
N ARG E 90 31.22 -3.52 -45.14
CA ARG E 90 32.59 -3.54 -44.61
C ARG E 90 32.70 -4.55 -43.48
N LEU E 91 31.81 -4.40 -42.49
CA LEU E 91 31.75 -5.29 -41.33
C LEU E 91 31.49 -6.76 -41.71
N MET E 92 30.63 -6.98 -42.70
CA MET E 92 30.33 -8.32 -43.20
C MET E 92 31.57 -9.02 -43.73
N THR E 93 32.35 -8.28 -44.52
CA THR E 93 33.58 -8.81 -45.12
C THR E 93 34.65 -9.02 -44.04
N GLU E 94 34.64 -8.14 -43.04
CA GLU E 94 35.54 -8.25 -41.90
C GLU E 94 35.35 -9.56 -41.12
N ILE E 95 34.10 -9.95 -40.90
CA ILE E 95 33.78 -11.11 -40.08
C ILE E 95 33.69 -12.41 -40.89
N LEU E 96 33.04 -12.35 -42.05
CA LEU E 96 32.77 -13.55 -42.83
C LEU E 96 33.47 -13.59 -44.19
N GLY E 97 33.96 -12.45 -44.65
CA GLY E 97 34.61 -12.34 -45.96
C GLY E 97 35.70 -13.36 -46.20
N ARG E 98 35.70 -13.92 -47.41
CA ARG E 98 36.65 -14.96 -47.81
C ARG E 98 38.07 -14.43 -47.97
N GLN E 99 39.05 -15.31 -47.80
CA GLN E 99 40.46 -15.01 -48.02
C GLN E 99 40.89 -15.48 -49.41
N ASP E 100 39.94 -16.06 -50.13
CA ASP E 100 40.18 -16.68 -51.44
C ASP E 100 40.65 -15.68 -52.51
N GLY E 101 40.32 -14.41 -52.32
CA GLY E 101 40.70 -13.36 -53.26
C GLY E 101 39.59 -13.00 -54.23
N VAL E 102 38.66 -13.93 -54.44
CA VAL E 102 37.51 -13.73 -55.31
C VAL E 102 36.59 -12.68 -54.69
N LEU E 103 36.09 -11.76 -55.53
CA LEU E 103 35.22 -10.68 -55.07
C LEU E 103 33.86 -11.19 -54.61
N GLN E 104 33.54 -10.90 -53.35
CA GLN E 104 32.25 -11.30 -52.77
C GLN E 104 31.37 -10.07 -52.57
N ASP E 105 30.36 -9.95 -53.42
CA ASP E 105 29.42 -8.83 -53.35
C ASP E 105 28.26 -9.14 -52.40
N TRP E 106 28.10 -8.31 -51.39
CA TRP E 106 26.96 -8.41 -50.48
C TRP E 106 25.82 -7.59 -51.02
N VAL E 107 24.62 -8.17 -51.01
CA VAL E 107 23.41 -7.46 -51.41
C VAL E 107 22.54 -7.21 -50.18
N ILE E 108 22.68 -6.01 -49.60
CA ILE E 108 21.88 -5.61 -48.45
C ILE E 108 20.78 -4.66 -48.92
N ASP E 109 19.53 -5.09 -48.76
CA ASP E 109 18.43 -4.41 -49.46
C ASP E 109 17.23 -4.00 -48.59
N ASP E 110 17.02 -4.69 -47.46
CA ASP E 110 15.83 -4.43 -46.64
C ASP E 110 16.13 -4.30 -45.14
N CYS E 111 15.74 -3.16 -44.56
CA CYS E 111 15.83 -2.97 -43.11
C CYS E 111 14.69 -3.74 -42.46
N ILE E 112 15.00 -4.47 -41.39
CA ILE E 112 14.02 -5.32 -40.75
C ILE E 112 13.78 -4.97 -39.27
N GLY E 113 14.59 -4.06 -38.73
CA GLY E 113 14.41 -3.63 -37.36
C GLY E 113 15.30 -2.51 -36.87
N ASN E 114 14.83 -1.83 -35.83
CA ASN E 114 15.58 -0.79 -35.15
C ASN E 114 15.51 -1.01 -33.64
N TRP E 115 16.67 -1.02 -32.99
CA TRP E 115 16.75 -1.23 -31.54
C TRP E 115 17.60 -0.16 -30.86
N TRP E 116 17.07 0.41 -29.78
CA TRP E 116 17.76 1.44 -29.03
C TRP E 116 18.13 1.01 -27.62
N ARG E 117 19.21 1.57 -27.11
CA ARG E 117 19.70 1.31 -25.76
C ARG E 117 19.60 2.61 -24.96
N PRO E 118 18.66 2.67 -23.99
CA PRO E 118 18.43 3.91 -23.22
C PRO E 118 19.59 4.30 -22.31
N ASN E 119 20.14 3.34 -21.57
CA ASN E 119 21.23 3.59 -20.63
C ASN E 119 22.48 2.77 -20.94
N PHE E 120 23.59 3.09 -20.28
CA PHE E 120 24.82 2.32 -20.38
C PHE E 120 24.67 0.99 -19.65
N GLU E 121 23.69 0.21 -20.09
CA GLU E 121 23.29 -1.04 -19.44
C GLU E 121 22.89 -2.05 -20.53
N PRO E 122 22.67 -3.33 -20.15
CA PRO E 122 22.27 -4.34 -21.14
C PRO E 122 20.95 -4.12 -21.91
N PRO E 123 19.84 -3.70 -21.22
CA PRO E 123 18.51 -3.63 -21.86
C PRO E 123 18.44 -2.86 -23.19
N GLN E 124 17.68 -3.41 -24.13
CA GLN E 124 17.49 -2.81 -25.45
C GLN E 124 16.03 -2.97 -25.86
N TYR E 125 15.50 -2.01 -26.61
CA TYR E 125 14.09 -2.01 -27.01
C TYR E 125 13.84 -1.65 -28.47
N PRO E 126 12.72 -2.14 -29.05
CA PRO E 126 12.38 -1.83 -30.44
C PRO E 126 11.68 -0.47 -30.59
N TYR E 127 11.95 0.44 -29.66
CA TYR E 127 11.39 1.78 -29.65
C TYR E 127 12.20 2.63 -28.68
N ILE E 128 12.13 3.96 -28.83
CA ILE E 128 12.73 4.87 -27.88
C ILE E 128 11.69 5.16 -26.81
N PRO E 129 12.00 4.86 -25.54
CA PRO E 129 11.04 5.14 -24.46
C PRO E 129 10.73 6.63 -24.38
N ALA E 130 9.48 6.95 -24.05
CA ALA E 130 8.97 8.33 -24.10
C ALA E 130 9.83 9.37 -23.39
N HIS E 131 10.51 8.95 -22.32
CA HIS E 131 11.32 9.84 -21.49
C HIS E 131 12.80 9.86 -21.91
N ILE E 132 13.08 9.40 -23.13
CA ILE E 132 14.46 9.37 -23.64
C ILE E 132 14.59 10.25 -24.88
N THR E 133 15.60 11.12 -24.88
CA THR E 133 15.84 12.03 -25.99
C THR E 133 17.17 11.74 -26.70
N LYS E 134 18.18 11.33 -25.93
CA LYS E 134 19.44 10.84 -26.50
C LYS E 134 19.74 9.44 -25.98
N PRO E 135 19.36 8.41 -26.75
CA PRO E 135 19.76 7.04 -26.44
C PRO E 135 21.26 6.86 -26.66
N LYS E 136 21.84 5.85 -26.02
CA LYS E 136 23.29 5.66 -26.02
C LYS E 136 23.79 4.79 -27.17
N GLU E 137 22.88 4.01 -27.74
CA GLU E 137 23.20 3.14 -28.88
C GLU E 137 21.97 2.91 -29.76
N HIS E 138 22.20 2.88 -31.07
CA HIS E 138 21.16 2.56 -32.03
C HIS E 138 21.59 1.42 -32.94
N LYS E 139 20.96 0.26 -32.76
CA LYS E 139 21.23 -0.93 -33.58
C LYS E 139 20.22 -1.04 -34.72
N LYS E 140 20.72 -1.38 -35.90
CA LYS E 140 19.88 -1.50 -37.09
C LYS E 140 20.07 -2.83 -37.79
N LEU E 141 18.98 -3.58 -37.97
CA LEU E 141 19.04 -4.92 -38.57
C LEU E 141 18.62 -4.93 -40.05
N PHE E 142 19.40 -5.61 -40.87
CA PHE E 142 19.15 -5.67 -42.30
C PHE E 142 19.09 -7.12 -42.79
N LEU E 143 18.17 -7.39 -43.70
CA LEU E 143 18.17 -8.66 -44.40
C LEU E 143 19.27 -8.63 -45.45
N VAL E 144 20.12 -9.65 -45.43
CA VAL E 144 21.15 -9.81 -46.44
C VAL E 144 20.79 -10.96 -47.39
N GLN E 145 20.59 -10.63 -48.66
CA GLN E 145 20.29 -11.65 -49.66
C GLN E 145 21.57 -12.34 -50.13
N LEU E 146 21.66 -13.64 -49.82
CA LEU E 146 22.79 -14.46 -50.26
C LEU E 146 22.67 -14.87 -51.73
N GLN E 147 23.81 -15.21 -52.33
CA GLN E 147 23.86 -15.73 -53.70
C GLN E 147 23.54 -17.23 -53.65
N GLU E 148 23.37 -17.84 -54.83
CA GLU E 148 23.07 -19.28 -54.90
C GLU E 148 24.13 -20.14 -54.22
N LYS E 149 25.40 -19.83 -54.48
CA LYS E 149 26.53 -20.48 -53.82
C LYS E 149 27.53 -19.42 -53.38
N ALA E 150 28.22 -19.68 -52.26
CA ALA E 150 29.21 -18.74 -51.71
C ALA E 150 30.12 -19.38 -50.66
N LEU E 151 31.35 -18.87 -50.61
CA LEU E 151 32.34 -19.33 -49.65
C LEU E 151 32.56 -18.26 -48.59
N PHE E 152 32.59 -18.69 -47.34
CA PHE E 152 32.83 -17.78 -46.22
C PHE E 152 34.01 -18.29 -45.41
N ALA E 153 34.62 -17.38 -44.63
CA ALA E 153 35.70 -17.74 -43.75
C ALA E 153 35.38 -17.23 -42.36
N VAL E 154 35.30 -18.15 -41.40
CA VAL E 154 34.90 -17.81 -40.03
C VAL E 154 36.15 -17.70 -39.18
N PRO E 155 36.27 -16.59 -38.43
CA PRO E 155 37.38 -16.44 -37.49
C PRO E 155 37.35 -17.52 -36.41
N LYS E 156 38.52 -18.09 -36.12
CA LYS E 156 38.63 -19.29 -35.27
C LYS E 156 38.04 -19.19 -33.87
N ASN E 157 37.91 -17.97 -33.35
CA ASN E 157 37.25 -17.75 -32.07
C ASN E 157 35.72 -17.88 -32.18
N TYR E 158 35.23 -17.85 -33.42
CA TYR E 158 33.81 -18.03 -33.71
C TYR E 158 33.55 -19.39 -34.36
N LYS E 159 32.29 -19.83 -34.28
CA LYS E 159 31.80 -20.96 -35.06
C LYS E 159 30.40 -20.63 -35.54
N LEU E 160 30.06 -21.06 -36.75
CA LEU E 160 28.77 -20.74 -37.36
C LEU E 160 27.67 -21.78 -37.14
N VAL E 161 26.50 -21.33 -36.67
CA VAL E 161 25.30 -22.17 -36.58
C VAL E 161 24.22 -21.77 -37.59
N ALA E 162 23.48 -22.74 -38.08
CA ALA E 162 22.30 -22.46 -38.91
C ALA E 162 21.03 -22.71 -38.09
N ALA E 163 20.65 -21.72 -37.27
CA ALA E 163 19.48 -21.86 -36.39
C ALA E 163 18.13 -21.81 -37.12
N PRO E 164 17.32 -22.88 -36.98
CA PRO E 164 15.96 -22.88 -37.52
C PRO E 164 15.05 -21.92 -36.75
N LEU E 165 14.08 -21.31 -37.43
CA LEU E 165 13.22 -20.29 -36.84
C LEU E 165 12.54 -20.71 -35.52
N PHE E 166 12.03 -21.94 -35.47
CA PHE E 166 11.38 -22.43 -34.26
C PHE E 166 12.30 -22.47 -33.04
N GLU E 167 13.60 -22.61 -33.28
CA GLU E 167 14.58 -22.62 -32.19
C GLU E 167 14.75 -21.20 -31.64
N LEU E 168 14.50 -20.20 -32.48
CA LEU E 168 14.63 -18.80 -32.08
C LEU E 168 13.34 -18.24 -31.49
N TYR E 169 12.21 -18.61 -32.08
CA TYR E 169 10.92 -18.04 -31.70
C TYR E 169 10.63 -18.26 -30.22
N ASP E 170 10.39 -17.15 -29.51
CA ASP E 170 9.96 -17.16 -28.12
C ASP E 170 11.04 -17.73 -27.21
N ASN E 171 12.30 -17.51 -27.57
CA ASN E 171 13.44 -18.09 -26.85
C ASN E 171 14.49 -17.05 -26.49
N ALA E 172 14.08 -16.04 -25.72
CA ALA E 172 14.99 -14.99 -25.24
C ALA E 172 16.08 -15.52 -24.29
N PRO E 173 15.73 -16.45 -23.37
CA PRO E 173 16.81 -16.98 -22.52
C PRO E 173 17.89 -17.72 -23.30
N GLY E 174 17.55 -18.19 -24.49
CA GLY E 174 18.50 -18.89 -25.35
C GLY E 174 19.32 -17.99 -26.25
N TYR E 175 18.71 -16.92 -26.77
CA TYR E 175 19.33 -16.11 -27.83
C TYR E 175 19.21 -14.59 -27.65
N GLY E 176 18.63 -14.16 -26.52
CA GLY E 176 18.44 -12.74 -26.26
C GLY E 176 17.22 -12.16 -26.93
N PRO E 177 16.81 -10.95 -26.51
CA PRO E 177 15.59 -10.33 -27.03
C PRO E 177 15.61 -10.08 -28.53
N ILE E 178 16.78 -9.74 -29.08
CA ILE E 178 16.87 -9.34 -30.48
C ILE E 178 16.84 -10.54 -31.43
N ILE E 179 17.78 -11.48 -31.24
CA ILE E 179 17.87 -12.65 -32.11
C ILE E 179 16.58 -13.49 -32.05
N SER E 180 16.02 -13.66 -30.86
CA SER E 180 14.82 -14.49 -30.68
C SER E 180 13.56 -13.87 -31.29
N SER E 181 13.57 -12.57 -31.54
CA SER E 181 12.39 -11.89 -32.09
C SER E 181 12.37 -11.86 -33.62
N LEU E 182 13.36 -12.51 -34.24
CA LEU E 182 13.52 -12.44 -35.69
C LEU E 182 12.38 -13.05 -36.52
N PRO E 183 11.81 -14.20 -36.08
CA PRO E 183 10.83 -14.85 -36.95
C PRO E 183 9.63 -13.96 -37.31
N GLN E 184 9.20 -13.12 -36.38
CA GLN E 184 8.06 -12.24 -36.59
C GLN E 184 8.37 -11.24 -37.70
N LEU E 185 9.43 -10.46 -37.49
CA LEU E 185 9.90 -9.48 -38.47
C LEU E 185 10.15 -10.10 -39.85
N LEU E 186 10.63 -11.35 -39.87
CA LEU E 186 10.93 -12.05 -41.12
C LEU E 186 9.71 -12.62 -41.83
N SER E 187 8.59 -12.72 -41.11
CA SER E 187 7.40 -13.37 -41.66
C SER E 187 6.75 -12.63 -42.82
N ARG E 188 7.19 -11.39 -43.07
CA ARG E 188 6.60 -10.58 -44.14
C ARG E 188 7.17 -10.88 -45.53
N PHE E 189 8.26 -11.63 -45.57
CA PHE E 189 8.92 -11.95 -46.81
C PHE E 189 8.38 -13.22 -47.43
N ASN E 190 8.12 -13.17 -48.74
CA ASN E 190 7.79 -14.35 -49.52
C ASN E 190 9.08 -15.07 -49.87
N PHE E 191 9.36 -16.16 -49.16
CA PHE E 191 10.60 -16.91 -49.38
C PHE E 191 10.44 -18.00 -50.43
N ILE E 192 11.33 -17.99 -51.42
CA ILE E 192 11.42 -19.06 -52.41
C ILE E 192 12.45 -20.07 -51.93
N TYR E 193 12.07 -21.35 -51.94
CA TYR E 193 12.96 -22.44 -51.54
C TYR E 193 13.50 -23.18 -52.76
N ASN E 194 14.57 -22.63 -53.35
CA ASN E 194 15.25 -23.24 -54.50
C ASN E 194 16.04 -24.47 -54.08
N LEU E 195 16.00 -25.52 -54.90
CA LEU E 195 16.63 -26.79 -54.54
C LEU E 195 17.46 -27.35 -55.69
N GLU F 1 13.77 3.36 -44.18
CA GLU F 1 13.37 3.56 -45.60
C GLU F 1 11.96 4.14 -45.67
N ARG F 2 10.99 3.39 -45.14
CA ARG F 2 9.59 3.81 -45.11
C ARG F 2 9.31 4.87 -44.05
N THR F 3 8.74 5.98 -44.49
CA THR F 3 8.41 7.11 -43.64
C THR F 3 6.90 7.20 -43.43
N ILE F 4 6.46 7.10 -42.18
CA ILE F 4 5.04 7.09 -41.85
C ILE F 4 4.68 8.26 -40.92
N ASN F 5 3.66 9.02 -41.30
CA ASN F 5 3.14 10.12 -40.47
C ASN F 5 2.22 9.63 -39.37
N LEU F 6 2.52 10.02 -38.13
CA LEU F 6 1.64 9.71 -37.00
C LEU F 6 1.15 11.00 -36.35
N TYR F 7 -0.13 11.00 -36.01
CA TYR F 7 -0.79 12.17 -35.45
C TYR F 7 -1.33 11.84 -34.05
N PRO F 8 -1.56 12.88 -33.22
CA PRO F 8 -2.04 12.61 -31.87
C PRO F 8 -3.43 12.01 -31.88
N LEU F 9 -3.73 11.22 -30.85
CA LEU F 9 -5.01 10.54 -30.71
C LEU F 9 -6.19 11.50 -30.85
N THR F 10 -6.03 12.72 -30.33
CA THR F 10 -7.10 13.72 -30.28
C THR F 10 -7.47 14.33 -31.64
N ASN F 11 -6.70 14.01 -32.68
CA ASN F 11 -7.01 14.41 -34.05
C ASN F 11 -8.20 13.64 -34.60
N TYR F 12 -8.43 12.46 -34.03
CA TYR F 12 -9.46 11.54 -34.50
C TYR F 12 -10.66 11.49 -33.56
N THR F 13 -11.85 11.58 -34.13
CA THR F 13 -13.09 11.55 -33.37
C THR F 13 -13.77 10.17 -33.48
N PHE F 14 -14.20 9.63 -32.33
CA PHE F 14 -14.79 8.29 -32.27
C PHE F 14 -16.28 8.30 -31.94
N GLY F 15 -17.11 8.30 -32.99
CA GLY F 15 -18.55 8.17 -32.82
C GLY F 15 -18.96 6.75 -32.47
N THR F 16 -20.26 6.47 -32.56
CA THR F 16 -20.80 5.14 -32.29
C THR F 16 -21.72 4.66 -33.40
N LYS F 17 -21.85 3.35 -33.53
CA LYS F 17 -22.82 2.73 -34.44
C LYS F 17 -23.39 1.44 -33.85
N GLU F 18 -24.33 0.84 -34.57
CA GLU F 18 -25.00 -0.38 -34.12
C GLU F 18 -24.03 -1.55 -33.91
N PRO F 19 -24.27 -2.36 -32.86
CA PRO F 19 -23.41 -3.49 -32.49
C PRO F 19 -23.12 -4.46 -33.63
N LEU F 20 -21.97 -5.11 -33.56
CA LEU F 20 -21.56 -6.08 -34.57
C LEU F 20 -21.05 -7.35 -33.89
N TYR F 21 -21.74 -8.47 -34.16
CA TYR F 21 -21.42 -9.74 -33.50
C TYR F 21 -20.68 -10.71 -34.41
N GLU F 22 -19.84 -11.54 -33.80
CA GLU F 22 -19.04 -12.53 -34.53
C GLU F 22 -19.90 -13.71 -34.93
N LYS F 23 -19.56 -14.33 -36.07
CA LYS F 23 -20.29 -15.49 -36.57
C LYS F 23 -20.34 -16.64 -35.55
N ASP F 24 -19.25 -16.79 -34.79
CA ASP F 24 -19.13 -17.87 -33.83
C ASP F 24 -19.41 -17.40 -32.40
N SER F 25 -20.39 -18.03 -31.77
CA SER F 25 -20.80 -17.70 -30.40
C SER F 25 -19.92 -18.35 -29.33
N SER F 26 -19.20 -19.39 -29.71
CA SER F 26 -18.32 -20.11 -28.79
C SER F 26 -16.98 -20.48 -29.42
N VAL F 27 -16.02 -20.87 -28.59
CA VAL F 27 -14.70 -21.32 -29.04
C VAL F 27 -14.81 -22.62 -29.83
N ALA F 28 -15.63 -23.55 -29.32
CA ALA F 28 -15.83 -24.85 -29.95
C ALA F 28 -16.52 -24.77 -31.32
N ALA F 29 -17.37 -23.75 -31.49
CA ALA F 29 -18.08 -23.54 -32.76
C ALA F 29 -17.18 -22.91 -33.82
N ARG F 30 -16.18 -22.15 -33.37
CA ARG F 30 -15.23 -21.50 -34.28
C ARG F 30 -14.37 -22.51 -35.04
N PHE F 31 -13.87 -23.52 -34.32
CA PHE F 31 -13.10 -24.60 -34.91
C PHE F 31 -14.00 -25.58 -35.64
N GLN F 32 -15.26 -25.67 -35.21
CA GLN F 32 -16.25 -26.51 -35.88
C GLN F 32 -16.53 -26.00 -37.30
N ARG F 33 -16.85 -24.71 -37.42
CA ARG F 33 -17.11 -24.09 -38.71
C ARG F 33 -15.87 -24.14 -39.61
N MET F 34 -14.70 -24.04 -39.00
CA MET F 34 -13.44 -24.05 -39.73
C MET F 34 -13.16 -25.38 -40.44
N ARG F 35 -13.40 -26.50 -39.75
CA ARG F 35 -13.19 -27.84 -40.33
C ARG F 35 -14.12 -28.09 -41.51
N GLU F 36 -15.35 -27.61 -41.39
CA GLU F 36 -16.38 -27.76 -42.42
C GLU F 36 -16.05 -26.94 -43.66
N GLU F 37 -15.64 -25.69 -43.46
CA GLU F 37 -15.29 -24.79 -44.55
C GLU F 37 -13.97 -25.18 -45.21
N PHE F 38 -13.10 -25.83 -44.45
CA PHE F 38 -11.81 -26.29 -44.96
C PHE F 38 -12.00 -27.37 -46.02
N ASP F 39 -12.87 -28.33 -45.73
CA ASP F 39 -13.13 -29.45 -46.63
C ASP F 39 -13.87 -29.05 -47.90
N LYS F 40 -14.43 -27.85 -47.92
CA LYS F 40 -15.19 -27.38 -49.08
C LYS F 40 -14.45 -26.35 -49.95
N ILE F 41 -13.88 -25.31 -49.31
CA ILE F 41 -13.21 -24.23 -50.05
C ILE F 41 -11.72 -24.03 -49.70
N GLY F 42 -11.18 -24.92 -48.86
CA GLY F 42 -9.77 -24.90 -48.51
C GLY F 42 -9.38 -24.01 -47.35
N MET F 43 -8.13 -23.54 -47.40
CA MET F 43 -7.52 -22.75 -46.33
C MET F 43 -8.18 -21.38 -46.15
N ARG F 44 -8.47 -21.02 -44.90
CA ARG F 44 -9.04 -19.72 -44.59
C ARG F 44 -7.99 -18.62 -44.66
N ARG F 45 -8.36 -17.51 -45.30
CA ARG F 45 -7.49 -16.36 -45.42
C ARG F 45 -8.02 -15.19 -44.59
N THR F 46 -7.18 -14.68 -43.69
CA THR F 46 -7.57 -13.59 -42.80
C THR F 46 -6.67 -12.39 -43.05
N VAL F 47 -7.23 -11.19 -42.88
CA VAL F 47 -6.45 -9.96 -42.98
C VAL F 47 -6.76 -9.07 -41.78
N GLU F 48 -5.74 -8.38 -41.28
CA GLU F 48 -5.91 -7.49 -40.13
C GLU F 48 -5.12 -6.21 -40.29
N GLY F 49 -5.75 -5.09 -39.92
CA GLY F 49 -5.10 -3.79 -40.03
C GLY F 49 -4.54 -3.28 -38.71
N VAL F 50 -3.36 -2.65 -38.80
CA VAL F 50 -2.71 -2.05 -37.65
C VAL F 50 -2.72 -0.53 -37.81
N LEU F 51 -3.73 0.11 -37.21
CA LEU F 51 -3.86 1.55 -37.19
C LEU F 51 -2.98 2.15 -36.10
N ILE F 52 -2.04 3.00 -36.51
CA ILE F 52 -1.11 3.58 -35.56
C ILE F 52 -1.35 5.09 -35.36
N VAL F 53 -1.58 5.46 -34.10
CA VAL F 53 -1.55 6.86 -33.70
C VAL F 53 -0.30 7.04 -32.83
N HIS F 54 -0.21 8.18 -32.14
CA HIS F 54 0.86 8.39 -31.16
C HIS F 54 0.40 9.29 -30.03
N GLU F 55 1.02 9.10 -28.86
CA GLU F 55 0.89 10.01 -27.75
C GLU F 55 2.27 10.27 -27.20
N HIS F 56 2.54 11.54 -26.90
CA HIS F 56 3.81 11.98 -26.32
C HIS F 56 5.03 11.44 -27.10
N ARG F 57 4.89 11.43 -28.43
CA ARG F 57 5.95 10.96 -29.34
C ARG F 57 6.33 9.50 -29.11
N LEU F 58 5.31 8.67 -28.94
CA LEU F 58 5.49 7.22 -28.83
C LEU F 58 4.29 6.53 -29.48
N PRO F 59 4.55 5.60 -30.41
CA PRO F 59 3.50 4.94 -31.19
C PRO F 59 2.47 4.21 -30.34
N HIS F 60 1.20 4.33 -30.73
CA HIS F 60 0.09 3.63 -30.07
C HIS F 60 -0.72 2.85 -31.07
N VAL F 61 -0.92 1.56 -30.80
CA VAL F 61 -1.72 0.70 -31.69
C VAL F 61 -3.19 0.72 -31.26
N LEU F 62 -4.09 1.02 -32.20
CA LEU F 62 -5.52 0.99 -31.92
C LEU F 62 -6.03 -0.46 -31.90
N LEU F 63 -6.72 -0.79 -30.82
CA LEU F 63 -7.27 -2.13 -30.63
C LEU F 63 -8.74 -2.06 -30.25
N LEU F 64 -9.49 -3.10 -30.64
CA LEU F 64 -10.88 -3.25 -30.25
C LEU F 64 -10.94 -4.11 -29.00
N GLN F 65 -11.50 -3.56 -27.92
CA GLN F 65 -11.61 -4.26 -26.65
C GLN F 65 -13.04 -4.75 -26.43
N LEU F 66 -13.19 -6.06 -26.27
CA LEU F 66 -14.47 -6.65 -25.89
C LEU F 66 -14.33 -7.22 -24.49
N GLY F 67 -14.98 -6.55 -23.52
CA GLY F 67 -14.88 -6.97 -22.12
C GLY F 67 -13.62 -6.44 -21.44
N THR F 68 -13.06 -7.26 -20.55
CA THR F 68 -11.93 -6.83 -19.71
C THR F 68 -10.58 -7.23 -20.27
N THR F 69 -10.48 -8.46 -20.78
CA THR F 69 -9.17 -9.02 -21.15
C THR F 69 -8.92 -9.18 -22.65
N PHE F 70 -9.97 -9.41 -23.43
CA PHE F 70 -9.81 -9.76 -24.86
C PHE F 70 -9.71 -8.57 -25.83
N PHE F 71 -8.51 -8.37 -26.37
CA PHE F 71 -8.24 -7.31 -27.37
C PHE F 71 -8.09 -7.92 -28.76
N LYS F 72 -8.55 -7.21 -29.79
CA LYS F 72 -8.35 -7.66 -31.17
C LYS F 72 -8.16 -6.50 -32.16
N LEU F 73 -7.41 -6.77 -33.22
CA LEU F 73 -7.21 -5.80 -34.28
C LEU F 73 -8.45 -5.76 -35.19
N PRO F 74 -8.67 -4.61 -35.88
CA PRO F 74 -9.73 -4.60 -36.89
C PRO F 74 -9.37 -5.47 -38.09
N GLY F 75 -10.32 -6.28 -38.54
CA GLY F 75 -10.12 -7.20 -39.65
C GLY F 75 -11.12 -8.33 -39.65
N GLY F 76 -10.91 -9.30 -40.54
CA GLY F 76 -11.81 -10.44 -40.68
C GLY F 76 -11.37 -11.38 -41.78
N GLU F 77 -12.26 -12.28 -42.19
CA GLU F 77 -11.91 -13.27 -43.19
C GLU F 77 -12.34 -12.88 -44.61
N LEU F 78 -11.46 -13.15 -45.57
CA LEU F 78 -11.71 -12.85 -46.98
C LEU F 78 -12.71 -13.84 -47.57
N ASN F 79 -13.54 -13.34 -48.48
CA ASN F 79 -14.43 -14.22 -49.24
C ASN F 79 -13.62 -14.92 -50.32
N PRO F 80 -14.07 -16.13 -50.74
CA PRO F 80 -13.33 -16.90 -51.76
C PRO F 80 -13.14 -16.13 -53.08
N GLY F 81 -11.87 -15.93 -53.46
CA GLY F 81 -11.52 -15.21 -54.68
C GLY F 81 -11.22 -13.73 -54.50
N GLU F 82 -11.38 -13.25 -53.26
CA GLU F 82 -11.21 -11.82 -52.96
C GLU F 82 -9.75 -11.40 -52.84
N ASP F 83 -9.45 -10.17 -53.24
CA ASP F 83 -8.12 -9.59 -53.11
C ASP F 83 -7.85 -9.15 -51.68
N GLU F 84 -6.63 -9.36 -51.21
CA GLU F 84 -6.24 -9.11 -49.81
C GLU F 84 -6.46 -7.67 -49.35
N VAL F 85 -6.00 -6.71 -50.16
CA VAL F 85 -6.10 -5.29 -49.81
C VAL F 85 -7.55 -4.80 -49.93
N GLU F 86 -8.22 -5.15 -51.03
CA GLU F 86 -9.63 -4.79 -51.23
C GLU F 86 -10.53 -5.40 -50.17
N GLY F 87 -10.21 -6.61 -49.74
CA GLY F 87 -10.95 -7.29 -48.69
C GLY F 87 -10.83 -6.59 -47.35
N LEU F 88 -9.62 -6.15 -47.02
CA LEU F 88 -9.37 -5.44 -45.77
C LEU F 88 -10.08 -4.09 -45.71
N LYS F 89 -10.00 -3.34 -46.81
CA LYS F 89 -10.70 -2.05 -46.94
C LYS F 89 -12.19 -2.23 -46.67
N ARG F 90 -12.79 -3.21 -47.35
CA ARG F 90 -14.18 -3.60 -47.12
C ARG F 90 -14.43 -3.89 -45.64
N LEU F 91 -13.58 -4.74 -45.06
CA LEU F 91 -13.72 -5.14 -43.67
C LEU F 91 -13.55 -3.96 -42.71
N MET F 92 -12.61 -3.06 -43.02
CA MET F 92 -12.39 -1.84 -42.24
C MET F 92 -13.61 -0.94 -42.22
N THR F 93 -14.27 -0.81 -43.37
CA THR F 93 -15.47 0.01 -43.49
C THR F 93 -16.59 -0.61 -42.65
N GLU F 94 -16.74 -1.92 -42.74
CA GLU F 94 -17.72 -2.68 -41.96
C GLU F 94 -17.62 -2.39 -40.46
N ILE F 95 -16.38 -2.33 -39.96
CA ILE F 95 -16.14 -2.28 -38.52
C ILE F 95 -15.93 -0.86 -37.97
N LEU F 96 -15.11 -0.06 -38.65
CA LEU F 96 -14.76 1.28 -38.15
C LEU F 96 -15.27 2.43 -39.01
N GLY F 97 -15.63 2.13 -40.26
CA GLY F 97 -16.04 3.14 -41.23
C GLY F 97 -17.15 4.08 -40.77
N ARG F 98 -17.02 5.36 -41.14
CA ARG F 98 -18.01 6.38 -40.81
C ARG F 98 -19.37 6.08 -41.45
N GLN F 99 -20.43 6.52 -40.77
CA GLN F 99 -21.81 6.13 -41.09
C GLN F 99 -22.66 7.27 -41.64
N ASP F 100 -22.09 8.17 -42.42
CA ASP F 100 -22.81 9.40 -42.81
C ASP F 100 -22.80 9.78 -44.30
N GLY F 101 -22.34 8.89 -45.16
CA GLY F 101 -22.40 9.15 -46.60
C GLY F 101 -21.26 9.94 -47.20
N VAL F 102 -20.36 10.42 -46.35
CA VAL F 102 -19.11 10.99 -46.84
C VAL F 102 -18.13 9.84 -47.03
N LEU F 103 -17.41 9.86 -48.14
CA LEU F 103 -16.44 8.82 -48.47
C LEU F 103 -15.19 8.93 -47.60
N GLN F 104 -14.87 7.84 -46.91
CA GLN F 104 -13.64 7.71 -46.13
C GLN F 104 -12.75 6.64 -46.77
N ASP F 105 -11.60 7.07 -47.28
CA ASP F 105 -10.67 6.16 -47.93
C ASP F 105 -9.66 5.57 -46.95
N TRP F 106 -9.24 4.35 -47.22
CA TRP F 106 -8.21 3.67 -46.42
C TRP F 106 -6.92 3.59 -47.22
N VAL F 107 -5.83 4.05 -46.62
CA VAL F 107 -4.52 3.92 -47.25
C VAL F 107 -3.78 2.73 -46.64
N ILE F 108 -3.75 1.63 -47.40
CA ILE F 108 -3.13 0.38 -46.97
C ILE F 108 -2.07 0.00 -47.99
N ASP F 109 -0.80 0.04 -47.57
CA ASP F 109 0.31 -0.17 -48.51
C ASP F 109 1.39 -1.18 -48.08
N ASP F 110 1.43 -1.52 -46.78
CA ASP F 110 2.59 -2.25 -46.25
C ASP F 110 2.23 -3.47 -45.42
N CYS F 111 2.65 -4.64 -45.88
CA CYS F 111 2.50 -5.88 -45.12
C CYS F 111 3.54 -5.96 -44.01
N ILE F 112 3.12 -6.33 -42.81
CA ILE F 112 4.03 -6.36 -41.67
C ILE F 112 4.16 -7.73 -40.99
N GLY F 113 3.35 -8.69 -41.44
CA GLY F 113 3.43 -10.04 -40.88
C GLY F 113 2.59 -11.08 -41.59
N ASN F 114 2.95 -12.34 -41.37
CA ASN F 114 2.16 -13.51 -41.80
C ASN F 114 2.11 -14.54 -40.70
N TRP F 115 0.92 -14.98 -40.34
CA TRP F 115 0.75 -15.97 -39.29
C TRP F 115 -0.05 -17.15 -39.79
N TRP F 116 0.44 -18.36 -39.48
CA TRP F 116 -0.19 -19.60 -39.90
C TRP F 116 -0.67 -20.40 -38.71
N ARG F 117 -1.89 -20.92 -38.84
CA ARG F 117 -2.48 -21.81 -37.85
C ARG F 117 -2.39 -23.24 -38.38
N PRO F 118 -1.46 -24.05 -37.83
CA PRO F 118 -1.20 -25.38 -38.39
C PRO F 118 -2.33 -26.39 -38.20
N ASN F 119 -3.16 -26.19 -37.18
CA ASN F 119 -4.25 -27.12 -36.86
C ASN F 119 -5.55 -26.42 -36.47
N PHE F 120 -6.61 -27.19 -36.27
CA PHE F 120 -7.87 -26.63 -35.79
C PHE F 120 -7.78 -26.39 -34.28
N GLU F 121 -6.76 -25.65 -33.89
CA GLU F 121 -6.47 -25.32 -32.49
C GLU F 121 -6.09 -23.84 -32.40
N PRO F 122 -6.02 -23.27 -31.18
CA PRO F 122 -5.64 -21.84 -31.03
C PRO F 122 -4.24 -21.39 -31.52
N PRO F 123 -3.17 -22.21 -31.31
CA PRO F 123 -1.80 -21.70 -31.56
C PRO F 123 -1.48 -21.27 -33.00
N GLN F 124 -0.77 -20.15 -33.13
CA GLN F 124 -0.34 -19.62 -34.43
C GLN F 124 1.16 -19.29 -34.41
N TYR F 125 1.77 -19.24 -35.60
CA TYR F 125 3.22 -19.03 -35.72
C TYR F 125 3.57 -18.13 -36.92
N PRO F 126 4.68 -17.39 -36.84
CA PRO F 126 5.10 -16.58 -37.98
C PRO F 126 5.86 -17.39 -39.04
N TYR F 127 5.62 -18.70 -39.08
CA TYR F 127 6.22 -19.62 -40.05
C TYR F 127 5.37 -20.89 -40.06
N ILE F 128 5.56 -21.74 -41.06
CA ILE F 128 4.87 -23.02 -41.12
C ILE F 128 5.82 -24.10 -40.60
N PRO F 129 5.44 -24.81 -39.53
CA PRO F 129 6.28 -25.90 -39.01
C PRO F 129 6.58 -26.93 -40.08
N ALA F 130 7.81 -27.45 -40.07
CA ALA F 130 8.32 -28.29 -41.17
C ALA F 130 7.52 -29.57 -41.42
N HIS F 131 6.68 -29.96 -40.47
CA HIS F 131 5.88 -31.18 -40.61
C HIS F 131 4.45 -30.89 -41.07
N ILE F 132 4.16 -29.62 -41.32
CA ILE F 132 2.83 -29.21 -41.77
C ILE F 132 2.88 -28.86 -43.24
N THR F 133 2.05 -29.52 -44.04
CA THR F 133 1.95 -29.29 -45.47
C THR F 133 0.67 -28.57 -45.84
N LYS F 134 -0.33 -28.67 -44.97
CA LYS F 134 -1.62 -28.03 -45.20
C LYS F 134 -2.06 -27.23 -43.97
N PRO F 135 -1.61 -25.97 -43.86
CA PRO F 135 -2.08 -25.09 -42.78
C PRO F 135 -3.57 -24.81 -42.92
N LYS F 136 -4.25 -24.59 -41.80
CA LYS F 136 -5.69 -24.36 -41.81
C LYS F 136 -6.04 -22.90 -42.06
N GLU F 137 -5.28 -21.99 -41.44
CA GLU F 137 -5.50 -20.56 -41.59
C GLU F 137 -4.20 -19.83 -41.93
N HIS F 138 -4.33 -18.79 -42.74
CA HIS F 138 -3.22 -17.89 -43.06
C HIS F 138 -3.63 -16.43 -42.84
N LYS F 139 -3.21 -15.89 -41.70
CA LYS F 139 -3.51 -14.51 -41.31
C LYS F 139 -2.45 -13.54 -41.82
N LYS F 140 -2.90 -12.41 -42.35
CA LYS F 140 -2.02 -11.40 -42.94
C LYS F 140 -2.26 -10.01 -42.33
N LEU F 141 -1.18 -9.37 -41.89
CA LEU F 141 -1.23 -8.08 -41.21
C LEU F 141 -0.75 -6.93 -42.10
N PHE F 142 -1.54 -5.86 -42.16
CA PHE F 142 -1.18 -4.68 -42.95
C PHE F 142 -1.16 -3.43 -42.09
N LEU F 143 -0.21 -2.55 -42.37
CA LEU F 143 -0.18 -1.26 -41.71
C LEU F 143 -1.16 -0.32 -42.41
N VAL F 144 -2.07 0.26 -41.64
CA VAL F 144 -3.03 1.21 -42.16
C VAL F 144 -2.56 2.62 -41.82
N GLN F 145 -2.33 3.45 -42.85
CA GLN F 145 -1.87 4.82 -42.66
C GLN F 145 -3.06 5.75 -42.50
N LEU F 146 -3.19 6.34 -41.31
CA LEU F 146 -4.25 7.28 -41.05
C LEU F 146 -3.94 8.65 -41.64
N GLN F 147 -4.98 9.34 -42.10
CA GLN F 147 -4.86 10.72 -42.55
C GLN F 147 -4.77 11.64 -41.32
N GLU F 148 -4.57 12.93 -41.58
CA GLU F 148 -4.38 13.92 -40.52
C GLU F 148 -5.59 14.02 -39.58
N LYS F 149 -6.79 13.94 -40.15
CA LYS F 149 -8.05 13.96 -39.41
C LYS F 149 -9.02 12.95 -40.02
N ALA F 150 -9.71 12.21 -39.16
CA ALA F 150 -10.64 11.17 -39.60
C ALA F 150 -11.76 10.94 -38.59
N LEU F 151 -12.95 10.66 -39.09
CA LEU F 151 -14.08 10.28 -38.24
C LEU F 151 -14.28 8.77 -38.30
N PHE F 152 -14.37 8.14 -37.12
CA PHE F 152 -14.64 6.70 -37.04
C PHE F 152 -15.97 6.43 -36.33
N ALA F 153 -16.42 5.18 -36.41
CA ALA F 153 -17.67 4.78 -35.76
C ALA F 153 -17.54 3.38 -35.18
N VAL F 154 -17.20 3.33 -33.89
CA VAL F 154 -16.97 2.08 -33.16
C VAL F 154 -18.30 1.44 -32.74
N PRO F 155 -18.50 0.13 -33.04
CA PRO F 155 -19.72 -0.58 -32.69
C PRO F 155 -19.94 -0.60 -31.19
N LYS F 156 -21.19 -0.41 -30.76
CA LYS F 156 -21.52 -0.23 -29.33
C LYS F 156 -20.97 -1.30 -28.39
N ASN F 157 -20.95 -2.55 -28.85
CA ASN F 157 -20.46 -3.67 -28.04
C ASN F 157 -18.95 -3.64 -27.78
N TYR F 158 -18.20 -3.02 -28.69
CA TYR F 158 -16.75 -2.88 -28.56
C TYR F 158 -16.36 -1.52 -27.98
N LYS F 159 -15.11 -1.43 -27.52
CA LYS F 159 -14.50 -0.17 -27.13
C LYS F 159 -13.13 -0.08 -27.80
N LEU F 160 -12.77 1.12 -28.25
CA LEU F 160 -11.50 1.33 -28.95
C LEU F 160 -10.45 1.95 -28.05
N VAL F 161 -9.40 1.21 -27.76
CA VAL F 161 -8.30 1.71 -26.94
C VAL F 161 -7.02 1.90 -27.74
N ALA F 162 -6.24 2.92 -27.36
CA ALA F 162 -4.92 3.12 -27.92
C ALA F 162 -3.90 2.55 -26.95
N ALA F 163 -3.26 1.45 -27.35
CA ALA F 163 -2.28 0.79 -26.51
C ALA F 163 -0.84 1.19 -26.88
N PRO F 164 -0.10 1.76 -25.92
CA PRO F 164 1.29 2.18 -26.11
C PRO F 164 2.23 0.99 -26.35
N LEU F 165 3.27 1.22 -27.16
CA LEU F 165 4.18 0.17 -27.58
C LEU F 165 4.89 -0.59 -26.44
N PHE F 166 5.14 0.10 -25.33
CA PHE F 166 5.80 -0.55 -24.18
C PHE F 166 4.88 -1.50 -23.42
N GLU F 167 3.58 -1.21 -23.43
CA GLU F 167 2.57 -2.06 -22.80
C GLU F 167 2.44 -3.39 -23.53
N LEU F 168 2.47 -3.32 -24.86
CA LEU F 168 2.41 -4.50 -25.71
C LEU F 168 3.66 -5.35 -25.59
N TYR F 169 4.81 -4.68 -25.63
CA TYR F 169 6.11 -5.37 -25.69
C TYR F 169 6.28 -6.41 -24.61
N ASP F 170 6.51 -7.65 -25.04
CA ASP F 170 6.84 -8.78 -24.15
C ASP F 170 5.70 -9.08 -23.17
N ASN F 171 4.47 -8.95 -23.64
CA ASN F 171 3.27 -9.13 -22.82
C ASN F 171 2.23 -10.00 -23.51
N ALA F 172 2.64 -11.20 -23.90
CA ALA F 172 1.74 -12.20 -24.47
C ALA F 172 0.58 -12.60 -23.52
N PRO F 173 0.86 -12.72 -22.20
CA PRO F 173 -0.26 -12.91 -21.27
C PRO F 173 -1.33 -11.82 -21.43
N GLY F 174 -0.90 -10.59 -21.68
CA GLY F 174 -1.82 -9.48 -21.90
C GLY F 174 -2.57 -9.55 -23.22
N TYR F 175 -1.84 -9.73 -24.32
CA TYR F 175 -2.41 -9.49 -25.64
C TYR F 175 -2.33 -10.64 -26.66
N GLY F 176 -1.66 -11.73 -26.31
CA GLY F 176 -1.47 -12.86 -27.22
C GLY F 176 -0.18 -12.70 -28.02
N PRO F 177 0.28 -13.78 -28.69
CA PRO F 177 1.58 -13.77 -29.36
C PRO F 177 1.68 -12.84 -30.58
N ILE F 178 0.55 -12.50 -31.21
CA ILE F 178 0.57 -11.67 -32.42
C ILE F 178 0.65 -10.19 -32.08
N ILE F 179 -0.37 -9.68 -31.40
CA ILE F 179 -0.41 -8.29 -30.98
C ILE F 179 0.83 -7.89 -30.14
N SER F 180 1.17 -8.71 -29.16
CA SER F 180 2.28 -8.40 -28.25
C SER F 180 3.65 -8.43 -28.93
N SER F 181 3.71 -9.00 -30.13
CA SER F 181 4.93 -8.99 -30.92
C SER F 181 4.90 -7.93 -32.01
N LEU F 182 3.96 -6.98 -31.89
CA LEU F 182 3.89 -5.87 -32.85
C LEU F 182 5.09 -4.91 -32.80
N PRO F 183 5.59 -4.55 -31.60
CA PRO F 183 6.70 -3.57 -31.54
C PRO F 183 7.91 -3.96 -32.42
N GLN F 184 8.27 -5.23 -32.39
CA GLN F 184 9.40 -5.74 -33.15
C GLN F 184 9.21 -5.54 -34.65
N LEU F 185 8.07 -6.01 -35.16
CA LEU F 185 7.73 -5.85 -36.58
C LEU F 185 7.60 -4.36 -36.99
N LEU F 186 7.10 -3.53 -36.08
CA LEU F 186 6.83 -2.11 -36.36
C LEU F 186 8.06 -1.20 -36.25
N SER F 187 9.14 -1.70 -35.68
CA SER F 187 10.33 -0.88 -35.45
C SER F 187 11.05 -0.46 -36.74
N ARG F 188 10.75 -1.15 -37.84
CA ARG F 188 11.38 -0.85 -39.14
C ARG F 188 10.95 0.46 -39.78
N PHE F 189 9.80 0.99 -39.37
CA PHE F 189 9.29 2.23 -39.93
C PHE F 189 9.91 3.45 -39.27
N ASN F 190 10.04 4.53 -40.03
CA ASN F 190 10.51 5.79 -39.50
C ASN F 190 9.32 6.72 -39.31
N PHE F 191 8.78 6.69 -38.10
CA PHE F 191 7.59 7.48 -37.76
C PHE F 191 7.94 8.94 -37.49
N ILE F 192 7.11 9.83 -38.01
CA ILE F 192 7.16 11.24 -37.65
C ILE F 192 5.99 11.50 -36.72
N TYR F 193 6.28 12.03 -35.54
CA TYR F 193 5.25 12.34 -34.56
C TYR F 193 4.82 13.78 -34.73
N ASN F 194 3.71 13.96 -35.45
CA ASN F 194 3.14 15.28 -35.69
C ASN F 194 2.30 15.70 -34.48
N LEU F 195 2.34 16.99 -34.17
CA LEU F 195 1.65 17.50 -32.98
C LEU F 195 0.29 18.11 -33.32
N GLU F 196 -0.51 18.37 -32.30
CA GLU F 196 -1.82 19.01 -32.48
C GLU F 196 -1.63 20.44 -32.99
N HIS F 197 -2.51 20.87 -33.89
CA HIS F 197 -2.50 22.24 -34.40
C HIS F 197 -2.85 23.24 -33.29
N ARG G 1 -10.79 -46.56 -33.42
CA ARG G 1 -10.79 -48.03 -33.20
C ARG G 1 -9.47 -48.52 -32.61
N ILE G 2 -8.49 -48.74 -33.48
CA ILE G 2 -7.16 -49.21 -33.07
C ILE G 2 -6.15 -48.09 -33.24
N ALA G 3 -5.48 -47.73 -32.14
CA ALA G 3 -4.54 -46.62 -32.12
C ALA G 3 -3.12 -47.06 -31.81
N LEU G 4 -2.19 -46.65 -32.66
CA LEU G 4 -0.78 -46.96 -32.49
C LEU G 4 0.02 -45.67 -32.31
N TYR G 5 1.17 -45.79 -31.64
CA TYR G 5 2.15 -44.72 -31.58
C TYR G 5 3.25 -45.00 -32.58
N ILE G 6 3.38 -44.12 -33.57
CA ILE G 6 4.54 -44.15 -34.44
C ILE G 6 5.53 -43.13 -33.90
N GLY G 7 6.72 -43.58 -33.54
CA GLY G 7 7.74 -42.73 -32.95
C GLY G 7 9.04 -42.71 -33.72
N ASN G 8 10.06 -42.07 -33.15
CA ASN G 8 11.38 -41.96 -33.75
C ASN G 8 11.37 -41.29 -35.14
N LEU G 9 10.43 -40.37 -35.35
CA LEU G 9 10.34 -39.63 -36.61
C LEU G 9 11.10 -38.33 -36.49
N THR G 10 11.77 -37.93 -37.57
CA THR G 10 12.40 -36.62 -37.63
C THR G 10 11.31 -35.56 -37.51
N TRP G 11 11.69 -34.35 -37.11
CA TRP G 11 10.72 -33.26 -36.95
C TRP G 11 10.25 -32.68 -38.29
N TRP G 12 10.85 -33.12 -39.39
CA TRP G 12 10.40 -32.69 -40.71
C TRP G 12 9.62 -33.77 -41.47
N THR G 13 9.29 -34.87 -40.79
CA THR G 13 8.42 -35.90 -41.33
C THR G 13 6.95 -35.45 -41.28
N THR G 14 6.33 -35.35 -42.45
CA THR G 14 4.99 -34.76 -42.57
C THR G 14 3.88 -35.80 -42.47
N ASP G 15 2.65 -35.31 -42.35
CA ASP G 15 1.45 -36.15 -42.38
C ASP G 15 1.37 -36.95 -43.68
N GLU G 16 1.72 -36.30 -44.80
CA GLU G 16 1.73 -36.93 -46.11
C GLU G 16 2.78 -38.04 -46.19
N ASP G 17 4.00 -37.74 -45.74
CA ASP G 17 5.11 -38.70 -45.72
C ASP G 17 4.67 -40.01 -45.05
N LEU G 18 4.10 -39.87 -43.86
CA LEU G 18 3.66 -41.01 -43.06
C LEU G 18 2.49 -41.76 -43.72
N THR G 19 1.56 -41.00 -44.31
CA THR G 19 0.42 -41.56 -45.04
C THR G 19 0.89 -42.41 -46.23
N GLU G 20 1.91 -41.93 -46.92
CA GLU G 20 2.48 -42.62 -48.07
C GLU G 20 3.24 -43.88 -47.67
N ALA G 21 3.88 -43.85 -46.50
CA ALA G 21 4.64 -45.01 -46.00
C ALA G 21 3.72 -46.16 -45.59
N VAL G 22 2.61 -45.82 -44.96
CA VAL G 22 1.56 -46.78 -44.62
C VAL G 22 0.95 -47.38 -45.89
N HIS G 23 0.57 -46.52 -46.83
CA HIS G 23 -0.01 -46.93 -48.10
C HIS G 23 0.91 -47.87 -48.90
N SER G 24 2.21 -47.57 -48.88
CA SER G 24 3.21 -48.42 -49.54
C SER G 24 3.31 -49.80 -48.93
N LEU G 25 3.06 -49.89 -47.62
CA LEU G 25 3.10 -51.15 -46.90
C LEU G 25 1.81 -51.96 -47.09
N GLY G 26 0.74 -51.30 -47.50
CA GLY G 26 -0.51 -51.98 -47.81
C GLY G 26 -1.76 -51.44 -47.14
N VAL G 27 -1.63 -50.96 -45.90
CA VAL G 27 -2.78 -50.48 -45.12
C VAL G 27 -3.45 -49.27 -45.75
N ASN G 28 -4.76 -49.35 -45.93
CA ASN G 28 -5.55 -48.31 -46.62
C ASN G 28 -6.61 -47.65 -45.77
N ASP G 29 -6.85 -48.21 -44.58
CA ASP G 29 -7.88 -47.73 -43.66
C ASP G 29 -7.30 -46.88 -42.53
N ILE G 30 -6.59 -45.81 -42.91
CA ILE G 30 -6.08 -44.85 -41.92
C ILE G 30 -7.18 -43.88 -41.50
N LEU G 31 -7.54 -43.95 -40.22
CA LEU G 31 -8.60 -43.09 -39.67
C LEU G 31 -8.13 -41.67 -39.39
N GLU G 32 -7.08 -41.53 -38.57
CA GLU G 32 -6.57 -40.22 -38.19
C GLU G 32 -5.07 -40.22 -37.88
N ILE G 33 -4.41 -39.10 -38.18
CA ILE G 33 -3.00 -38.91 -37.85
C ILE G 33 -2.82 -37.64 -37.00
N LYS G 34 -2.45 -37.83 -35.74
CA LYS G 34 -2.31 -36.73 -34.80
C LYS G 34 -0.85 -36.57 -34.35
N PHE G 35 -0.22 -35.48 -34.77
CA PHE G 35 1.17 -35.21 -34.40
C PHE G 35 1.28 -34.57 -33.03
N PHE G 36 2.24 -35.06 -32.25
CA PHE G 36 2.58 -34.44 -30.96
C PHE G 36 3.66 -33.40 -31.18
N GLU G 37 3.40 -32.18 -30.73
CA GLU G 37 4.24 -31.05 -31.05
C GLU G 37 4.42 -30.10 -29.88
N ASN G 38 5.63 -29.54 -29.77
CA ASN G 38 5.94 -28.52 -28.77
C ASN G 38 5.06 -27.29 -28.98
N ARG G 39 4.11 -27.08 -28.07
CA ARG G 39 3.13 -25.99 -28.20
C ARG G 39 3.74 -24.59 -28.26
N ALA G 40 4.88 -24.42 -27.59
CA ALA G 40 5.55 -23.12 -27.51
C ALA G 40 6.10 -22.62 -28.85
N ASN G 41 6.52 -23.54 -29.72
CA ASN G 41 7.05 -23.16 -31.03
C ASN G 41 6.53 -23.99 -32.21
N GLY G 42 5.63 -24.92 -31.93
CA GLY G 42 4.93 -25.69 -32.96
C GLY G 42 5.69 -26.86 -33.58
N GLN G 43 6.92 -27.07 -33.11
CA GLN G 43 7.82 -28.07 -33.68
C GLN G 43 7.37 -29.50 -33.32
N SER G 44 7.42 -30.39 -34.31
CA SER G 44 7.07 -31.80 -34.12
C SER G 44 7.96 -32.46 -33.07
N LYS G 45 7.33 -33.19 -32.15
CA LYS G 45 8.07 -33.88 -31.09
C LYS G 45 8.70 -35.20 -31.53
N GLY G 46 8.40 -35.62 -32.76
CA GLY G 46 9.02 -36.81 -33.33
C GLY G 46 8.20 -38.08 -33.27
N PHE G 47 6.98 -37.97 -32.78
CA PHE G 47 6.07 -39.11 -32.75
C PHE G 47 4.62 -38.69 -32.90
N ALA G 48 3.81 -39.59 -33.46
CA ALA G 48 2.41 -39.32 -33.73
C ALA G 48 1.50 -40.48 -33.32
N LEU G 49 0.23 -40.16 -33.07
CA LEU G 49 -0.80 -41.15 -32.79
C LEU G 49 -1.62 -41.44 -34.03
N VAL G 50 -1.49 -42.66 -34.55
CA VAL G 50 -2.19 -43.05 -35.77
C VAL G 50 -3.37 -43.98 -35.46
N GLY G 51 -4.54 -43.63 -35.99
CA GLY G 51 -5.73 -44.47 -35.87
C GLY G 51 -5.96 -45.30 -37.12
N VAL G 52 -6.14 -46.61 -36.93
CA VAL G 52 -6.38 -47.53 -38.05
C VAL G 52 -7.67 -48.33 -37.83
N GLY G 53 -8.23 -48.86 -38.91
CA GLY G 53 -9.51 -49.57 -38.85
C GLY G 53 -9.44 -51.06 -38.58
N SER G 54 -8.52 -51.74 -39.24
CA SER G 54 -8.40 -53.20 -39.17
C SER G 54 -7.41 -53.65 -38.10
N GLU G 55 -7.49 -54.92 -37.72
CA GLU G 55 -6.48 -55.55 -36.88
C GLU G 55 -5.28 -55.99 -37.72
N ALA G 56 -5.56 -56.35 -38.97
CA ALA G 56 -4.52 -56.72 -39.95
C ALA G 56 -3.65 -55.51 -40.31
N SER G 57 -4.27 -54.33 -40.30
CA SER G 57 -3.57 -53.07 -40.52
C SER G 57 -2.63 -52.75 -39.36
N SER G 58 -3.04 -53.12 -38.13
CA SER G 58 -2.22 -52.89 -36.94
C SER G 58 -1.04 -53.85 -36.88
N LYS G 59 -1.23 -55.08 -37.34
CA LYS G 59 -0.17 -56.08 -37.35
C LYS G 59 0.86 -55.81 -38.44
N LYS G 60 0.40 -55.36 -39.61
CA LYS G 60 1.27 -55.03 -40.73
C LYS G 60 2.18 -53.85 -40.38
N LEU G 61 1.64 -52.93 -39.60
CA LEU G 61 2.31 -51.68 -39.25
C LEU G 61 3.39 -51.88 -38.20
N MET G 62 3.28 -52.94 -37.40
CA MET G 62 4.25 -53.21 -36.34
C MET G 62 5.40 -54.11 -36.79
N ASP G 63 5.21 -54.79 -37.93
CA ASP G 63 6.16 -55.75 -38.42
C ASP G 63 6.96 -55.19 -39.59
N LEU G 64 6.31 -54.37 -40.41
CA LEU G 64 6.86 -53.95 -41.69
C LEU G 64 7.29 -52.47 -41.75
N LEU G 65 6.68 -51.64 -40.92
CA LEU G 65 6.99 -50.20 -40.92
C LEU G 65 8.36 -49.87 -40.30
N PRO G 66 8.74 -50.55 -39.19
CA PRO G 66 10.10 -50.40 -38.68
C PRO G 66 11.18 -50.99 -39.59
N LYS G 67 10.78 -51.81 -40.57
CA LYS G 67 11.73 -52.40 -41.50
C LYS G 67 12.28 -51.43 -42.55
N ARG G 68 11.53 -50.36 -42.82
CA ARG G 68 11.91 -49.37 -43.82
C ARG G 68 12.27 -48.02 -43.19
N GLU G 69 13.16 -47.30 -43.84
CA GLU G 69 13.59 -45.98 -43.40
C GLU G 69 12.61 -44.87 -43.80
N LEU G 70 12.45 -43.88 -42.93
CA LEU G 70 11.62 -42.72 -43.21
C LEU G 70 12.43 -41.46 -42.86
N HIS G 71 13.01 -40.84 -43.89
CA HIS G 71 13.94 -39.72 -43.73
C HIS G 71 15.17 -40.08 -42.91
N GLY G 72 15.71 -41.27 -43.18
CA GLY G 72 16.93 -41.72 -42.52
C GLY G 72 16.73 -42.35 -41.15
N GLN G 73 15.50 -42.36 -40.67
CA GLN G 73 15.20 -42.91 -39.35
C GLN G 73 14.07 -43.93 -39.39
N ASN G 74 14.36 -45.14 -38.92
CA ASN G 74 13.37 -46.21 -38.86
C ASN G 74 12.37 -45.95 -37.75
N PRO G 75 11.07 -45.98 -38.08
CA PRO G 75 10.04 -45.68 -37.09
C PRO G 75 9.95 -46.75 -36.00
N VAL G 76 9.56 -46.34 -34.80
CA VAL G 76 9.32 -47.27 -33.70
C VAL G 76 7.82 -47.30 -33.46
N VAL G 77 7.22 -48.46 -33.70
CA VAL G 77 5.77 -48.62 -33.55
C VAL G 77 5.41 -49.27 -32.23
N THR G 78 4.59 -48.56 -31.45
CA THR G 78 4.20 -48.98 -30.11
C THR G 78 2.66 -49.03 -30.06
N PRO G 79 2.11 -50.08 -29.41
CA PRO G 79 0.65 -50.24 -29.33
C PRO G 79 0.01 -49.29 -28.32
N SER G 80 -1.18 -49.67 -27.84
CA SER G 80 -1.94 -48.92 -26.83
C SER G 80 -2.59 -47.66 -27.42
N LEU H 4 19.48 13.87 -5.32
CA LEU H 4 18.12 14.20 -4.82
C LEU H 4 17.03 13.49 -5.62
N TYR H 5 16.05 12.94 -4.91
CA TYR H 5 14.90 12.27 -5.50
C TYR H 5 13.84 13.27 -5.95
N ILE H 6 13.31 13.08 -7.15
CA ILE H 6 12.18 13.87 -7.64
C ILE H 6 11.10 12.91 -8.15
N GLY H 7 9.93 12.97 -7.52
CA GLY H 7 8.85 12.05 -7.82
C GLY H 7 7.64 12.68 -8.48
N ASN H 8 6.56 11.91 -8.57
CA ASN H 8 5.29 12.33 -9.20
C ASN H 8 5.44 12.90 -10.62
N LEU H 9 6.37 12.33 -11.38
CA LEU H 9 6.56 12.70 -12.78
C LEU H 9 5.73 11.77 -13.68
N THR H 10 5.35 12.26 -14.84
CA THR H 10 4.67 11.45 -15.84
C THR H 10 5.73 10.67 -16.65
N TRP H 11 5.35 9.48 -17.12
CA TRP H 11 6.29 8.60 -17.82
C TRP H 11 6.84 9.19 -19.13
N TRP H 12 6.28 10.31 -19.55
CA TRP H 12 6.73 11.00 -20.77
C TRP H 12 7.50 12.29 -20.48
N THR H 13 7.88 12.48 -19.22
CA THR H 13 8.70 13.62 -18.83
C THR H 13 10.16 13.28 -19.09
N THR H 14 10.76 13.95 -20.08
CA THR H 14 12.12 13.64 -20.53
C THR H 14 13.18 14.25 -19.63
N ASP H 15 14.45 13.91 -19.93
CA ASP H 15 15.59 14.51 -19.25
C ASP H 15 15.76 16.00 -19.60
N GLU H 16 15.48 16.34 -20.86
CA GLU H 16 15.52 17.73 -21.32
C GLU H 16 14.45 18.58 -20.65
N ASP H 17 13.28 17.98 -20.42
CA ASP H 17 12.18 18.65 -19.71
C ASP H 17 12.57 18.97 -18.27
N LEU H 18 13.29 18.04 -17.64
CA LEU H 18 13.73 18.22 -16.26
C LEU H 18 14.90 19.20 -16.15
N THR H 19 15.75 19.22 -17.19
CA THR H 19 16.90 20.12 -17.24
C THR H 19 16.48 21.58 -17.49
N GLU H 20 15.47 21.76 -18.35
CA GLU H 20 14.95 23.09 -18.68
C GLU H 20 14.11 23.68 -17.55
N ALA H 21 13.65 22.83 -16.64
CA ALA H 21 12.91 23.27 -15.45
C ALA H 21 13.86 23.57 -14.29
N VAL H 22 15.08 23.04 -14.37
CA VAL H 22 16.11 23.28 -13.35
C VAL H 22 16.85 24.60 -13.63
N HIS H 23 17.22 24.83 -14.89
CA HIS H 23 17.86 26.08 -15.30
C HIS H 23 16.91 27.27 -15.26
N SER H 24 15.63 27.00 -15.06
CA SER H 24 14.59 28.03 -14.91
C SER H 24 14.49 28.53 -13.47
N LEU H 25 14.98 27.73 -12.53
CA LEU H 25 15.01 28.10 -11.11
C LEU H 25 16.32 28.78 -10.74
N VAL H 27 19.76 27.16 -11.21
CA VAL H 27 20.78 26.22 -10.77
C VAL H 27 21.50 25.60 -11.97
N ASN H 28 22.63 26.19 -12.33
CA ASN H 28 23.45 25.70 -13.44
C ASN H 28 24.46 24.63 -13.01
N ASP H 29 24.31 24.14 -11.79
CA ASP H 29 25.17 23.09 -11.25
C ASP H 29 24.43 21.76 -11.10
N ILE H 30 24.61 20.90 -12.10
CA ILE H 30 24.01 19.56 -12.11
C ILE H 30 24.99 18.54 -12.69
N LEU H 31 25.27 17.50 -11.92
CA LEU H 31 26.25 16.48 -12.29
C LEU H 31 25.68 15.42 -13.24
N GLU H 32 24.63 14.73 -12.79
CA GLU H 32 23.99 13.66 -13.56
C GLU H 32 22.56 13.39 -13.12
N ILE H 33 21.69 13.12 -14.09
CA ILE H 33 20.30 12.75 -13.83
C ILE H 33 20.08 11.27 -14.16
N LYS H 34 19.55 10.53 -13.21
CA LYS H 34 19.32 9.09 -13.37
C LYS H 34 17.85 8.74 -13.17
N PHE H 35 17.22 8.24 -14.24
CA PHE H 35 15.82 7.83 -14.18
C PHE H 35 15.65 6.40 -13.70
N PHE H 36 14.55 6.15 -13.00
CA PHE H 36 14.18 4.81 -12.56
C PHE H 36 13.13 4.23 -13.52
N GLU H 37 13.44 3.09 -14.10
CA GLU H 37 12.64 2.54 -15.20
C GLU H 37 12.41 1.04 -15.12
N ASN H 38 11.31 0.59 -15.73
CA ASN H 38 10.96 -0.82 -15.80
C ASN H 38 11.91 -1.58 -16.73
N ARG H 39 12.53 -2.63 -16.20
CA ARG H 39 13.51 -3.42 -16.95
C ARG H 39 12.87 -4.25 -18.06
N ALA H 40 11.58 -4.56 -17.90
CA ALA H 40 10.85 -5.39 -18.85
C ALA H 40 10.49 -4.66 -20.15
N ASN H 41 10.05 -3.42 -20.03
CA ASN H 41 9.60 -2.64 -21.19
C ASN H 41 10.22 -1.25 -21.36
N GLY H 42 11.03 -0.83 -20.39
CA GLY H 42 11.75 0.44 -20.47
C GLY H 42 10.97 1.68 -20.06
N GLN H 43 9.74 1.50 -19.60
CA GLN H 43 8.89 2.61 -19.19
C GLN H 43 9.38 3.25 -17.90
N SER H 44 9.27 4.57 -17.82
CA SER H 44 9.62 5.33 -16.64
C SER H 44 8.68 5.00 -15.48
N LYS H 45 9.27 4.85 -14.29
CA LYS H 45 8.49 4.56 -13.08
C LYS H 45 7.84 5.82 -12.49
N GLY H 46 8.31 6.99 -12.94
CA GLY H 46 7.72 8.26 -12.53
C GLY H 46 8.56 9.07 -11.55
N PHE H 47 9.80 8.63 -11.32
CA PHE H 47 10.71 9.32 -10.40
C PHE H 47 12.17 9.16 -10.78
N ALA H 48 12.98 10.18 -10.47
CA ALA H 48 14.38 10.21 -10.85
C ALA H 48 15.31 10.73 -9.74
N LEU H 49 16.59 10.38 -9.85
CA LEU H 49 17.62 10.83 -8.92
C LEU H 49 18.61 11.76 -9.62
N VAL H 50 18.69 13.00 -9.14
CA VAL H 50 19.54 14.02 -9.75
C VAL H 50 20.72 14.37 -8.85
N GLY H 51 21.91 14.40 -9.45
CA GLY H 51 23.12 14.85 -8.76
C GLY H 51 23.42 16.30 -9.07
N VAL H 52 23.59 17.10 -8.03
CA VAL H 52 23.87 18.53 -8.17
C VAL H 52 25.34 18.83 -7.89
N SER H 54 25.26 21.94 -5.51
CA SER H 54 25.22 23.13 -4.68
C SER H 54 24.22 22.99 -3.54
N GLU H 55 24.64 23.38 -2.34
CA GLU H 55 23.77 23.36 -1.16
C GLU H 55 22.71 24.45 -1.24
N ALA H 56 23.03 25.52 -1.95
CA ALA H 56 22.08 26.60 -2.22
C ALA H 56 21.02 26.14 -3.21
N SER H 57 21.39 25.21 -4.10
CA SER H 57 20.47 24.65 -5.09
C SER H 57 19.70 23.46 -4.55
N SER H 58 20.36 22.62 -3.74
CA SER H 58 19.75 21.43 -3.16
C SER H 58 18.67 21.80 -2.15
N LYS H 59 18.82 23.00 -1.58
CA LYS H 59 17.79 23.61 -0.75
C LYS H 59 16.92 24.54 -1.60
N LYS H 60 17.47 25.08 -2.69
CA LYS H 60 16.72 25.95 -3.60
C LYS H 60 15.72 25.16 -4.45
N LEU H 61 16.12 23.95 -4.84
CA LEU H 61 15.27 23.05 -5.62
C LEU H 61 14.23 22.36 -4.76
N MET H 62 14.50 22.26 -3.46
CA MET H 62 13.58 21.63 -2.51
C MET H 62 12.41 22.54 -2.14
N ASP H 63 12.58 23.85 -2.38
CA ASP H 63 11.58 24.84 -2.00
C ASP H 63 10.90 25.53 -3.19
N LEU H 64 11.56 25.55 -4.35
CA LEU H 64 11.07 26.29 -5.50
C LEU H 64 10.54 25.42 -6.65
N LEU H 65 10.96 24.15 -6.70
CA LEU H 65 10.55 23.24 -7.77
C LEU H 65 9.10 22.73 -7.70
N PRO H 66 8.60 22.37 -6.49
CA PRO H 66 7.23 21.85 -6.39
C PRO H 66 6.12 22.84 -6.74
N LYS H 67 6.50 24.01 -7.24
CA LYS H 67 5.55 25.07 -7.62
C LYS H 67 5.53 25.34 -9.13
N ARG H 68 6.39 24.65 -9.88
CA ARG H 68 6.44 24.77 -11.33
C ARG H 68 6.01 23.46 -11.99
N GLU H 69 4.75 23.43 -12.46
CA GLU H 69 4.15 22.22 -13.01
C GLU H 69 4.72 21.83 -14.38
N LEU H 70 4.81 20.52 -14.61
CA LEU H 70 5.26 19.98 -15.90
C LEU H 70 4.33 18.86 -16.35
N HIS H 71 3.72 19.06 -17.52
CA HIS H 71 2.77 18.10 -18.11
C HIS H 71 1.53 17.82 -17.25
N GLY H 72 1.11 18.84 -16.50
CA GLY H 72 -0.12 18.78 -15.71
C GLY H 72 0.02 18.26 -14.29
N GLN H 73 1.26 18.11 -13.81
CA GLN H 73 1.52 17.59 -12.46
C GLN H 73 2.69 18.29 -11.77
N ASN H 74 2.60 18.38 -10.44
CA ASN H 74 3.64 19.01 -9.61
C ASN H 74 4.66 18.00 -9.08
N PRO H 75 5.96 18.32 -9.22
CA PRO H 75 7.04 17.47 -8.69
C PRO H 75 7.15 17.49 -7.16
N VAL H 76 7.69 16.42 -6.60
CA VAL H 76 7.91 16.30 -5.15
C VAL H 76 9.39 16.04 -4.90
N VAL H 77 9.99 16.84 -4.01
CA VAL H 77 11.44 16.79 -3.77
C VAL H 77 11.81 16.09 -2.47
N THR H 78 12.84 15.25 -2.53
CA THR H 78 13.38 14.49 -1.40
C THR H 78 14.87 14.25 -1.68
N PRO H 79 15.73 14.30 -0.63
CA PRO H 79 17.16 14.11 -0.87
C PRO H 79 17.55 12.67 -1.25
N GLU I 1 60.70 2.73 22.53
CA GLU I 1 59.34 2.74 21.91
C GLU I 1 58.56 3.97 22.37
N ARG I 2 58.44 4.99 21.52
CA ARG I 2 59.00 5.04 20.16
C ARG I 2 59.08 6.50 19.67
N THR I 3 60.26 7.09 19.78
CA THR I 3 60.45 8.51 19.45
C THR I 3 60.67 8.76 17.96
N ILE I 4 59.88 9.66 17.39
CA ILE I 4 60.03 10.11 16.00
C ILE I 4 60.29 11.61 15.96
N ASN I 5 61.22 12.01 15.11
CA ASN I 5 61.57 13.42 14.95
C ASN I 5 60.78 14.09 13.84
N LEU I 6 60.21 15.26 14.16
CA LEU I 6 59.46 16.03 13.18
C LEU I 6 60.10 17.39 12.98
N TYR I 7 59.95 17.93 11.78
CA TYR I 7 60.55 19.21 11.41
C TYR I 7 59.51 20.08 10.73
N PRO I 8 59.67 21.41 10.79
CA PRO I 8 58.68 22.32 10.22
C PRO I 8 58.52 22.15 8.70
N LEU I 9 57.30 22.35 8.22
CA LEU I 9 57.01 22.25 6.78
C LEU I 9 57.94 23.11 5.90
N THR I 10 58.47 24.18 6.49
CA THR I 10 59.35 25.11 5.77
C THR I 10 60.76 24.55 5.57
N ASN I 11 61.12 23.54 6.35
CA ASN I 11 62.41 22.84 6.19
C ASN I 11 62.50 22.11 4.85
N TYR I 12 61.35 21.86 4.25
CA TYR I 12 61.27 21.03 3.06
C TYR I 12 60.94 21.86 1.83
N THR I 13 61.67 21.61 0.75
CA THR I 13 61.42 22.24 -0.53
C THR I 13 60.73 21.23 -1.43
N PHE I 14 59.73 21.69 -2.18
CA PHE I 14 58.99 20.86 -3.10
C PHE I 14 59.10 21.42 -4.51
N GLY I 15 59.52 20.58 -5.45
CA GLY I 15 59.62 20.97 -6.85
C GLY I 15 58.60 20.22 -7.66
N THR I 16 58.72 20.32 -8.99
CA THR I 16 57.84 19.59 -9.89
C THR I 16 58.62 18.76 -10.89
N LYS I 17 58.10 17.57 -11.17
CA LYS I 17 58.61 16.74 -12.26
C LYS I 17 57.48 16.32 -13.20
N GLU I 18 57.84 15.70 -14.32
CA GLU I 18 56.86 15.30 -15.34
C GLU I 18 55.82 14.31 -14.80
N PRO I 19 54.54 14.47 -15.23
CA PRO I 19 53.42 13.72 -14.68
C PRO I 19 53.61 12.21 -14.71
N LEU I 20 52.96 11.51 -13.78
CA LEU I 20 52.97 10.05 -13.73
C LEU I 20 51.55 9.52 -13.65
N TYR I 21 50.99 9.16 -14.81
CA TYR I 21 49.61 8.67 -14.92
C TYR I 21 49.46 7.26 -14.34
N GLU I 22 48.29 6.99 -13.78
CA GLU I 22 47.95 5.66 -13.26
C GLU I 22 47.88 4.63 -14.40
N LYS I 23 47.90 3.35 -14.04
CA LYS I 23 47.82 2.28 -15.03
C LYS I 23 46.45 2.21 -15.69
N ASP I 24 45.44 2.79 -15.05
CA ASP I 24 44.07 2.79 -15.56
C ASP I 24 43.35 4.14 -15.40
N SER I 25 42.50 4.45 -16.38
CA SER I 25 41.84 5.76 -16.48
C SER I 25 40.52 5.83 -15.72
N SER I 26 39.76 4.74 -15.72
CA SER I 26 38.44 4.71 -15.09
C SER I 26 38.45 3.90 -13.81
N VAL I 27 37.38 4.02 -13.02
CA VAL I 27 37.21 3.21 -11.82
C VAL I 27 36.93 1.76 -12.21
N ALA I 28 36.08 1.58 -13.23
CA ALA I 28 35.75 0.26 -13.75
C ALA I 28 36.96 -0.45 -14.37
N ALA I 29 37.87 0.34 -14.94
CA ALA I 29 39.09 -0.20 -15.53
C ALA I 29 40.05 -0.76 -14.49
N ARG I 30 40.12 -0.12 -13.32
CA ARG I 30 41.07 -0.54 -12.28
C ARG I 30 40.61 -1.79 -11.53
N PHE I 31 39.31 -1.98 -11.40
CA PHE I 31 38.77 -3.20 -10.84
C PHE I 31 38.76 -4.34 -11.87
N GLN I 32 38.81 -3.97 -13.15
CA GLN I 32 38.95 -4.94 -14.23
C GLN I 32 40.37 -5.50 -14.25
N ARG I 33 41.36 -4.61 -14.19
CA ARG I 33 42.77 -5.00 -14.18
C ARG I 33 43.11 -5.82 -12.93
N MET I 34 42.39 -5.55 -11.84
CA MET I 34 42.53 -6.29 -10.60
C MET I 34 42.01 -7.72 -10.75
N ARG I 35 40.91 -7.87 -11.48
CA ARG I 35 40.28 -9.17 -11.70
C ARG I 35 41.16 -10.09 -12.54
N GLU I 36 41.80 -9.53 -13.57
CA GLU I 36 42.68 -10.27 -14.45
C GLU I 36 44.02 -10.62 -13.78
N GLU I 37 44.58 -9.67 -13.05
CA GLU I 37 45.86 -9.88 -12.34
C GLU I 37 45.75 -10.92 -11.22
N PHE I 38 44.61 -10.96 -10.54
CA PHE I 38 44.38 -11.88 -9.42
C PHE I 38 44.35 -13.35 -9.86
N ASP I 39 43.78 -13.61 -11.03
CA ASP I 39 43.67 -14.96 -11.57
C ASP I 39 45.01 -15.53 -12.02
N LYS I 40 45.96 -14.65 -12.34
CA LYS I 40 47.29 -15.04 -12.79
C LYS I 40 48.32 -15.07 -11.66
N ILE I 41 48.36 -14.00 -10.86
CA ILE I 41 49.42 -13.81 -9.86
C ILE I 41 48.92 -14.04 -8.43
N GLY I 42 47.64 -13.82 -8.20
CA GLY I 42 47.06 -13.94 -6.86
C GLY I 42 46.80 -12.60 -6.22
N MET I 43 46.81 -12.59 -4.88
CA MET I 43 46.54 -11.38 -4.08
C MET I 43 47.50 -10.26 -4.44
N ARG I 44 46.95 -9.05 -4.59
CA ARG I 44 47.77 -7.87 -4.86
C ARG I 44 48.36 -7.34 -3.56
N ARG I 45 49.61 -6.88 -3.63
CA ARG I 45 50.31 -6.32 -2.49
C ARG I 45 50.64 -4.85 -2.71
N THR I 46 50.09 -3.98 -1.87
CA THR I 46 50.32 -2.54 -1.94
C THR I 46 51.05 -2.08 -0.69
N VAL I 47 51.96 -1.12 -0.86
CA VAL I 47 52.60 -0.46 0.27
C VAL I 47 52.44 1.05 0.15
N GLU I 48 52.25 1.72 1.29
CA GLU I 48 52.08 3.16 1.37
C GLU I 48 52.90 3.74 2.50
N GLY I 49 53.37 4.97 2.31
CA GLY I 49 54.21 5.63 3.29
C GLY I 49 53.60 6.92 3.83
N VAL I 50 53.62 7.04 5.16
CA VAL I 50 53.09 8.22 5.84
C VAL I 50 54.25 9.14 6.21
N LEU I 51 54.26 10.32 5.58
CA LEU I 51 55.31 11.29 5.78
C LEU I 51 54.78 12.45 6.62
N ILE I 52 55.31 12.58 7.84
CA ILE I 52 54.78 13.53 8.81
C ILE I 52 55.70 14.73 9.04
N VAL I 53 55.11 15.92 8.98
CA VAL I 53 55.78 17.16 9.41
C VAL I 53 55.01 17.78 10.58
N HIS I 54 55.45 18.93 11.06
CA HIS I 54 54.69 19.68 12.06
C HIS I 54 54.60 21.17 11.77
N GLU I 55 53.43 21.73 12.08
CA GLU I 55 53.21 23.17 12.03
C GLU I 55 52.25 23.54 13.16
N HIS I 56 52.54 24.66 13.83
CA HIS I 56 51.80 25.12 15.00
C HIS I 56 51.74 24.05 16.12
N ARG I 57 52.85 23.34 16.28
CA ARG I 57 53.00 22.28 17.28
C ARG I 57 52.00 21.14 17.12
N LEU I 58 51.74 20.77 15.87
CA LEU I 58 50.81 19.68 15.56
C LEU I 58 51.27 18.89 14.34
N PRO I 59 51.21 17.55 14.40
CA PRO I 59 51.59 16.72 13.25
C PRO I 59 50.69 16.92 12.04
N HIS I 60 51.33 17.12 10.88
CA HIS I 60 50.63 17.18 9.60
C HIS I 60 51.07 15.99 8.77
N VAL I 61 50.11 15.33 8.12
CA VAL I 61 50.40 14.25 7.18
C VAL I 61 50.46 14.78 5.74
N LEU I 62 51.45 14.34 4.99
CA LEU I 62 51.62 14.75 3.59
C LEU I 62 50.77 13.91 2.62
N LEU I 63 49.78 14.54 1.99
CA LEU I 63 48.90 13.86 1.04
C LEU I 63 49.01 14.43 -0.37
N LEU I 64 48.75 13.59 -1.37
CA LEU I 64 48.75 14.02 -2.77
C LEU I 64 47.33 14.11 -3.30
N GLN I 65 47.02 15.24 -3.94
CA GLN I 65 45.68 15.51 -4.46
C GLN I 65 45.62 15.46 -5.99
N LEU I 66 44.51 14.94 -6.51
CA LEU I 66 44.20 15.01 -7.95
C LEU I 66 42.84 15.68 -8.17
N GLY I 67 42.88 16.88 -8.75
CA GLY I 67 41.66 17.63 -9.04
C GLY I 67 41.16 18.44 -7.85
N THR I 68 39.96 18.10 -7.37
CA THR I 68 39.31 18.85 -6.30
C THR I 68 39.16 18.00 -5.03
N THR I 69 38.85 16.73 -5.23
CA THR I 69 38.28 15.91 -4.15
C THR I 69 39.06 14.65 -3.76
N PHE I 70 40.02 14.23 -4.59
CA PHE I 70 40.71 12.97 -4.31
C PHE I 70 42.09 13.12 -3.66
N PHE I 71 42.30 12.34 -2.60
CA PHE I 71 43.56 12.34 -1.84
C PHE I 71 44.13 10.94 -1.71
N LYS I 72 45.45 10.83 -1.86
CA LYS I 72 46.14 9.56 -1.59
C LYS I 72 47.53 9.76 -0.96
N LEU I 73 48.05 8.68 -0.36
CA LEU I 73 49.39 8.65 0.21
C LEU I 73 50.38 8.15 -0.86
N PRO I 74 51.67 8.54 -0.74
CA PRO I 74 52.66 8.01 -1.67
C PRO I 74 52.84 6.51 -1.49
N GLY I 75 52.81 5.77 -2.60
CA GLY I 75 52.87 4.32 -2.57
C GLY I 75 52.48 3.69 -3.89
N GLY I 76 52.06 2.43 -3.83
CA GLY I 76 51.68 1.69 -5.03
C GLY I 76 51.82 0.19 -4.85
N GLU I 77 51.65 -0.55 -5.95
CA GLU I 77 51.72 -2.01 -5.89
C GLU I 77 53.13 -2.55 -6.08
N LEU I 78 53.45 -3.56 -5.27
CA LEU I 78 54.73 -4.24 -5.31
C LEU I 78 54.77 -5.19 -6.51
N ASN I 79 55.95 -5.32 -7.12
CA ASN I 79 56.17 -6.35 -8.14
C ASN I 79 56.28 -7.71 -7.47
N PRO I 80 55.67 -8.77 -8.08
CA PRO I 80 55.65 -10.11 -7.49
C PRO I 80 57.02 -10.60 -7.01
N GLY I 81 57.15 -10.84 -5.71
CA GLY I 81 58.40 -11.29 -5.11
C GLY I 81 59.25 -10.18 -4.48
N GLU I 82 58.76 -8.94 -4.56
CA GLU I 82 59.47 -7.78 -4.02
C GLU I 82 59.26 -7.66 -2.51
N ASP I 83 60.35 -7.35 -1.80
CA ASP I 83 60.29 -7.07 -0.36
C ASP I 83 59.47 -5.80 -0.11
N GLU I 84 58.53 -5.89 0.84
CA GLU I 84 57.61 -4.79 1.14
C GLU I 84 58.34 -3.47 1.38
N VAL I 85 59.33 -3.51 2.26
CA VAL I 85 60.05 -2.30 2.67
C VAL I 85 60.94 -1.77 1.53
N GLU I 86 61.67 -2.68 0.89
CA GLU I 86 62.56 -2.32 -0.21
C GLU I 86 61.77 -1.87 -1.44
N GLY I 87 60.55 -2.39 -1.57
CA GLY I 87 59.65 -2.00 -2.66
C GLY I 87 59.05 -0.63 -2.44
N LEU I 88 58.68 -0.34 -1.19
CA LEU I 88 58.16 0.99 -0.82
C LEU I 88 59.14 2.10 -1.16
N LYS I 89 60.42 1.88 -0.83
CA LYS I 89 61.49 2.82 -1.15
C LYS I 89 61.60 3.14 -2.65
N ARG I 90 61.40 2.13 -3.49
CA ARG I 90 61.34 2.32 -4.94
C ARG I 90 60.15 3.21 -5.32
N LEU I 91 58.99 2.90 -4.77
CA LEU I 91 57.76 3.67 -5.03
C LEU I 91 57.85 5.12 -4.52
N MET I 92 58.52 5.31 -3.38
CA MET I 92 58.77 6.65 -2.85
C MET I 92 59.57 7.49 -3.82
N THR I 93 60.70 6.94 -4.27
CA THR I 93 61.59 7.61 -5.23
C THR I 93 60.88 7.83 -6.57
N GLU I 94 59.93 6.94 -6.88
CA GLU I 94 59.14 7.06 -8.09
C GLU I 94 58.16 8.23 -8.02
N ILE I 95 57.54 8.42 -6.87
CA ILE I 95 56.52 9.48 -6.68
C ILE I 95 57.12 10.81 -6.21
N LEU I 96 57.97 10.78 -5.19
CA LEU I 96 58.49 12.00 -4.58
C LEU I 96 59.99 12.23 -4.80
N GLY I 97 60.66 11.26 -5.39
CA GLY I 97 62.11 11.31 -5.59
C GLY I 97 62.57 12.51 -6.38
N ARG I 98 63.63 13.15 -5.90
CA ARG I 98 64.19 14.36 -6.52
C ARG I 98 64.94 14.07 -7.82
N GLN I 99 64.91 15.03 -8.74
CA GLN I 99 65.65 14.93 -10.01
C GLN I 99 67.02 15.58 -9.87
N ASP I 100 67.33 16.01 -8.65
CA ASP I 100 68.55 16.76 -8.33
C ASP I 100 69.83 15.96 -8.55
N GLY I 101 69.70 14.63 -8.55
CA GLY I 101 70.85 13.74 -8.71
C GLY I 101 71.45 13.31 -7.37
N VAL I 102 71.26 14.16 -6.36
CA VAL I 102 71.75 13.90 -4.99
C VAL I 102 71.01 12.71 -4.39
N LEU I 103 71.76 11.83 -3.73
CA LEU I 103 71.22 10.60 -3.16
C LEU I 103 70.27 10.85 -1.99
N GLN I 104 69.04 10.35 -2.12
CA GLN I 104 68.04 10.48 -1.08
C GLN I 104 67.64 9.09 -0.54
N ASP I 105 68.17 8.75 0.63
CA ASP I 105 67.88 7.48 1.27
C ASP I 105 66.64 7.60 2.17
N TRP I 106 65.60 6.84 1.84
CA TRP I 106 64.38 6.80 2.62
C TRP I 106 64.57 5.90 3.83
N VAL I 107 64.05 6.33 4.98
CA VAL I 107 64.12 5.55 6.20
C VAL I 107 62.71 5.05 6.57
N ILE I 108 62.40 3.83 6.14
CA ILE I 108 61.16 3.18 6.50
C ILE I 108 61.47 2.18 7.61
N ASP I 109 60.82 2.37 8.77
CA ASP I 109 61.16 1.57 9.95
C ASP I 109 59.95 0.88 10.57
N ASP I 110 58.85 1.61 10.76
CA ASP I 110 57.71 1.10 11.51
C ASP I 110 56.46 0.89 10.66
N CYS I 111 55.94 -0.34 10.71
CA CYS I 111 54.61 -0.61 10.16
C CYS I 111 53.56 -0.02 11.08
N ILE I 112 52.52 0.58 10.50
CA ILE I 112 51.47 1.20 11.30
C ILE I 112 50.07 0.66 11.04
N GLY I 113 49.90 -0.10 9.96
CA GLY I 113 48.60 -0.65 9.64
C GLY I 113 48.52 -1.62 8.48
N ASN I 114 47.48 -2.44 8.47
CA ASN I 114 47.20 -3.38 7.39
C ASN I 114 45.75 -3.32 6.96
N TRP I 115 45.54 -3.12 5.66
CA TRP I 115 44.20 -3.03 5.10
C TRP I 115 43.94 -4.10 4.04
N TRP I 116 42.83 -4.80 4.20
CA TRP I 116 42.49 -5.92 3.33
C TRP I 116 41.20 -5.67 2.54
N ARG I 117 41.25 -6.01 1.25
CA ARG I 117 40.10 -5.86 0.34
C ARG I 117 39.53 -7.24 0.03
N PRO I 118 38.33 -7.55 0.55
CA PRO I 118 37.72 -8.86 0.32
C PRO I 118 37.31 -9.09 -1.14
N ASN I 119 36.68 -8.09 -1.75
CA ASN I 119 36.15 -8.24 -3.10
C ASN I 119 36.73 -7.22 -4.08
N PHE I 120 36.43 -7.40 -5.36
CA PHE I 120 36.88 -6.47 -6.39
C PHE I 120 36.03 -5.21 -6.34
N GLU I 121 36.00 -4.59 -5.17
CA GLU I 121 35.13 -3.46 -4.86
C GLU I 121 35.80 -2.44 -3.95
N PRO I 122 35.27 -1.20 -3.91
CA PRO I 122 35.79 -0.12 -3.05
C PRO I 122 36.11 -0.49 -1.58
N PRO I 123 35.17 -1.13 -0.84
CA PRO I 123 35.35 -1.32 0.61
C PRO I 123 36.66 -1.99 1.04
N GLN I 124 37.32 -1.40 2.03
CA GLN I 124 38.55 -1.95 2.61
C GLN I 124 38.47 -1.95 4.13
N TYR I 125 39.03 -2.98 4.77
CA TYR I 125 38.96 -3.13 6.23
C TYR I 125 40.33 -3.37 6.90
N PRO I 126 40.47 -2.96 8.18
CA PRO I 126 41.70 -3.16 8.94
C PRO I 126 41.83 -4.58 9.54
N TYR I 127 41.19 -5.56 8.91
CA TYR I 127 41.19 -6.94 9.36
C TYR I 127 40.61 -7.79 8.23
N ILE I 128 40.96 -9.07 8.20
CA ILE I 128 40.36 -10.01 7.26
C ILE I 128 39.06 -10.51 7.87
N PRO I 129 37.92 -10.32 7.17
CA PRO I 129 36.65 -10.84 7.66
C PRO I 129 36.70 -12.36 7.80
N ALA I 130 35.93 -12.91 8.74
CA ALA I 130 36.01 -14.33 9.09
C ALA I 130 35.72 -15.29 7.94
N HIS I 131 34.95 -14.85 6.95
CA HIS I 131 34.57 -15.71 5.83
C HIS I 131 35.49 -15.59 4.60
N ILE I 132 36.58 -14.85 4.75
CA ILE I 132 37.52 -14.63 3.66
C ILE I 132 38.82 -15.39 3.94
N THR I 133 39.31 -16.13 2.95
CA THR I 133 40.61 -16.79 3.06
C THR I 133 41.60 -16.27 2.03
N LYS I 134 41.09 -15.83 0.88
CA LYS I 134 41.93 -15.20 -0.14
C LYS I 134 41.48 -13.75 -0.41
N PRO I 135 42.00 -12.78 0.37
CA PRO I 135 41.78 -11.36 0.11
C PRO I 135 42.27 -10.98 -1.28
N LYS I 136 41.58 -10.05 -1.93
CA LYS I 136 41.95 -9.65 -3.29
C LYS I 136 43.13 -8.71 -3.31
N GLU I 137 43.28 -7.93 -2.24
CA GLU I 137 44.44 -7.04 -2.08
C GLU I 137 44.87 -6.92 -0.62
N HIS I 138 46.16 -6.69 -0.42
CA HIS I 138 46.71 -6.40 0.89
C HIS I 138 47.56 -5.13 0.84
N LYS I 139 47.11 -4.11 1.57
CA LYS I 139 47.78 -2.81 1.63
C LYS I 139 48.47 -2.64 2.98
N LYS I 140 49.69 -2.09 2.95
CA LYS I 140 50.52 -2.00 4.15
C LYS I 140 51.02 -0.57 4.35
N LEU I 141 50.84 -0.05 5.56
CA LEU I 141 51.22 1.32 5.87
C LEU I 141 52.47 1.38 6.76
N PHE I 142 53.43 2.21 6.34
CA PHE I 142 54.69 2.38 7.05
C PHE I 142 54.94 3.85 7.37
N LEU I 143 55.54 4.11 8.54
CA LEU I 143 55.96 5.47 8.86
C LEU I 143 57.34 5.72 8.25
N VAL I 144 57.44 6.81 7.48
CA VAL I 144 58.67 7.18 6.81
C VAL I 144 59.28 8.38 7.54
N GLN I 145 60.41 8.14 8.19
CA GLN I 145 61.11 9.20 8.93
C GLN I 145 61.88 10.11 7.98
N LEU I 146 61.53 11.39 7.97
CA LEU I 146 62.18 12.39 7.12
C LEU I 146 63.41 12.98 7.79
N GLN I 147 64.30 13.57 6.98
CA GLN I 147 65.49 14.24 7.48
C GLN I 147 65.14 15.64 8.01
N GLU I 148 66.12 16.33 8.58
CA GLU I 148 65.93 17.72 8.99
C GLU I 148 65.57 18.58 7.78
N LYS I 149 66.28 18.37 6.67
CA LYS I 149 66.01 19.07 5.42
C LYS I 149 65.96 18.10 4.24
N ALA I 150 65.05 18.38 3.30
CA ALA I 150 64.84 17.52 2.13
C ALA I 150 64.22 18.29 0.98
N LEU I 151 64.58 17.89 -0.24
CA LEU I 151 63.97 18.42 -1.46
C LEU I 151 63.22 17.30 -2.16
N PHE I 152 61.97 17.57 -2.53
CA PHE I 152 61.14 16.60 -3.24
C PHE I 152 60.73 17.12 -4.61
N ALA I 153 60.11 16.24 -5.39
CA ALA I 153 59.59 16.59 -6.70
C ALA I 153 58.23 15.93 -6.86
N VAL I 154 57.22 16.75 -7.17
CA VAL I 154 55.84 16.29 -7.29
C VAL I 154 55.46 16.21 -8.77
N PRO I 155 54.94 15.05 -9.21
CA PRO I 155 54.45 14.94 -10.59
C PRO I 155 53.39 16.00 -10.85
N LYS I 156 53.44 16.63 -12.01
CA LYS I 156 52.62 17.80 -12.33
C LYS I 156 51.10 17.61 -12.17
N ASN I 157 50.62 16.38 -12.38
CA ASN I 157 49.21 16.07 -12.21
C ASN I 157 48.80 15.98 -10.75
N TYR I 158 49.79 15.90 -9.86
CA TYR I 158 49.55 15.89 -8.42
C TYR I 158 49.95 17.23 -7.79
N LYS I 159 49.27 17.58 -6.71
CA LYS I 159 49.69 18.70 -5.87
C LYS I 159 49.80 18.21 -4.42
N LEU I 160 50.83 18.65 -3.71
CA LEU I 160 51.06 18.22 -2.33
C LEU I 160 50.36 19.11 -1.30
N VAL I 161 49.70 18.46 -0.33
CA VAL I 161 49.07 19.16 0.80
C VAL I 161 49.61 18.63 2.12
N ALA I 162 49.62 19.47 3.15
CA ALA I 162 50.01 19.04 4.49
C ALA I 162 48.79 19.09 5.40
N ALA I 163 48.03 18.00 5.43
CA ALA I 163 46.80 17.94 6.22
C ALA I 163 47.09 17.71 7.71
N PRO I 164 46.70 18.67 8.56
CA PRO I 164 46.85 18.49 10.02
C PRO I 164 45.91 17.39 10.53
N LEU I 165 46.28 16.76 11.64
CA LEU I 165 45.57 15.59 12.13
C LEU I 165 44.09 15.81 12.45
N PHE I 166 43.74 17.01 12.88
CA PHE I 166 42.32 17.33 13.17
C PHE I 166 41.44 17.41 11.93
N GLU I 167 42.04 17.68 10.77
CA GLU I 167 41.31 17.70 9.51
C GLU I 167 40.99 16.28 9.06
N LEU I 168 41.87 15.34 9.37
CA LEU I 168 41.67 13.94 8.99
C LEU I 168 40.77 13.18 9.97
N TYR I 169 40.90 13.48 11.26
CA TYR I 169 40.20 12.71 12.30
C TYR I 169 38.69 12.71 12.11
N ASP I 170 38.13 11.50 11.97
CA ASP I 170 36.67 11.30 11.83
C ASP I 170 36.08 12.02 10.60
N ASN I 171 36.90 12.12 9.55
CA ASN I 171 36.49 12.75 8.30
C ASN I 171 36.66 11.78 7.13
N ALA I 172 35.89 10.70 7.17
CA ALA I 172 35.90 9.71 6.10
C ALA I 172 35.24 10.21 4.80
N PRO I 173 34.16 11.02 4.91
CA PRO I 173 33.60 11.61 3.69
C PRO I 173 34.59 12.52 2.95
N GLY I 174 35.62 12.98 3.65
CA GLY I 174 36.62 13.87 3.06
C GLY I 174 37.88 13.17 2.55
N TYR I 175 38.23 12.05 3.18
CA TYR I 175 39.54 11.43 2.93
C TYR I 175 39.53 9.91 2.78
N GLY I 176 38.35 9.31 2.89
CA GLY I 176 38.23 7.85 2.86
C GLY I 176 38.58 7.24 4.21
N PRO I 177 38.24 5.96 4.40
CA PRO I 177 38.41 5.32 5.72
C PRO I 177 39.88 5.16 6.17
N ILE I 178 40.81 4.97 5.24
CA ILE I 178 42.21 4.69 5.60
C ILE I 178 42.92 5.95 6.08
N ILE I 179 42.97 6.97 5.22
CA ILE I 179 43.62 8.23 5.54
C ILE I 179 43.02 8.88 6.78
N SER I 180 41.69 8.90 6.87
CA SER I 180 41.02 9.56 7.99
C SER I 180 41.14 8.83 9.32
N SER I 181 41.64 7.60 9.29
CA SER I 181 41.87 6.85 10.52
C SER I 181 43.36 6.79 10.89
N LEU I 182 44.14 7.73 10.35
CA LEU I 182 45.57 7.80 10.66
C LEU I 182 45.91 8.37 12.05
N PRO I 183 45.10 9.31 12.58
CA PRO I 183 45.49 9.90 13.86
C PRO I 183 45.57 8.90 15.01
N GLN I 184 44.62 7.96 15.06
CA GLN I 184 44.59 6.94 16.10
C GLN I 184 45.84 6.05 16.05
N LEU I 185 46.09 5.46 14.88
CA LEU I 185 47.27 4.62 14.67
C LEU I 185 48.58 5.37 14.93
N LEU I 186 48.62 6.66 14.63
CA LEU I 186 49.83 7.48 14.79
C LEU I 186 50.01 8.01 16.22
N SER I 187 48.98 7.86 17.05
CA SER I 187 49.00 8.43 18.39
C SER I 187 49.99 7.75 19.34
N ARG I 188 50.51 6.59 18.95
CA ARG I 188 51.42 5.85 19.82
C ARG I 188 52.85 6.39 19.78
N PHE I 189 53.17 7.16 18.75
CA PHE I 189 54.51 7.74 18.61
C PHE I 189 54.67 9.02 19.43
N ASN I 190 55.71 9.05 20.25
CA ASN I 190 56.12 10.28 20.90
C ASN I 190 56.90 11.12 19.90
N PHE I 191 56.27 12.19 19.43
CA PHE I 191 56.88 13.05 18.43
C PHE I 191 57.70 14.18 19.05
N ILE I 192 58.86 14.44 18.46
CA ILE I 192 59.70 15.57 18.84
C ILE I 192 59.51 16.68 17.82
N TYR I 193 59.11 17.85 18.32
CA TYR I 193 58.86 19.01 17.47
C TYR I 193 60.10 19.91 17.43
N ASN I 194 61.06 19.55 16.59
CA ASN I 194 62.29 20.32 16.40
C ASN I 194 62.01 21.69 15.79
N LEU I 195 62.51 22.74 16.43
CA LEU I 195 62.24 24.12 15.98
C LEU I 195 63.34 24.65 15.07
N GLU J 1 58.10 -6.60 12.60
CA GLU J 1 56.70 -7.12 12.65
C GLU J 1 56.44 -7.84 13.97
N ARG J 2 55.58 -7.25 14.78
CA ARG J 2 55.19 -7.82 16.07
C ARG J 2 54.27 -9.05 15.91
N THR J 3 54.71 -10.17 16.45
CA THR J 3 53.98 -11.44 16.36
C THR J 3 53.33 -11.82 17.69
N ILE J 4 52.00 -11.78 17.72
CA ILE J 4 51.25 -12.06 18.93
C ILE J 4 50.44 -13.36 18.82
N ASN J 5 50.42 -14.12 19.91
CA ASN J 5 49.60 -15.32 19.99
C ASN J 5 48.24 -15.05 20.61
N LEU J 6 47.20 -15.37 19.85
CA LEU J 6 45.83 -15.35 20.36
C LEU J 6 45.32 -16.76 20.50
N TYR J 7 44.54 -16.98 21.55
CA TYR J 7 43.97 -18.28 21.85
C TYR J 7 42.46 -18.14 21.88
N PRO J 8 41.72 -19.27 21.84
CA PRO J 8 40.26 -19.16 21.81
C PRO J 8 39.72 -18.70 23.16
N LEU J 9 38.54 -18.08 23.14
CA LEU J 9 37.88 -17.56 24.34
C LEU J 9 37.75 -18.62 25.42
N THR J 10 37.52 -19.87 25.01
CA THR J 10 37.28 -20.97 25.93
C THR J 10 38.53 -21.47 26.68
N ASN J 11 39.72 -21.07 26.22
CA ASN J 11 40.96 -21.35 26.93
C ASN J 11 41.01 -20.66 28.29
N TYR J 12 40.27 -19.58 28.42
CA TYR J 12 40.26 -18.77 29.62
C TYR J 12 39.00 -19.02 30.43
N THR J 13 39.16 -19.24 31.72
CA THR J 13 38.04 -19.56 32.62
C THR J 13 37.71 -18.37 33.53
N PHE J 14 36.49 -17.85 33.38
CA PHE J 14 36.09 -16.62 34.06
C PHE J 14 35.32 -16.85 35.35
N GLY J 15 35.96 -16.47 36.46
CA GLY J 15 35.33 -16.54 37.77
C GLY J 15 34.70 -15.22 38.16
N THR J 16 34.43 -15.07 39.46
CA THR J 16 33.76 -13.90 39.98
C THR J 16 34.40 -13.45 41.29
N LYS J 17 34.46 -12.13 41.49
CA LYS J 17 34.89 -11.59 42.78
C LYS J 17 34.00 -10.41 43.19
N GLU J 18 34.30 -9.83 44.35
CA GLU J 18 33.46 -8.78 44.93
C GLU J 18 33.31 -7.55 44.04
N PRO J 19 32.12 -6.93 44.04
CA PRO J 19 31.82 -5.76 43.19
C PRO J 19 32.78 -4.60 43.40
N LEU J 20 33.01 -3.86 42.33
CA LEU J 20 33.92 -2.71 42.35
C LEU J 20 33.20 -1.49 41.81
N TYR J 21 32.87 -0.56 42.70
CA TYR J 21 32.14 0.65 42.34
C TYR J 21 33.09 1.81 42.11
N GLU J 22 32.75 2.67 41.16
CA GLU J 22 33.58 3.83 40.82
C GLU J 22 33.49 4.90 41.90
N LYS J 23 34.54 5.71 42.01
CA LYS J 23 34.64 6.76 43.03
C LYS J 23 33.57 7.84 42.89
N ASP J 24 33.13 8.10 41.66
CA ASP J 24 32.20 9.18 41.37
C ASP J 24 30.78 8.67 41.19
N SER J 25 29.84 9.24 41.96
CA SER J 25 28.44 8.83 41.97
C SER J 25 27.71 9.14 40.66
N SER J 26 27.90 10.36 40.16
CA SER J 26 27.26 10.80 38.91
C SER J 26 28.29 11.43 37.97
N VAL J 27 27.85 11.75 36.75
CA VAL J 27 28.70 12.38 35.74
C VAL J 27 29.20 13.75 36.20
N ALA J 28 28.31 14.54 36.82
CA ALA J 28 28.63 15.89 37.27
C ALA J 28 29.74 15.93 38.33
N ALA J 29 29.73 14.96 39.24
CA ALA J 29 30.73 14.88 40.29
C ALA J 29 32.08 14.34 39.78
N ARG J 30 32.03 13.54 38.72
CA ARG J 30 33.24 12.99 38.10
C ARG J 30 34.14 14.09 37.56
N PHE J 31 33.53 15.09 36.93
CA PHE J 31 34.24 16.24 36.41
C PHE J 31 34.58 17.24 37.52
N GLN J 32 33.79 17.24 38.58
CA GLN J 32 34.05 18.06 39.75
C GLN J 32 35.33 17.62 40.45
N ARG J 33 35.47 16.31 40.66
CA ARG J 33 36.67 15.73 41.28
C ARG J 33 37.91 15.98 40.41
N MET J 34 37.73 15.97 39.09
CA MET J 34 38.81 16.18 38.15
C MET J 34 39.42 17.59 38.26
N ARG J 35 38.55 18.60 38.38
CA ARG J 35 38.96 20.01 38.49
C ARG J 35 39.74 20.28 39.77
N GLU J 36 39.26 19.71 40.87
CA GLU J 36 39.85 19.90 42.19
C GLU J 36 41.21 19.21 42.30
N GLU J 37 41.32 18.01 41.74
CA GLU J 37 42.59 17.28 41.69
C GLU J 37 43.60 17.91 40.74
N PHE J 38 43.10 18.52 39.67
CA PHE J 38 43.95 19.16 38.66
C PHE J 38 44.73 20.34 39.24
N ASP J 39 44.11 21.05 40.18
CA ASP J 39 44.75 22.19 40.85
C ASP J 39 45.79 21.74 41.89
N LYS J 40 45.66 20.51 42.38
CA LYS J 40 46.54 19.99 43.42
C LYS J 40 47.68 19.12 42.87
N ILE J 41 47.33 18.15 42.01
CA ILE J 41 48.28 17.15 41.53
C ILE J 41 48.67 17.33 40.06
N GLY J 42 47.88 18.11 39.33
CA GLY J 42 48.14 18.37 37.91
C GLY J 42 47.32 17.51 36.97
N MET J 43 47.90 17.18 35.82
CA MET J 43 47.23 16.38 34.80
C MET J 43 47.08 14.92 35.21
N ARG J 44 45.84 14.43 35.17
CA ARG J 44 45.52 13.03 35.47
C ARG J 44 46.13 12.11 34.41
N ARG J 45 46.77 11.04 34.87
CA ARG J 45 47.34 10.06 33.96
C ARG J 45 46.60 8.75 34.09
N THR J 46 46.04 8.28 32.97
CA THR J 46 45.23 7.07 32.94
C THR J 46 45.92 6.01 32.06
N VAL J 47 45.81 4.75 32.46
CA VAL J 47 46.31 3.63 31.67
C VAL J 47 45.23 2.58 31.48
N GLU J 48 45.17 2.01 30.28
CA GLU J 48 44.19 0.97 29.97
C GLU J 48 44.83 -0.17 29.20
N GLY J 49 44.30 -1.37 29.41
CA GLY J 49 44.84 -2.56 28.76
C GLY J 49 43.88 -3.15 27.74
N VAL J 50 44.46 -3.66 26.66
CA VAL J 50 43.69 -4.30 25.60
C VAL J 50 44.00 -5.80 25.57
N LEU J 51 43.10 -6.60 26.15
CA LEU J 51 43.23 -8.05 26.19
C LEU J 51 42.51 -8.66 25.01
N ILE J 52 43.28 -9.29 24.12
CA ILE J 52 42.72 -9.83 22.89
C ILE J 52 42.68 -11.36 22.90
N VAL J 53 41.51 -11.89 22.57
CA VAL J 53 41.33 -13.31 22.31
C VAL J 53 40.99 -13.48 20.84
N HIS J 54 40.42 -14.63 20.47
CA HIS J 54 39.84 -14.82 19.14
C HIS J 54 38.76 -15.88 19.15
N GLU J 55 37.82 -15.75 18.21
CA GLU J 55 36.89 -16.82 17.90
C GLU J 55 36.86 -16.91 16.39
N HIS J 56 36.89 -18.13 15.88
CA HIS J 56 36.87 -18.39 14.43
C HIS J 56 37.89 -17.54 13.67
N ARG J 57 39.11 -17.48 14.19
CA ARG J 57 40.23 -16.82 13.52
C ARG J 57 40.00 -15.33 13.22
N LEU J 58 39.31 -14.67 14.14
CA LEU J 58 39.08 -13.22 14.09
C LEU J 58 39.22 -12.66 15.50
N PRO J 59 40.00 -11.58 15.67
CA PRO J 59 40.33 -11.09 17.01
C PRO J 59 39.15 -10.42 17.71
N HIS J 60 38.98 -10.75 18.98
CA HIS J 60 37.94 -10.20 19.82
C HIS J 60 38.57 -9.46 20.98
N VAL J 61 38.05 -8.27 21.27
CA VAL J 61 38.52 -7.42 22.36
C VAL J 61 37.68 -7.68 23.61
N LEU J 62 38.34 -7.99 24.72
CA LEU J 62 37.66 -8.17 26.00
C LEU J 62 37.28 -6.82 26.61
N LEU J 63 35.99 -6.63 26.85
CA LEU J 63 35.47 -5.37 27.37
C LEU J 63 34.63 -5.62 28.61
N LEU J 64 34.64 -4.65 29.52
CA LEU J 64 33.82 -4.72 30.71
C LEU J 64 32.53 -3.96 30.46
N GLN J 65 31.42 -4.68 30.52
CA GLN J 65 30.09 -4.10 30.31
C GLN J 65 29.45 -3.79 31.64
N LEU J 66 29.00 -2.55 31.79
CA LEU J 66 28.29 -2.10 32.97
C LEU J 66 26.90 -1.66 32.55
N GLY J 67 25.92 -2.55 32.71
CA GLY J 67 24.54 -2.29 32.28
C GLY J 67 24.24 -2.91 30.93
N THR J 68 23.68 -2.10 30.03
CA THR J 68 23.32 -2.56 28.69
C THR J 68 24.15 -1.86 27.62
N THR J 69 24.41 -0.57 27.81
CA THR J 69 24.99 0.28 26.77
C THR J 69 26.45 0.67 27.02
N PHE J 70 26.86 0.71 28.29
CA PHE J 70 28.18 1.24 28.64
C PHE J 70 29.32 0.21 28.61
N PHE J 71 30.35 0.50 27.83
CA PHE J 71 31.52 -0.37 27.70
C PHE J 71 32.81 0.38 28.03
N LYS J 72 33.71 -0.30 28.73
CA LYS J 72 35.06 0.22 28.99
C LYS J 72 36.10 -0.90 29.00
N LEU J 73 37.36 -0.50 28.86
CA LEU J 73 38.49 -1.43 28.96
C LEU J 73 38.96 -1.52 30.42
N PRO J 74 39.69 -2.59 30.77
CA PRO J 74 40.24 -2.64 32.12
C PRO J 74 41.40 -1.66 32.29
N GLY J 75 41.29 -0.79 33.29
CA GLY J 75 42.30 0.22 33.56
C GLY J 75 41.92 1.12 34.72
N GLY J 76 42.56 2.29 34.80
CA GLY J 76 42.32 3.24 35.86
C GLY J 76 43.37 4.33 35.94
N GLU J 77 43.29 5.16 36.98
CA GLU J 77 44.21 6.30 37.13
C GLU J 77 45.46 5.96 37.96
N LEU J 78 46.62 6.33 37.42
CA LEU J 78 47.90 6.11 38.09
C LEU J 78 48.06 6.99 39.31
N ASN J 79 48.59 6.41 40.39
CA ASN J 79 48.98 7.16 41.57
C ASN J 79 50.11 8.14 41.21
N PRO J 80 50.17 9.30 41.90
CA PRO J 80 51.22 10.29 41.61
C PRO J 80 52.64 9.71 41.71
N GLY J 81 53.38 9.79 40.61
CA GLY J 81 54.75 9.31 40.54
C GLY J 81 54.92 7.86 40.08
N GLU J 82 53.80 7.14 39.98
CA GLU J 82 53.80 5.71 39.63
C GLU J 82 54.17 5.45 38.16
N ASP J 83 54.92 4.37 37.94
CA ASP J 83 55.28 3.89 36.61
C ASP J 83 54.05 3.42 35.84
N GLU J 84 54.04 3.67 34.53
CA GLU J 84 52.88 3.35 33.68
C GLU J 84 52.63 1.85 33.53
N VAL J 85 53.68 1.10 33.22
CA VAL J 85 53.59 -0.34 33.02
C VAL J 85 53.26 -1.06 34.33
N GLU J 86 53.99 -0.71 35.39
CA GLU J 86 53.76 -1.25 36.73
C GLU J 86 52.37 -0.87 37.25
N GLY J 87 51.96 0.36 36.98
CA GLY J 87 50.66 0.85 37.42
C GLY J 87 49.50 0.09 36.81
N LEU J 88 49.63 -0.26 35.54
CA LEU J 88 48.61 -1.02 34.84
C LEU J 88 48.54 -2.45 35.37
N LYS J 89 49.71 -3.04 35.64
CA LYS J 89 49.76 -4.37 36.24
C LYS J 89 49.00 -4.42 37.57
N ARG J 90 49.16 -3.36 38.37
CA ARG J 90 48.44 -3.22 39.64
C ARG J 90 46.93 -3.18 39.40
N LEU J 91 46.51 -2.29 38.50
CA LEU J 91 45.09 -2.09 38.19
C LEU J 91 44.47 -3.31 37.54
N MET J 92 45.24 -4.04 36.75
CA MET J 92 44.79 -5.30 36.16
C MET J 92 44.44 -6.34 37.22
N THR J 93 45.31 -6.46 38.23
CA THR J 93 45.12 -7.41 39.32
C THR J 93 43.90 -7.01 40.18
N GLU J 94 43.64 -5.71 40.27
CA GLU J 94 42.51 -5.19 41.01
C GLU J 94 41.17 -5.51 40.32
N ILE J 95 41.19 -5.53 38.99
CA ILE J 95 39.96 -5.69 38.22
C ILE J 95 39.69 -7.13 37.79
N LEU J 96 40.70 -7.79 37.20
CA LEU J 96 40.52 -9.12 36.63
C LEU J 96 41.39 -10.19 37.26
N GLY J 97 42.18 -9.80 38.25
CA GLY J 97 43.13 -10.70 38.89
C GLY J 97 42.49 -11.82 39.68
N ARG J 98 43.04 -13.03 39.51
CA ARG J 98 42.58 -14.23 40.22
C ARG J 98 42.68 -14.07 41.75
N GLN J 99 41.79 -14.75 42.46
CA GLN J 99 41.63 -14.57 43.90
C GLN J 99 42.49 -15.48 44.77
N ASP J 100 42.94 -16.61 44.23
CA ASP J 100 43.70 -17.58 45.00
C ASP J 100 45.17 -17.15 45.20
N GLY J 101 45.95 -18.00 45.88
CA GLY J 101 47.33 -17.68 46.24
C GLY J 101 48.38 -17.85 45.15
N VAL J 102 47.96 -18.29 43.97
CA VAL J 102 48.86 -18.42 42.83
C VAL J 102 49.03 -17.04 42.20
N LEU J 103 50.25 -16.73 41.74
CA LEU J 103 50.44 -15.44 41.08
C LEU J 103 49.97 -15.46 39.61
N GLN J 104 49.40 -14.34 39.20
CA GLN J 104 49.02 -14.09 37.82
C GLN J 104 49.97 -13.03 37.30
N ASP J 105 50.84 -13.41 36.39
CA ASP J 105 51.76 -12.45 35.78
C ASP J 105 51.11 -11.87 34.53
N TRP J 106 51.17 -10.55 34.41
CA TRP J 106 50.68 -9.87 33.22
C TRP J 106 51.86 -9.53 32.32
N VAL J 107 51.76 -9.88 31.04
CA VAL J 107 52.78 -9.49 30.07
C VAL J 107 52.25 -8.33 29.23
N ILE J 108 52.56 -7.12 29.65
CA ILE J 108 52.22 -5.95 28.86
C ILE J 108 53.51 -5.43 28.25
N ASP J 109 53.51 -5.25 26.94
CA ASP J 109 54.69 -4.76 26.26
C ASP J 109 54.39 -3.52 25.39
N ASP J 110 53.46 -3.65 24.46
CA ASP J 110 53.30 -2.64 23.41
C ASP J 110 52.27 -1.57 23.73
N CYS J 111 52.69 -0.31 23.56
CA CYS J 111 51.79 0.83 23.62
C CYS J 111 51.09 0.99 22.28
N ILE J 112 49.77 1.08 22.30
CA ILE J 112 48.99 1.12 21.06
C ILE J 112 48.24 2.43 20.78
N GLY J 113 48.27 3.37 21.72
CA GLY J 113 47.63 4.66 21.52
C GLY J 113 47.70 5.62 22.70
N ASN J 114 47.57 6.92 22.39
CA ASN J 114 47.51 7.98 23.39
C ASN J 114 46.30 8.89 23.17
N TRP J 115 45.56 9.19 24.23
CA TRP J 115 44.37 10.03 24.15
C TRP J 115 44.39 11.15 25.17
N TRP J 116 44.13 12.37 24.70
CA TRP J 116 44.11 13.55 25.57
C TRP J 116 42.72 14.19 25.70
N ARG J 117 42.39 14.56 26.93
CA ARG J 117 41.19 15.34 27.20
C ARG J 117 41.57 16.82 27.37
N PRO J 118 41.13 17.67 26.43
CA PRO J 118 41.48 19.09 26.49
C PRO J 118 40.80 19.87 27.62
N ASN J 119 39.54 19.54 27.91
CA ASN J 119 38.76 20.26 28.91
C ASN J 119 38.10 19.33 29.92
N PHE J 120 37.53 19.90 30.98
CA PHE J 120 36.75 19.13 31.95
C PHE J 120 35.38 18.80 31.35
N GLU J 121 35.44 18.09 30.23
CA GLU J 121 34.28 17.73 29.41
C GLU J 121 34.55 16.33 28.83
N PRO J 122 33.52 15.67 28.26
CA PRO J 122 33.73 14.31 27.71
C PRO J 122 34.72 14.14 26.53
N PRO J 123 34.78 15.08 25.56
CA PRO J 123 35.54 14.80 24.34
C PRO J 123 37.02 14.48 24.54
N GLN J 124 37.49 13.47 23.80
CA GLN J 124 38.88 13.02 23.83
C GLN J 124 39.37 12.83 22.41
N TYR J 125 40.65 13.11 22.20
CA TYR J 125 41.24 13.06 20.86
C TYR J 125 42.61 12.37 20.89
N PRO J 126 43.03 11.75 19.78
CA PRO J 126 44.33 11.09 19.75
C PRO J 126 45.49 12.05 19.49
N TYR J 127 45.33 13.29 19.95
CA TYR J 127 46.33 14.35 19.78
C TYR J 127 45.90 15.52 20.65
N ILE J 128 46.80 16.48 20.84
CA ILE J 128 46.50 17.69 21.62
C ILE J 128 46.21 18.83 20.64
N PRO J 129 44.97 19.36 20.65
CA PRO J 129 44.58 20.46 19.77
C PRO J 129 45.53 21.66 19.92
N ALA J 130 45.83 22.32 18.81
CA ALA J 130 46.87 23.34 18.75
C ALA J 130 46.70 24.50 19.74
N HIS J 131 45.50 24.67 20.27
CA HIS J 131 45.20 25.77 21.18
C HIS J 131 45.19 25.34 22.65
N ILE J 132 45.47 24.05 22.88
CA ILE J 132 45.51 23.53 24.23
C ILE J 132 46.96 23.39 24.68
N THR J 133 47.24 23.95 25.85
CA THR J 133 48.58 23.91 26.43
C THR J 133 48.60 23.02 27.66
N LYS J 134 47.50 23.02 28.42
CA LYS J 134 47.39 22.27 29.66
C LYS J 134 46.24 21.26 29.58
N PRO J 135 46.49 20.09 28.95
CA PRO J 135 45.44 19.07 28.88
C PRO J 135 45.06 18.59 30.27
N LYS J 136 43.82 18.16 30.44
CA LYS J 136 43.33 17.73 31.75
C LYS J 136 43.63 16.27 32.03
N GLU J 137 43.47 15.44 31.01
CA GLU J 137 43.76 14.01 31.14
C GLU J 137 44.67 13.49 30.03
N HIS J 138 45.52 12.53 30.37
CA HIS J 138 46.28 11.78 29.38
C HIS J 138 46.02 10.28 29.56
N LYS J 139 45.40 9.67 28.55
CA LYS J 139 45.12 8.24 28.57
C LYS J 139 46.12 7.46 27.73
N LYS J 140 46.56 6.33 28.26
CA LYS J 140 47.54 5.50 27.57
C LYS J 140 47.03 4.06 27.45
N LEU J 141 47.09 3.53 26.24
CA LEU J 141 46.61 2.17 25.94
C LEU J 141 47.76 1.19 25.64
N PHE J 142 47.72 0.03 26.31
CA PHE J 142 48.72 -1.03 26.14
C PHE J 142 48.09 -2.36 25.72
N LEU J 143 48.75 -3.07 24.82
CA LEU J 143 48.33 -4.43 24.50
C LEU J 143 48.88 -5.38 25.54
N VAL J 144 48.00 -6.22 26.09
CA VAL J 144 48.38 -7.21 27.08
C VAL J 144 48.36 -8.60 26.46
N GLN J 145 49.54 -9.21 26.31
CA GLN J 145 49.66 -10.56 25.79
C GLN J 145 49.24 -11.61 26.82
N LEU J 146 48.12 -12.28 26.55
CA LEU J 146 47.67 -13.37 27.39
C LEU J 146 48.42 -14.66 27.10
N GLN J 147 48.64 -15.46 28.14
CA GLN J 147 49.23 -16.78 27.99
C GLN J 147 48.20 -17.77 27.43
N GLU J 148 48.61 -19.03 27.24
CA GLU J 148 47.76 -20.07 26.64
C GLU J 148 46.50 -20.36 27.46
N LYS J 149 46.63 -20.40 28.78
CA LYS J 149 45.53 -20.69 29.68
C LYS J 149 45.67 -19.80 30.91
N ALA J 150 44.54 -19.22 31.35
CA ALA J 150 44.54 -18.28 32.47
C ALA J 150 43.19 -18.25 33.17
N LEU J 151 43.25 -17.88 34.45
CA LEU J 151 42.08 -17.77 35.30
C LEU J 151 41.88 -16.31 35.71
N PHE J 152 40.66 -15.80 35.49
CA PHE J 152 40.32 -14.43 35.88
C PHE J 152 39.16 -14.37 36.87
N ALA J 153 39.03 -13.23 37.55
CA ALA J 153 37.91 -12.99 38.44
C ALA J 153 37.32 -11.62 38.12
N VAL J 154 36.08 -11.63 37.64
CA VAL J 154 35.38 -10.41 37.22
C VAL J 154 34.48 -9.94 38.36
N PRO J 155 34.52 -8.62 38.68
CA PRO J 155 33.60 -8.07 39.68
C PRO J 155 32.14 -8.29 39.29
N LYS J 156 31.30 -8.59 40.29
CA LYS J 156 29.90 -8.98 40.06
C LYS J 156 29.09 -7.93 39.28
N ASN J 157 29.32 -6.65 39.59
CA ASN J 157 28.63 -5.55 38.90
C ASN J 157 29.02 -5.36 37.42
N TYR J 158 30.08 -6.06 36.99
CA TYR J 158 30.51 -6.06 35.59
C TYR J 158 30.28 -7.42 34.94
N LYS J 159 30.15 -7.41 33.63
CA LYS J 159 30.10 -8.63 32.83
C LYS J 159 31.20 -8.55 31.79
N LEU J 160 31.87 -9.65 31.50
CA LEU J 160 32.94 -9.65 30.52
C LEU J 160 32.49 -10.16 29.16
N VAL J 161 32.74 -9.38 28.12
CA VAL J 161 32.32 -9.74 26.77
C VAL J 161 33.47 -9.68 25.77
N ALA J 162 33.44 -10.61 24.81
CA ALA J 162 34.43 -10.61 23.72
C ALA J 162 33.83 -9.98 22.46
N ALA J 163 34.21 -8.72 22.21
CA ALA J 163 33.64 -7.96 21.10
C ALA J 163 34.49 -8.15 19.85
N PRO J 164 33.90 -8.69 18.78
CA PRO J 164 34.64 -8.87 17.53
C PRO J 164 34.99 -7.53 16.87
N LEU J 165 36.09 -7.51 16.12
CA LEU J 165 36.60 -6.28 15.53
C LEU J 165 35.63 -5.63 14.55
N PHE J 166 34.86 -6.44 13.82
CA PHE J 166 33.85 -5.90 12.88
C PHE J 166 32.68 -5.23 13.59
N GLU J 167 32.45 -5.60 14.85
CA GLU J 167 31.41 -4.98 15.66
C GLU J 167 31.88 -3.61 16.18
N LEU J 168 33.18 -3.49 16.39
CA LEU J 168 33.75 -2.26 16.93
C LEU J 168 33.99 -1.24 15.83
N TYR J 169 34.33 -1.71 14.64
CA TYR J 169 34.67 -0.85 13.51
C TYR J 169 33.53 0.07 13.09
N ASP J 170 33.85 1.37 12.97
CA ASP J 170 32.90 2.40 12.54
C ASP J 170 31.61 2.35 13.37
N ASN J 171 31.77 2.25 14.69
CA ASN J 171 30.64 2.09 15.60
C ASN J 171 30.79 2.96 16.87
N ALA J 172 31.11 4.24 16.65
CA ALA J 172 31.29 5.20 17.74
C ALA J 172 30.05 5.39 18.64
N PRO J 173 28.83 5.43 18.04
CA PRO J 173 27.65 5.45 18.91
C PRO J 173 27.55 4.22 19.83
N GLY J 174 27.93 3.06 19.31
CA GLY J 174 27.87 1.83 20.08
C GLY J 174 28.90 1.78 21.20
N TYR J 175 30.15 2.15 20.89
CA TYR J 175 31.28 1.87 21.78
C TYR J 175 32.09 3.09 22.24
N GLY J 176 32.00 4.19 21.50
CA GLY J 176 32.74 5.41 21.84
C GLY J 176 33.95 5.56 20.95
N PRO J 177 34.51 6.78 20.87
CA PRO J 177 35.62 7.08 19.94
C PRO J 177 36.90 6.26 20.16
N ILE J 178 37.19 5.86 21.40
CA ILE J 178 38.42 5.13 21.70
C ILE J 178 38.31 3.64 21.35
N ILE J 179 37.39 2.94 22.00
CA ILE J 179 37.21 1.51 21.78
C ILE J 179 36.86 1.18 20.33
N SER J 180 36.00 1.99 19.72
CA SER J 180 35.57 1.78 18.33
C SER J 180 36.68 2.00 17.31
N SER J 181 37.76 2.68 17.72
CA SER J 181 38.87 2.89 16.81
C SER J 181 40.03 1.91 17.06
N LEU J 182 39.74 0.86 17.83
CA LEU J 182 40.74 -0.17 18.13
C LEU J 182 41.16 -1.00 16.91
N PRO J 183 40.20 -1.39 16.03
CA PRO J 183 40.59 -2.21 14.89
C PRO J 183 41.79 -1.66 14.10
N GLN J 184 41.80 -0.34 13.90
CA GLN J 184 42.85 0.31 13.10
C GLN J 184 44.22 0.19 13.75
N LEU J 185 44.35 0.68 14.99
CA LEU J 185 45.60 0.56 15.74
C LEU J 185 46.10 -0.90 15.83
N LEU J 186 45.18 -1.82 16.09
CA LEU J 186 45.51 -3.24 16.29
C LEU J 186 45.94 -3.97 15.01
N SER J 187 45.66 -3.39 13.85
CA SER J 187 45.92 -4.05 12.57
C SER J 187 47.40 -4.28 12.26
N ARG J 188 48.28 -3.61 13.01
CA ARG J 188 49.73 -3.72 12.78
C ARG J 188 50.32 -5.02 13.30
N PHE J 189 49.64 -5.62 14.27
CA PHE J 189 50.09 -6.86 14.87
C PHE J 189 49.80 -8.06 13.98
N ASN J 190 50.80 -8.94 13.85
CA ASN J 190 50.62 -10.19 13.14
C ASN J 190 50.14 -11.28 14.10
N PHE J 191 48.82 -11.42 14.18
CA PHE J 191 48.22 -12.39 15.10
C PHE J 191 48.28 -13.82 14.56
N ILE J 192 48.60 -14.77 15.44
CA ILE J 192 48.43 -16.20 15.14
C ILE J 192 47.20 -16.68 15.88
N TYR J 193 46.30 -17.35 15.17
CA TYR J 193 45.07 -17.86 15.76
C TYR J 193 45.24 -19.33 16.14
N ASN J 194 45.65 -19.56 17.39
CA ASN J 194 45.84 -20.91 17.90
C ASN J 194 44.49 -21.54 18.23
N LEU J 195 44.34 -22.82 17.89
CA LEU J 195 43.09 -23.54 18.11
C LEU J 195 43.11 -24.33 19.42
N GLU J 196 41.94 -24.74 19.88
CA GLU J 196 41.77 -25.40 21.17
C GLU J 196 42.28 -26.86 21.17
N HIS J 197 42.60 -27.37 22.35
CA HIS J 197 42.94 -28.79 22.53
C HIS J 197 41.66 -29.61 22.76
N ILE K 2 30.51 40.98 33.83
CA ILE K 2 30.86 41.51 32.47
C ILE K 2 31.64 40.48 31.64
N ALA K 3 31.12 40.16 30.45
CA ALA K 3 31.73 39.17 29.56
C ALA K 3 31.85 39.62 28.11
N LEU K 4 33.01 39.39 27.52
CA LEU K 4 33.34 39.85 26.18
C LEU K 4 33.69 38.70 25.24
N TYR K 5 33.25 38.80 23.99
CA TYR K 5 33.64 37.88 22.92
C TYR K 5 34.93 38.35 22.31
N ILE K 6 35.88 37.43 22.14
CA ILE K 6 37.10 37.76 21.42
C ILE K 6 37.22 36.86 20.21
N GLY K 7 36.98 37.44 19.03
CA GLY K 7 36.96 36.73 17.77
C GLY K 7 38.19 36.95 16.90
N ASN K 8 38.15 36.39 15.70
CA ASN K 8 39.22 36.50 14.71
C ASN K 8 40.57 35.95 15.20
N LEU K 9 40.51 34.82 15.91
CA LEU K 9 41.71 34.18 16.43
C LEU K 9 42.10 33.00 15.56
N THR K 10 43.40 32.85 15.32
CA THR K 10 43.90 31.66 14.64
C THR K 10 43.55 30.44 15.50
N TRP K 11 43.38 29.27 14.88
CA TRP K 11 43.05 28.06 15.64
C TRP K 11 44.21 27.57 16.50
N TRP K 12 45.40 28.14 16.32
CA TRP K 12 46.55 27.81 17.16
C TRP K 12 46.87 28.86 18.24
N THR K 13 45.99 29.85 18.37
CA THR K 13 46.08 30.82 19.47
C THR K 13 45.66 30.15 20.77
N THR K 14 46.55 30.18 21.76
CA THR K 14 46.32 29.44 23.00
C THR K 14 45.63 30.28 24.07
N ASP K 15 45.30 29.64 25.20
CA ASP K 15 44.83 30.33 26.39
C ASP K 15 45.95 31.20 26.99
N GLU K 16 47.17 30.69 26.96
CA GLU K 16 48.34 31.45 27.42
C GLU K 16 48.61 32.66 26.54
N ASP K 17 48.57 32.46 25.21
CA ASP K 17 48.75 33.55 24.25
C ASP K 17 47.79 34.70 24.51
N LEU K 18 46.54 34.37 24.79
CA LEU K 18 45.49 35.34 25.01
C LEU K 18 45.58 36.00 26.39
N THR K 19 45.95 35.22 27.40
CA THR K 19 46.15 35.75 28.76
C THR K 19 47.33 36.74 28.79
N GLU K 20 48.43 36.37 28.14
CA GLU K 20 49.61 37.22 28.07
C GLU K 20 49.34 38.52 27.31
N ALA K 21 48.47 38.46 26.31
CA ALA K 21 48.09 39.64 25.54
C ALA K 21 47.28 40.61 26.39
N VAL K 22 46.31 40.08 27.13
CA VAL K 22 45.46 40.88 28.02
C VAL K 22 46.27 41.53 29.14
N HIS K 23 47.21 40.76 29.71
CA HIS K 23 48.10 41.27 30.75
C HIS K 23 48.98 42.43 30.28
N SER K 24 49.41 42.40 29.02
CA SER K 24 50.21 43.47 28.41
C SER K 24 49.44 44.79 28.31
N LEU K 25 48.12 44.69 28.21
CA LEU K 25 47.25 45.86 28.10
C LEU K 25 46.75 46.36 29.47
N GLY K 26 47.35 45.84 30.53
CA GLY K 26 47.11 46.33 31.89
C GLY K 26 45.84 45.90 32.59
N VAL K 27 45.19 44.84 32.07
CA VAL K 27 43.98 44.30 32.68
C VAL K 27 44.33 43.06 33.50
N ASN K 28 44.33 43.21 34.82
CA ASN K 28 44.75 42.13 35.72
C ASN K 28 43.58 41.41 36.40
N ASP K 29 42.38 41.58 35.85
CA ASP K 29 41.16 41.04 36.43
C ASP K 29 40.49 39.99 35.53
N ILE K 30 41.29 39.03 35.06
CA ILE K 30 40.78 37.95 34.20
C ILE K 30 40.04 36.89 35.02
N LEU K 31 38.77 36.68 34.69
CA LEU K 31 37.95 35.69 35.37
C LEU K 31 38.06 34.30 34.74
N GLU K 32 37.68 34.18 33.47
CA GLU K 32 37.70 32.89 32.77
C GLU K 32 37.77 33.02 31.25
N ILE K 33 38.47 32.08 30.61
CA ILE K 33 38.61 32.06 29.16
C ILE K 33 38.04 30.76 28.59
N LYS K 34 36.91 30.86 27.89
CA LYS K 34 36.25 29.70 27.31
C LYS K 34 36.32 29.73 25.79
N PHE K 35 37.15 28.86 25.23
CA PHE K 35 37.27 28.70 23.77
C PHE K 35 36.06 27.97 23.20
N PHE K 36 35.55 28.47 22.08
CA PHE K 36 34.49 27.79 21.35
C PHE K 36 35.12 26.90 20.29
N GLU K 37 34.90 25.59 20.44
CA GLU K 37 35.64 24.61 19.66
C GLU K 37 34.73 23.65 18.89
N ASN K 38 35.28 23.09 17.82
CA ASN K 38 34.60 22.07 17.03
C ASN K 38 34.60 20.76 17.79
N ARG K 39 33.42 20.32 18.20
CA ARG K 39 33.26 19.12 19.01
C ARG K 39 33.72 17.84 18.29
N ALA K 40 33.49 17.77 16.98
CA ALA K 40 33.88 16.62 16.17
C ALA K 40 35.39 16.32 16.17
N ASN K 41 36.22 17.36 16.13
CA ASN K 41 37.68 17.16 16.05
C ASN K 41 38.56 17.98 17.02
N GLY K 42 37.93 18.75 17.90
CA GLY K 42 38.67 19.49 18.93
C GLY K 42 39.29 20.81 18.51
N GLN K 43 39.15 21.17 17.25
CA GLN K 43 39.73 22.40 16.71
C GLN K 43 39.06 23.67 17.27
N SER K 44 39.87 24.67 17.57
CA SER K 44 39.37 25.99 17.99
C SER K 44 38.65 26.73 16.86
N LYS K 45 37.45 27.23 17.13
CA LYS K 45 36.66 27.94 16.10
C LYS K 45 37.17 29.35 15.78
N GLY K 46 38.10 29.85 16.59
CA GLY K 46 38.69 31.17 16.34
C GLY K 46 38.09 32.30 17.15
N PHE K 47 37.26 31.96 18.12
CA PHE K 47 36.75 32.94 19.08
C PHE K 47 36.56 32.35 20.47
N ALA K 48 36.60 33.21 21.48
CA ALA K 48 36.46 32.79 22.87
C ALA K 48 35.62 33.76 23.67
N LEU K 49 35.12 33.29 24.80
CA LEU K 49 34.36 34.12 25.73
C LEU K 49 35.24 34.44 26.94
N VAL K 50 35.50 35.73 27.15
CA VAL K 50 36.38 36.16 28.24
C VAL K 50 35.62 36.94 29.31
N GLY K 51 35.80 36.52 30.56
CA GLY K 51 35.21 37.21 31.70
C GLY K 51 36.19 38.15 32.35
N VAL K 52 35.78 39.42 32.51
CA VAL K 52 36.60 40.44 33.14
C VAL K 52 35.90 41.03 34.37
N GLY K 53 36.68 41.42 35.38
CA GLY K 53 36.14 41.92 36.63
C GLY K 53 35.55 43.31 36.56
N SER K 54 36.32 44.24 36.00
CA SER K 54 35.97 45.66 35.99
C SER K 54 35.26 46.09 34.71
N GLU K 55 34.61 47.25 34.76
CA GLU K 55 34.10 47.91 33.55
C GLU K 55 35.24 48.57 32.79
N ALA K 56 36.25 49.04 33.54
CA ALA K 56 37.47 49.60 32.96
C ALA K 56 38.26 48.56 32.18
N SER K 57 38.22 47.31 32.64
CA SER K 57 38.86 46.19 31.97
C SER K 57 38.19 45.89 30.62
N SER K 58 36.89 46.10 30.54
CA SER K 58 36.13 45.90 29.31
C SER K 58 36.34 47.04 28.32
N LYS K 59 36.49 48.25 28.84
CA LYS K 59 36.71 49.44 28.01
C LYS K 59 38.12 49.43 27.41
N LYS K 60 39.10 48.97 28.21
CA LYS K 60 40.48 48.82 27.75
C LYS K 60 40.58 47.76 26.66
N LEU K 61 39.82 46.68 26.84
CA LEU K 61 39.89 45.51 25.99
C LEU K 61 39.26 45.77 24.62
N MET K 62 38.24 46.63 24.60
CA MET K 62 37.52 46.96 23.37
C MET K 62 38.25 47.92 22.45
N ASP K 63 39.19 48.69 23.02
CA ASP K 63 39.87 49.72 22.26
C ASP K 63 41.30 49.34 21.88
N LEU K 64 42.00 48.65 22.78
CA LEU K 64 43.44 48.42 22.60
C LEU K 64 43.82 47.01 22.11
N LEU K 65 42.95 46.04 22.38
CA LEU K 65 43.20 44.66 21.94
C LEU K 65 43.09 44.47 20.41
N PRO K 66 42.07 45.10 19.77
CA PRO K 66 42.02 45.08 18.30
C PRO K 66 43.19 45.79 17.61
N LYS K 67 43.87 46.68 18.34
CA LYS K 67 44.99 47.43 17.79
C LYS K 67 46.27 46.60 17.67
N ARG K 68 46.40 45.58 18.51
CA ARG K 68 47.60 44.75 18.55
C ARG K 68 47.39 43.43 17.82
N GLU K 69 48.45 42.95 17.17
CA GLU K 69 48.43 41.69 16.43
C GLU K 69 48.66 40.48 17.32
N LEU K 70 47.94 39.40 17.06
CA LEU K 70 48.08 38.15 17.79
C LEU K 70 48.20 36.98 16.80
N HIS K 71 49.45 36.62 16.48
CA HIS K 71 49.77 35.63 15.43
C HIS K 71 49.32 36.11 14.04
N GLY K 72 49.65 37.35 13.72
CA GLY K 72 49.31 37.93 12.42
C GLY K 72 47.85 38.30 12.23
N GLN K 73 47.05 38.18 13.29
CA GLN K 73 45.62 38.46 13.22
C GLN K 73 45.13 39.36 14.36
N ASN K 74 44.51 40.49 14.00
CA ASN K 74 43.95 41.40 14.99
C ASN K 74 42.62 40.89 15.53
N PRO K 75 42.50 40.74 16.86
CA PRO K 75 41.27 40.25 17.49
C PRO K 75 40.11 41.23 17.31
N VAL K 76 38.89 40.70 17.28
CA VAL K 76 37.68 41.52 17.23
C VAL K 76 36.95 41.34 18.55
N VAL K 77 36.88 42.41 19.32
CA VAL K 77 36.26 42.36 20.65
C VAL K 77 34.85 42.92 20.60
N THR K 78 33.91 42.13 21.07
CA THR K 78 32.48 42.42 20.96
C THR K 78 31.79 42.02 22.27
N PRO K 79 30.87 42.86 22.77
CA PRO K 79 30.02 42.58 23.94
C PRO K 79 29.13 41.32 23.85
N SER K 80 28.31 41.10 24.89
CA SER K 80 27.49 39.89 25.06
C SER K 80 26.13 39.93 24.29
N ASN K 81 25.37 38.82 24.18
CA ASN K 81 25.33 37.66 25.10
C ASN K 81 26.35 36.55 24.85
N ARG L 1 25.81 -18.87 -14.59
CA ARG L 1 24.82 -19.34 -15.61
C ARG L 1 23.48 -19.77 -14.97
N ILE L 2 23.55 -20.78 -14.11
CA ILE L 2 22.37 -21.25 -13.39
C ILE L 2 22.55 -20.96 -11.90
N ALA L 3 22.09 -19.79 -11.49
CA ALA L 3 22.36 -19.26 -10.15
C ALA L 3 21.53 -19.93 -9.05
N LEU L 4 22.12 -19.99 -7.86
CA LEU L 4 21.55 -20.71 -6.73
C LEU L 4 21.88 -19.97 -5.43
N TYR L 5 20.87 -19.76 -4.59
CA TYR L 5 21.04 -19.13 -3.28
C TYR L 5 21.34 -20.18 -2.20
N ILE L 6 22.33 -19.91 -1.36
CA ILE L 6 22.67 -20.81 -0.26
C ILE L 6 22.57 -20.07 1.07
N GLY L 7 21.48 -20.31 1.80
CA GLY L 7 21.21 -19.63 3.06
C GLY L 7 21.60 -20.42 4.28
N ASN L 8 21.30 -19.85 5.45
CA ASN L 8 21.64 -20.43 6.75
C ASN L 8 23.10 -20.84 6.91
N LEU L 9 24.01 -19.90 6.61
CA LEU L 9 25.43 -20.11 6.83
C LEU L 9 25.88 -19.25 8.02
N THR L 10 26.88 -19.75 8.76
CA THR L 10 27.50 -18.96 9.82
C THR L 10 28.41 -17.90 9.20
N TRP L 11 28.61 -16.78 9.88
CA TRP L 11 29.42 -15.70 9.34
C TRP L 11 30.91 -16.03 9.31
N TRP L 12 31.24 -17.24 9.75
CA TRP L 12 32.62 -17.72 9.69
C TRP L 12 32.78 -18.92 8.76
N THR L 13 31.72 -19.23 8.01
CA THR L 13 31.77 -20.22 6.94
C THR L 13 32.45 -19.57 5.74
N THR L 14 33.64 -20.06 5.40
CA THR L 14 34.46 -19.44 4.36
C THR L 14 34.12 -19.94 2.97
N ASP L 15 34.77 -19.34 1.98
CA ASP L 15 34.69 -19.79 0.58
C ASP L 15 35.34 -21.17 0.39
N GLU L 16 36.36 -21.48 1.20
CA GLU L 16 36.99 -22.80 1.19
C GLU L 16 36.02 -23.86 1.70
N ASP L 17 35.42 -23.59 2.86
CA ASP L 17 34.43 -24.48 3.47
C ASP L 17 33.34 -24.87 2.48
N LEU L 18 32.81 -23.87 1.79
CA LEU L 18 31.74 -24.05 0.81
C LEU L 18 32.23 -24.78 -0.46
N THR L 19 33.48 -24.53 -0.84
CA THR L 19 34.06 -25.16 -2.04
C THR L 19 34.29 -26.66 -1.85
N GLU L 20 34.94 -27.03 -0.74
CA GLU L 20 35.22 -28.45 -0.43
C GLU L 20 33.95 -29.25 -0.24
N ALA L 21 32.90 -28.62 0.29
CA ALA L 21 31.62 -29.26 0.52
C ALA L 21 30.91 -29.63 -0.79
N VAL L 22 30.89 -28.68 -1.73
CA VAL L 22 30.29 -28.90 -3.05
C VAL L 22 31.02 -30.00 -3.83
N HIS L 23 32.35 -30.04 -3.70
CA HIS L 23 33.15 -31.10 -4.29
C HIS L 23 32.90 -32.47 -3.66
N SER L 24 32.75 -32.49 -2.34
CA SER L 24 32.44 -33.73 -1.60
C SER L 24 31.19 -34.41 -2.15
N LEU L 25 30.23 -33.60 -2.61
CA LEU L 25 28.98 -34.08 -3.20
C LEU L 25 29.17 -34.57 -4.63
N GLY L 26 30.26 -34.13 -5.27
CA GLY L 26 30.58 -34.53 -6.64
C GLY L 26 30.13 -33.55 -7.71
N VAL L 27 30.35 -32.26 -7.46
CA VAL L 27 30.02 -31.21 -8.43
C VAL L 27 31.25 -30.33 -8.68
N ASN L 28 31.95 -30.62 -9.76
CA ASN L 28 33.23 -29.94 -10.06
C ASN L 28 33.12 -28.77 -11.04
N ASP L 29 31.89 -28.30 -11.30
CA ASP L 29 31.66 -27.22 -12.25
C ASP L 29 31.15 -25.92 -11.61
N ILE L 30 31.80 -25.52 -10.51
CA ILE L 30 31.49 -24.26 -9.85
C ILE L 30 32.06 -23.10 -10.66
N LEU L 31 31.20 -22.14 -11.00
CA LEU L 31 31.60 -20.98 -11.79
C LEU L 31 31.98 -19.79 -10.90
N GLU L 32 31.05 -19.36 -10.04
CA GLU L 32 31.27 -18.18 -9.19
C GLU L 32 30.51 -18.24 -7.85
N ILE L 33 31.24 -17.98 -6.77
CA ILE L 33 30.65 -17.91 -5.42
C ILE L 33 30.70 -16.46 -4.90
N LYS L 34 29.54 -15.94 -4.53
CA LYS L 34 29.40 -14.54 -4.11
C LYS L 34 28.70 -14.43 -2.75
N PHE L 35 29.47 -14.04 -1.73
CA PHE L 35 28.92 -13.85 -0.38
C PHE L 35 28.23 -12.50 -0.24
N PHE L 36 27.06 -12.52 0.40
CA PHE L 36 26.34 -11.29 0.71
C PHE L 36 26.81 -10.76 2.06
N GLU L 37 27.35 -9.55 2.05
CA GLU L 37 28.01 -9.00 3.22
C GLU L 37 27.56 -7.58 3.57
N ASN L 38 27.76 -7.24 4.84
CA ASN L 38 27.52 -5.89 5.35
C ASN L 38 28.63 -4.97 4.87
N ARG L 39 28.25 -3.86 4.23
CA ARG L 39 29.22 -2.93 3.63
C ARG L 39 30.06 -2.16 4.65
N ALA L 40 29.45 -1.84 5.79
CA ALA L 40 30.10 -1.03 6.82
C ALA L 40 31.29 -1.73 7.47
N ASN L 41 31.13 -3.02 7.79
CA ASN L 41 32.15 -3.76 8.53
C ASN L 41 32.72 -5.01 7.83
N GLY L 42 32.03 -5.47 6.79
CA GLY L 42 32.52 -6.61 6.00
C GLY L 42 32.07 -7.96 6.50
N GLN L 43 31.19 -7.96 7.50
CA GLN L 43 30.65 -9.19 8.05
C GLN L 43 29.69 -9.86 7.06
N SER L 44 29.77 -11.18 6.97
CA SER L 44 28.89 -11.99 6.14
C SER L 44 27.46 -11.97 6.68
N LYS L 45 26.51 -11.70 5.80
CA LYS L 45 25.08 -11.69 6.14
C LYS L 45 24.50 -13.07 6.47
N GLY L 46 25.19 -14.12 6.03
CA GLY L 46 24.78 -15.49 6.34
C GLY L 46 24.29 -16.30 5.17
N PHE L 47 24.36 -15.74 3.96
CA PHE L 47 23.96 -16.43 2.75
C PHE L 47 24.81 -16.02 1.56
N ALA L 48 24.88 -16.91 0.56
CA ALA L 48 25.71 -16.68 -0.62
C ALA L 48 24.98 -17.03 -1.91
N LEU L 49 25.48 -16.51 -3.02
CA LEU L 49 24.94 -16.79 -4.34
C LEU L 49 25.97 -17.56 -5.16
N VAL L 50 25.64 -18.81 -5.47
CA VAL L 50 26.56 -19.70 -6.18
C VAL L 50 26.07 -20.01 -7.59
N GLY L 51 26.90 -19.67 -8.58
CA GLY L 51 26.63 -20.03 -9.97
C GLY L 51 27.23 -21.37 -10.30
N VAL L 52 26.42 -22.27 -10.85
CA VAL L 52 26.87 -23.61 -11.23
C VAL L 52 26.89 -23.73 -12.76
N GLY L 53 27.58 -24.75 -13.25
CA GLY L 53 27.76 -24.96 -14.69
C GLY L 53 26.75 -25.90 -15.35
N SER L 54 26.20 -26.82 -14.56
CA SER L 54 25.29 -27.84 -15.09
C SER L 54 23.91 -27.80 -14.44
N GLU L 55 22.89 -28.19 -15.21
CA GLU L 55 21.55 -28.42 -14.68
C GLU L 55 21.53 -29.68 -13.82
N ALA L 56 22.44 -30.60 -14.11
CA ALA L 56 22.65 -31.80 -13.31
C ALA L 56 23.34 -31.46 -11.99
N SER L 57 24.18 -30.42 -12.01
CA SER L 57 24.84 -29.94 -10.80
C SER L 57 23.88 -29.19 -9.89
N SER L 58 22.95 -28.45 -10.49
CA SER L 58 21.96 -27.66 -9.76
C SER L 58 21.03 -28.54 -8.93
N LYS L 59 20.49 -29.58 -9.55
CA LYS L 59 19.60 -30.53 -8.88
C LYS L 59 20.33 -31.36 -7.82
N LYS L 60 21.62 -31.62 -8.06
CA LYS L 60 22.46 -32.36 -7.12
C LYS L 60 22.78 -31.53 -5.87
N LEU L 61 23.09 -30.25 -6.07
CA LEU L 61 23.35 -29.34 -4.95
C LEU L 61 22.05 -28.95 -4.22
N MET L 62 20.92 -29.09 -4.90
CA MET L 62 19.62 -28.80 -4.30
C MET L 62 19.16 -29.90 -3.34
N ASP L 63 19.49 -31.14 -3.68
CA ASP L 63 18.97 -32.31 -2.95
C ASP L 63 19.90 -32.82 -1.85
N LEU L 64 21.21 -32.79 -2.08
CA LEU L 64 22.16 -33.41 -1.14
C LEU L 64 23.12 -32.47 -0.39
N LEU L 65 23.09 -31.18 -0.70
CA LEU L 65 23.84 -30.19 0.09
C LEU L 65 23.16 -29.85 1.43
N PRO L 66 21.81 -29.69 1.44
CA PRO L 66 21.11 -29.43 2.71
C PRO L 66 21.17 -30.56 3.72
N LYS L 67 21.83 -31.67 3.37
CA LYS L 67 21.86 -32.86 4.22
C LYS L 67 23.24 -33.13 4.85
N ARG L 68 24.07 -32.09 4.94
CA ARG L 68 25.33 -32.18 5.65
C ARG L 68 25.66 -30.81 6.25
N GLU L 69 25.89 -30.78 7.56
CA GLU L 69 26.09 -29.51 8.28
C GLU L 69 27.49 -28.93 8.11
N LEU L 70 27.54 -27.63 7.83
CA LEU L 70 28.79 -26.88 7.78
C LEU L 70 28.89 -25.97 9.00
N HIS L 71 29.86 -26.28 9.87
CA HIS L 71 30.03 -25.60 11.16
C HIS L 71 28.80 -25.71 12.06
N GLY L 72 28.10 -26.84 11.96
CA GLY L 72 26.98 -27.15 12.84
C GLY L 72 25.60 -26.74 12.36
N GLN L 73 25.51 -26.21 11.13
CA GLN L 73 24.22 -25.78 10.58
C GLN L 73 24.00 -26.28 9.16
N ASN L 74 22.78 -26.75 8.89
CA ASN L 74 22.41 -27.27 7.58
C ASN L 74 22.06 -26.14 6.61
N PRO L 75 22.78 -26.09 5.47
CA PRO L 75 22.57 -25.06 4.44
C PRO L 75 21.20 -25.17 3.76
N VAL L 76 20.68 -24.04 3.31
CA VAL L 76 19.39 -23.99 2.63
C VAL L 76 19.60 -23.54 1.19
N VAL L 77 19.22 -24.40 0.24
CA VAL L 77 19.46 -24.14 -1.17
C VAL L 77 18.18 -23.73 -1.91
N THR L 78 18.25 -22.62 -2.63
CA THR L 78 17.10 -22.03 -3.31
C THR L 78 17.53 -21.51 -4.69
N PRO L 79 16.70 -21.72 -5.73
CA PRO L 79 16.97 -21.13 -7.04
C PRO L 79 17.03 -19.60 -7.02
N SER L 80 17.68 -19.02 -8.01
CA SER L 80 17.91 -17.56 -8.10
C SER L 80 16.65 -16.72 -7.87
N GLU M 1 -25.88 17.56 5.13
CA GLU M 1 -25.92 18.88 4.45
C GLU M 1 -25.22 18.82 3.09
N ARG M 2 -25.63 19.72 2.19
CA ARG M 2 -25.10 19.75 0.82
C ARG M 2 -24.97 21.20 0.32
N THR M 3 -23.73 21.67 0.26
CA THR M 3 -23.44 23.07 -0.06
C THR M 3 -23.34 23.31 -1.57
N ILE M 4 -24.09 24.29 -2.06
CA ILE M 4 -24.09 24.66 -3.48
C ILE M 4 -23.76 26.14 -3.65
N ASN M 5 -22.82 26.43 -4.55
CA ASN M 5 -22.47 27.81 -4.90
C ASN M 5 -23.36 28.40 -5.98
N LEU M 6 -23.89 29.58 -5.70
CA LEU M 6 -24.67 30.34 -6.67
C LEU M 6 -23.97 31.65 -7.01
N TYR M 7 -24.15 32.11 -8.24
CA TYR M 7 -23.51 33.33 -8.71
C TYR M 7 -24.55 34.21 -9.40
N PRO M 8 -24.33 35.55 -9.40
CA PRO M 8 -25.31 36.48 -9.97
C PRO M 8 -25.68 36.16 -11.42
N LEU M 9 -26.90 36.50 -11.81
CA LEU M 9 -27.36 36.33 -13.19
C LEU M 9 -26.52 37.14 -14.20
N THR M 10 -25.91 38.22 -13.73
CA THR M 10 -25.05 39.08 -14.55
C THR M 10 -23.62 38.55 -14.68
N ASN M 11 -23.33 37.42 -14.02
CA ASN M 11 -22.06 36.72 -14.20
C ASN M 11 -22.01 35.91 -15.49
N TYR M 12 -23.18 35.67 -16.07
CA TYR M 12 -23.28 34.84 -17.27
C TYR M 12 -23.72 35.67 -18.47
N THR M 13 -23.08 35.40 -19.60
CA THR M 13 -23.45 36.04 -20.86
C THR M 13 -24.10 34.99 -21.76
N PHE M 14 -25.28 35.33 -22.28
CA PHE M 14 -26.05 34.38 -23.06
C PHE M 14 -26.12 34.81 -24.52
N GLY M 15 -25.25 34.22 -25.34
CA GLY M 15 -25.23 34.48 -26.78
C GLY M 15 -26.28 33.67 -27.53
N THR M 16 -26.20 33.72 -28.86
CA THR M 16 -27.15 33.00 -29.70
C THR M 16 -26.46 32.08 -30.71
N LYS M 17 -27.17 31.02 -31.10
CA LYS M 17 -26.73 30.11 -32.16
C LYS M 17 -27.95 29.66 -32.96
N GLU M 18 -27.70 28.91 -34.03
CA GLU M 18 -28.77 28.49 -34.95
C GLU M 18 -29.87 27.66 -34.27
N PRO M 19 -31.13 27.80 -34.75
CA PRO M 19 -32.28 27.10 -34.16
C PRO M 19 -32.14 25.59 -34.18
N LEU M 20 -32.68 24.95 -33.15
CA LEU M 20 -32.74 23.50 -33.08
C LEU M 20 -34.19 23.06 -32.83
N TYR M 21 -34.90 22.77 -33.91
CA TYR M 21 -36.30 22.33 -33.84
C TYR M 21 -36.41 20.94 -33.23
N GLU M 22 -37.42 20.76 -32.37
CA GLU M 22 -37.69 19.45 -31.75
C GLU M 22 -38.05 18.42 -32.83
N LYS M 23 -37.73 17.16 -32.57
CA LYS M 23 -37.91 16.07 -33.56
C LYS M 23 -39.31 16.02 -34.19
N ASP M 24 -40.31 16.54 -33.47
CA ASP M 24 -41.69 16.59 -33.98
C ASP M 24 -42.37 17.93 -33.69
N SER M 25 -43.22 18.36 -34.61
CA SER M 25 -43.85 19.69 -34.56
C SER M 25 -45.16 19.73 -33.77
N SER M 26 -46.05 18.78 -34.04
CA SER M 26 -47.35 18.75 -33.37
C SER M 26 -47.27 18.15 -31.98
N VAL M 27 -48.39 18.18 -31.27
CA VAL M 27 -48.55 17.45 -30.02
C VAL M 27 -48.93 16.01 -30.35
N ALA M 28 -49.74 15.83 -31.39
CA ALA M 28 -50.14 14.51 -31.87
C ALA M 28 -48.98 13.74 -32.49
N ALA M 29 -48.00 14.46 -33.04
CA ALA M 29 -46.81 13.84 -33.64
C ALA M 29 -45.80 13.36 -32.61
N ARG M 30 -45.69 14.07 -31.49
CA ARG M 30 -44.78 13.66 -30.43
C ARG M 30 -45.32 12.49 -29.61
N PHE M 31 -46.64 12.39 -29.50
CA PHE M 31 -47.29 11.29 -28.81
C PHE M 31 -47.48 10.06 -29.71
N GLN M 32 -47.20 10.23 -31.00
CA GLN M 32 -47.19 9.12 -31.94
C GLN M 32 -45.79 8.52 -32.05
N ARG M 33 -44.78 9.39 -32.18
CA ARG M 33 -43.38 8.95 -32.25
C ARG M 33 -42.99 8.17 -30.99
N MET M 34 -43.59 8.54 -29.87
CA MET M 34 -43.39 7.87 -28.59
C MET M 34 -44.03 6.48 -28.61
N ARG M 35 -45.15 6.37 -29.31
CA ARG M 35 -45.88 5.12 -29.42
C ARG M 35 -45.15 4.14 -30.33
N GLU M 36 -44.48 4.69 -31.34
CA GLU M 36 -43.78 3.92 -32.35
C GLU M 36 -42.43 3.43 -31.83
N GLU M 37 -41.81 4.26 -30.98
CA GLU M 37 -40.51 3.94 -30.41
C GLU M 37 -40.60 2.97 -29.24
N PHE M 38 -41.74 2.96 -28.56
CA PHE M 38 -41.93 2.13 -27.37
C PHE M 38 -41.90 0.63 -27.70
N ASP M 39 -42.49 0.27 -28.83
CA ASP M 39 -42.58 -1.13 -29.24
C ASP M 39 -41.30 -1.63 -29.92
N LYS M 40 -40.37 -0.70 -30.17
CA LYS M 40 -39.06 -1.02 -30.74
C LYS M 40 -37.93 -0.96 -29.71
N ILE M 41 -37.96 0.10 -28.89
CA ILE M 41 -36.90 0.37 -27.91
C ILE M 41 -37.35 0.09 -26.48
N GLY M 42 -38.59 0.45 -26.16
CA GLY M 42 -39.12 0.32 -24.81
C GLY M 42 -39.38 1.66 -24.16
N MET M 43 -39.30 1.71 -22.83
CA MET M 43 -39.50 2.92 -22.07
C MET M 43 -38.54 4.03 -22.52
N ARG M 44 -39.06 5.25 -22.62
CA ARG M 44 -38.26 6.41 -23.01
C ARG M 44 -37.53 6.96 -21.79
N ARG M 45 -36.26 7.31 -21.96
CA ARG M 45 -35.46 7.84 -20.87
C ARG M 45 -35.07 9.29 -21.13
N THR M 46 -35.68 10.20 -20.35
CA THR M 46 -35.43 11.63 -20.48
C THR M 46 -34.59 12.14 -19.30
N VAL M 47 -33.67 13.06 -19.58
CA VAL M 47 -32.87 13.72 -18.55
C VAL M 47 -32.93 15.25 -18.67
N GLU M 48 -33.38 15.89 -17.59
CA GLU M 48 -33.46 17.35 -17.52
C GLU M 48 -32.43 17.86 -16.53
N GLY M 49 -31.90 19.05 -16.79
CA GLY M 49 -30.93 19.67 -15.89
C GLY M 49 -31.36 21.01 -15.34
N VAL M 50 -31.35 21.13 -14.02
CA VAL M 50 -31.74 22.35 -13.33
C VAL M 50 -30.52 23.24 -13.06
N LEU M 51 -30.49 24.41 -13.70
CA LEU M 51 -29.40 25.39 -13.53
C LEU M 51 -29.86 26.54 -12.65
N ILE M 52 -29.09 26.83 -11.60
CA ILE M 52 -29.50 27.85 -10.64
C ILE M 52 -28.53 29.02 -10.54
N VAL M 53 -29.07 30.22 -10.70
CA VAL M 53 -28.35 31.46 -10.44
C VAL M 53 -29.03 32.15 -9.24
N HIS M 54 -28.58 33.35 -8.89
CA HIS M 54 -29.30 34.16 -7.91
C HIS M 54 -29.34 35.64 -8.26
N GLU M 55 -30.51 36.23 -8.09
CA GLU M 55 -30.72 37.67 -8.18
C GLU M 55 -31.57 38.11 -7.00
N HIS M 56 -31.17 39.21 -6.35
CA HIS M 56 -31.83 39.75 -5.15
C HIS M 56 -31.89 38.76 -3.98
N ARG M 57 -30.77 38.09 -3.72
CA ARG M 57 -30.63 37.10 -2.66
C ARG M 57 -31.72 36.01 -2.69
N LEU M 58 -32.12 35.62 -3.90
CA LEU M 58 -33.07 34.52 -4.09
C LEU M 58 -32.70 33.64 -5.29
N PRO M 59 -32.78 32.31 -5.13
CA PRO M 59 -32.50 31.39 -6.23
C PRO M 59 -33.44 31.59 -7.42
N HIS M 60 -32.88 31.49 -8.63
CA HIS M 60 -33.63 31.53 -9.88
C HIS M 60 -33.29 30.31 -10.71
N VAL M 61 -34.31 29.63 -11.23
CA VAL M 61 -34.12 28.49 -12.14
C VAL M 61 -34.14 29.00 -13.58
N LEU M 62 -33.09 28.67 -14.33
CA LEU M 62 -33.00 29.07 -15.74
C LEU M 62 -33.86 28.16 -16.60
N LEU M 63 -34.76 28.76 -17.37
CA LEU M 63 -35.67 28.01 -18.23
C LEU M 63 -35.62 28.50 -19.67
N LEU M 64 -35.93 27.60 -20.60
CA LEU M 64 -36.09 27.95 -22.00
C LEU M 64 -37.57 28.19 -22.29
N GLN M 65 -37.84 29.17 -23.15
CA GLN M 65 -39.20 29.45 -23.57
C GLN M 65 -39.34 29.32 -25.09
N LEU M 66 -40.44 28.72 -25.53
CA LEU M 66 -40.69 28.59 -26.96
C LEU M 66 -41.78 29.52 -27.49
N GLY M 67 -43.00 29.38 -26.99
CA GLY M 67 -44.08 30.22 -27.44
C GLY M 67 -44.02 31.55 -26.73
N THR M 68 -45.14 31.89 -26.10
CA THR M 68 -45.18 32.96 -25.11
C THR M 68 -45.64 32.29 -23.82
N THR M 69 -46.06 31.04 -23.96
CA THR M 69 -46.74 30.33 -22.89
C THR M 69 -46.04 29.05 -22.47
N PHE M 70 -45.11 28.57 -23.29
CA PHE M 70 -44.47 27.26 -23.03
C PHE M 70 -43.00 27.34 -22.55
N PHE M 71 -42.75 26.69 -21.41
CA PHE M 71 -41.42 26.65 -20.79
C PHE M 71 -40.91 25.21 -20.64
N LYS M 72 -39.59 25.05 -20.69
CA LYS M 72 -38.96 23.75 -20.39
C LYS M 72 -37.50 23.89 -19.97
N LEU M 73 -36.97 22.81 -19.40
CA LEU M 73 -35.58 22.74 -18.93
C LEU M 73 -34.65 22.20 -20.02
N PRO M 74 -33.36 22.60 -20.01
CA PRO M 74 -32.41 22.06 -20.98
C PRO M 74 -32.20 20.56 -20.78
N GLY M 75 -32.14 19.81 -21.88
CA GLY M 75 -32.01 18.36 -21.83
C GLY M 75 -32.88 17.66 -22.86
N GLY M 76 -33.26 16.42 -22.56
CA GLY M 76 -34.07 15.62 -23.47
C GLY M 76 -33.81 14.12 -23.42
N GLU M 77 -33.94 13.47 -24.57
CA GLU M 77 -33.89 12.01 -24.66
C GLU M 77 -32.49 11.42 -24.67
N LEU M 78 -32.35 10.26 -24.05
CA LEU M 78 -31.12 9.48 -24.10
C LEU M 78 -31.24 8.44 -25.21
N ASN M 79 -30.16 8.25 -25.97
CA ASN M 79 -30.09 7.15 -26.93
C ASN M 79 -29.96 5.82 -26.16
N PRO M 80 -30.69 4.77 -26.60
CA PRO M 80 -30.70 3.49 -25.89
C PRO M 80 -29.31 3.03 -25.44
N GLY M 81 -29.19 2.68 -24.16
CA GLY M 81 -27.93 2.20 -23.59
C GLY M 81 -27.00 3.29 -23.07
N GLU M 82 -27.36 4.55 -23.31
CA GLU M 82 -26.56 5.69 -22.86
C GLU M 82 -26.62 5.87 -21.35
N ASP M 83 -25.48 6.19 -20.76
CA ASP M 83 -25.40 6.51 -19.32
C ASP M 83 -26.06 7.86 -19.05
N GLU M 84 -26.91 7.90 -18.02
CA GLU M 84 -27.70 9.08 -17.66
C GLU M 84 -26.91 10.38 -17.65
N VAL M 85 -25.86 10.41 -16.82
CA VAL M 85 -25.05 11.61 -16.57
C VAL M 85 -24.34 12.11 -17.84
N GLU M 86 -23.78 11.18 -18.59
CA GLU M 86 -23.02 11.51 -19.80
C GLU M 86 -23.96 12.00 -20.91
N GLY M 87 -25.17 11.44 -20.93
CA GLY M 87 -26.18 11.83 -21.91
C GLY M 87 -26.76 13.20 -21.64
N LEU M 88 -26.84 13.57 -20.36
CA LEU M 88 -27.26 14.91 -19.99
C LEU M 88 -26.21 15.93 -20.41
N LYS M 89 -24.94 15.62 -20.16
CA LYS M 89 -23.83 16.48 -20.60
C LYS M 89 -23.84 16.71 -22.12
N ARG M 90 -24.18 15.66 -22.87
CA ARG M 90 -24.34 15.74 -24.31
C ARG M 90 -25.48 16.69 -24.69
N LEU M 91 -26.63 16.50 -24.05
CA LEU M 91 -27.82 17.32 -24.32
C LEU M 91 -27.66 18.77 -23.85
N MET M 92 -26.93 18.96 -22.76
CA MET M 92 -26.65 20.29 -22.23
C MET M 92 -25.87 21.15 -23.21
N THR M 93 -24.85 20.55 -23.82
CA THR M 93 -24.02 21.22 -24.81
C THR M 93 -24.82 21.46 -26.10
N GLU M 94 -25.65 20.50 -26.46
CA GLU M 94 -26.50 20.61 -27.64
C GLU M 94 -27.39 21.85 -27.58
N ILE M 95 -27.94 22.13 -26.38
CA ILE M 95 -28.87 23.24 -26.19
C ILE M 95 -28.19 24.56 -25.78
N LEU M 96 -27.25 24.50 -24.84
CA LEU M 96 -26.62 25.72 -24.32
C LEU M 96 -25.10 25.82 -24.52
N GLY M 97 -24.54 24.86 -25.25
CA GLY M 97 -23.10 24.83 -25.49
C GLY M 97 -22.63 25.96 -26.38
N ARG M 98 -21.49 26.55 -25.99
CA ARG M 98 -20.92 27.68 -26.71
C ARG M 98 -20.25 27.28 -28.01
N GLN M 99 -20.39 28.13 -29.03
CA GLN M 99 -19.75 27.92 -30.33
C GLN M 99 -18.38 28.59 -30.35
N ASP M 100 -18.02 29.18 -29.21
CA ASP M 100 -16.74 29.86 -29.02
C ASP M 100 -15.55 28.94 -29.28
N GLY M 101 -15.74 27.64 -29.01
CA GLY M 101 -14.69 26.65 -29.19
C GLY M 101 -14.07 26.20 -27.88
N VAL M 102 -13.98 27.14 -26.93
CA VAL M 102 -13.44 26.88 -25.60
C VAL M 102 -14.23 25.77 -24.90
N LEU M 103 -13.52 24.83 -24.28
CA LEU M 103 -14.12 23.71 -23.57
C LEU M 103 -14.87 24.19 -22.33
N GLN M 104 -16.12 23.75 -22.20
CA GLN M 104 -16.98 24.09 -21.08
C GLN M 104 -17.58 22.83 -20.47
N ASP M 105 -16.94 22.34 -19.41
CA ASP M 105 -17.35 21.10 -18.76
C ASP M 105 -18.52 21.33 -17.79
N TRP M 106 -19.55 20.49 -17.93
CA TRP M 106 -20.71 20.53 -17.04
C TRP M 106 -20.46 19.62 -15.85
N VAL M 107 -20.78 20.12 -14.66
CA VAL M 107 -20.67 19.32 -13.44
C VAL M 107 -22.07 19.03 -12.91
N ILE M 108 -22.75 18.08 -13.53
CA ILE M 108 -23.99 17.56 -13.00
C ILE M 108 -23.56 16.62 -11.90
N ASP M 109 -24.23 16.62 -10.76
CA ASP M 109 -23.78 15.80 -9.64
C ASP M 109 -24.91 15.14 -8.84
N ASP M 110 -26.07 15.80 -8.75
CA ASP M 110 -27.16 15.36 -7.87
C ASP M 110 -28.47 15.13 -8.59
N CYS M 111 -29.13 14.03 -8.28
CA CYS M 111 -30.48 13.77 -8.78
C CYS M 111 -31.45 14.45 -7.82
N ILE M 112 -32.42 15.19 -8.37
CA ILE M 112 -33.39 15.89 -7.53
C ILE M 112 -34.80 15.35 -7.64
N GLY M 113 -35.05 14.52 -8.64
CA GLY M 113 -36.37 13.91 -8.79
C GLY M 113 -36.50 12.88 -9.89
N ASN M 114 -37.61 12.14 -9.85
CA ASN M 114 -37.96 11.17 -10.88
C ASN M 114 -39.44 11.30 -11.26
N TRP M 115 -39.70 11.45 -12.55
CA TRP M 115 -41.07 11.58 -13.05
C TRP M 115 -41.40 10.49 -14.08
N TRP M 116 -42.54 9.82 -13.88
CA TRP M 116 -42.95 8.71 -14.75
C TRP M 116 -44.27 8.98 -15.46
N ARG M 117 -44.30 8.66 -16.75
CA ARG M 117 -45.49 8.81 -17.57
C ARG M 117 -46.15 7.45 -17.76
N PRO M 118 -47.39 7.28 -17.26
CA PRO M 118 -48.09 6.00 -17.36
C PRO M 118 -48.51 5.65 -18.79
N ASN M 119 -49.24 6.56 -19.45
CA ASN M 119 -49.74 6.32 -20.80
C ASN M 119 -49.16 7.31 -21.82
N PHE M 120 -49.50 7.14 -23.09
CA PHE M 120 -49.09 8.07 -24.13
C PHE M 120 -49.92 9.36 -24.07
N GLU M 121 -49.94 9.96 -22.88
CA GLU M 121 -50.77 11.11 -22.57
C GLU M 121 -49.97 12.13 -21.76
N PRO M 122 -50.40 13.41 -21.77
CA PRO M 122 -49.69 14.48 -21.04
C PRO M 122 -49.36 14.26 -19.54
N PRO M 123 -50.30 13.69 -18.73
CA PRO M 123 -50.04 13.61 -17.27
C PRO M 123 -48.78 12.84 -16.86
N GLN M 124 -48.00 13.42 -15.96
CA GLN M 124 -46.82 12.78 -15.38
C GLN M 124 -46.85 12.81 -13.85
N TYR M 125 -46.22 11.83 -13.21
CA TYR M 125 -46.28 11.69 -11.75
C TYR M 125 -44.91 11.42 -11.11
N PRO M 126 -44.71 11.89 -9.85
CA PRO M 126 -43.45 11.71 -9.13
C PRO M 126 -43.34 10.33 -8.46
N TYR M 127 -44.10 9.37 -8.98
CA TYR M 127 -44.07 7.99 -8.54
C TYR M 127 -44.68 7.16 -9.64
N ILE M 128 -44.47 5.84 -9.60
CA ILE M 128 -45.20 4.93 -10.47
C ILE M 128 -46.46 4.50 -9.72
N PRO M 129 -47.64 4.71 -10.33
CA PRO M 129 -48.89 4.27 -9.70
C PRO M 129 -48.88 2.76 -9.49
N ALA M 130 -49.64 2.28 -8.52
CA ALA M 130 -49.59 0.87 -8.13
C ALA M 130 -49.83 -0.11 -9.29
N HIS M 131 -50.71 0.28 -10.21
CA HIS M 131 -51.16 -0.62 -11.29
C HIS M 131 -50.35 -0.56 -12.59
N ILE M 132 -49.19 0.08 -12.55
CA ILE M 132 -48.35 0.21 -13.76
C ILE M 132 -47.02 -0.52 -13.57
N THR M 133 -46.64 -1.32 -14.56
CA THR M 133 -45.40 -2.09 -14.49
C THR M 133 -44.37 -1.68 -15.55
N LYS M 134 -44.85 -1.24 -16.72
CA LYS M 134 -43.98 -0.64 -17.73
C LYS M 134 -44.45 0.77 -18.05
N PRO M 135 -43.80 1.79 -17.47
CA PRO M 135 -44.13 3.17 -17.82
C PRO M 135 -43.68 3.50 -19.24
N LYS M 136 -44.30 4.50 -19.85
CA LYS M 136 -43.95 4.90 -21.21
C LYS M 136 -42.71 5.77 -21.25
N GLU M 137 -42.59 6.66 -20.26
CA GLU M 137 -41.43 7.54 -20.15
C GLU M 137 -40.89 7.63 -18.71
N HIS M 138 -39.57 7.76 -18.59
CA HIS M 138 -38.92 8.03 -17.32
C HIS M 138 -38.10 9.32 -17.41
N LYS M 139 -38.56 10.35 -16.71
CA LYS M 139 -37.87 11.64 -16.64
C LYS M 139 -37.07 11.70 -15.34
N LYS M 140 -35.83 12.15 -15.46
CA LYS M 140 -34.90 12.21 -14.33
C LYS M 140 -34.25 13.59 -14.30
N LEU M 141 -34.37 14.26 -13.16
CA LEU M 141 -33.88 15.62 -13.02
C LEU M 141 -32.58 15.67 -12.25
N PHE M 142 -31.66 16.52 -12.70
CA PHE M 142 -30.36 16.66 -12.08
C PHE M 142 -30.01 18.12 -11.79
N LEU M 143 -29.32 18.35 -10.69
CA LEU M 143 -28.85 19.67 -10.34
C LEU M 143 -27.51 19.93 -11.01
N VAL M 144 -27.49 20.93 -11.89
CA VAL M 144 -26.32 21.28 -12.65
C VAL M 144 -25.61 22.44 -11.96
N GLN M 145 -24.37 22.20 -11.55
CA GLN M 145 -23.58 23.22 -10.87
C GLN M 145 -22.84 24.08 -11.86
N LEU M 146 -23.02 25.40 -11.74
CA LEU M 146 -22.38 26.35 -12.65
C LEU M 146 -21.03 26.87 -12.15
N GLN M 147 -20.21 27.33 -13.08
CA GLN M 147 -18.95 28.00 -12.77
C GLN M 147 -19.24 29.43 -12.32
N GLU M 148 -18.23 30.10 -11.77
CA GLU M 148 -18.36 31.49 -11.34
C GLU M 148 -18.89 32.36 -12.48
N LYS M 149 -18.23 32.26 -13.63
CA LYS M 149 -18.69 32.91 -14.85
C LYS M 149 -18.73 31.90 -15.99
N ALA M 150 -19.66 32.09 -16.92
CA ALA M 150 -19.82 31.17 -18.05
C ALA M 150 -20.50 31.83 -19.25
N LEU M 151 -20.27 31.27 -20.43
CA LEU M 151 -20.95 31.69 -21.64
C LEU M 151 -21.85 30.55 -22.13
N PHE M 152 -23.09 30.88 -22.48
CA PHE M 152 -24.02 29.90 -23.05
C PHE M 152 -24.49 30.37 -24.42
N ALA M 153 -25.06 29.45 -25.19
CA ALA M 153 -25.59 29.79 -26.51
C ALA M 153 -27.02 29.26 -26.67
N VAL M 154 -27.98 30.18 -26.70
CA VAL M 154 -29.39 29.82 -26.81
C VAL M 154 -29.83 29.78 -28.28
N PRO M 155 -30.39 28.63 -28.72
CA PRO M 155 -30.95 28.51 -30.07
C PRO M 155 -32.00 29.57 -30.30
N LYS M 156 -32.04 30.13 -31.52
CA LYS M 156 -32.91 31.27 -31.81
C LYS M 156 -34.39 31.03 -31.56
N ASN M 157 -34.87 29.82 -31.84
CA ASN M 157 -36.24 29.43 -31.54
C ASN M 157 -36.51 29.30 -30.02
N TYR M 158 -35.49 29.59 -29.22
CA TYR M 158 -35.58 29.59 -27.76
C TYR M 158 -35.16 30.94 -27.19
N LYS M 159 -35.73 31.29 -26.05
CA LYS M 159 -35.29 32.44 -25.28
C LYS M 159 -35.18 32.02 -23.82
N LEU M 160 -34.15 32.52 -23.14
CA LEU M 160 -33.86 32.11 -21.76
C LEU M 160 -34.46 33.04 -20.71
N VAL M 161 -35.07 32.44 -19.69
CA VAL M 161 -35.60 33.19 -18.54
C VAL M 161 -34.95 32.70 -17.25
N ALA M 162 -34.82 33.60 -16.28
CA ALA M 162 -34.48 33.22 -14.92
C ALA M 162 -35.72 33.41 -14.07
N ALA M 163 -36.46 32.32 -13.87
CA ALA M 163 -37.70 32.36 -13.10
C ALA M 163 -37.42 32.24 -11.60
N PRO M 164 -37.79 33.26 -10.82
CA PRO M 164 -37.63 33.18 -9.37
C PRO M 164 -38.52 32.08 -8.78
N LEU M 165 -38.05 31.48 -7.69
CA LEU M 165 -38.74 30.36 -7.06
C LEU M 165 -40.22 30.60 -6.79
N PHE M 166 -40.57 31.83 -6.40
CA PHE M 166 -41.95 32.19 -6.05
C PHE M 166 -42.89 32.29 -7.26
N GLU M 167 -42.32 32.51 -8.44
CA GLU M 167 -43.10 32.48 -9.68
C GLU M 167 -43.44 31.03 -10.03
N LEU M 168 -42.53 30.11 -9.71
CA LEU M 168 -42.76 28.68 -9.95
C LEU M 168 -43.63 28.03 -8.86
N TYR M 169 -43.41 28.42 -7.60
CA TYR M 169 -44.07 27.74 -6.49
C TYR M 169 -45.59 27.76 -6.63
N ASP M 170 -46.18 26.56 -6.65
CA ASP M 170 -47.63 26.39 -6.66
C ASP M 170 -48.30 26.90 -7.94
N ASN M 171 -47.50 27.10 -8.98
CA ASN M 171 -47.97 27.67 -10.23
C ASN M 171 -47.94 26.68 -11.38
N ALA M 172 -48.64 25.56 -11.18
CA ALA M 172 -48.78 24.53 -12.21
C ALA M 172 -49.41 25.09 -13.50
N PRO M 173 -50.46 25.94 -13.39
CA PRO M 173 -51.07 26.47 -14.62
C PRO M 173 -50.13 27.33 -15.46
N GLY M 174 -49.03 27.78 -14.87
CA GLY M 174 -48.09 28.64 -15.58
C GLY M 174 -46.84 27.93 -16.09
N TYR M 175 -46.52 26.78 -15.50
CA TYR M 175 -45.23 26.12 -15.74
C TYR M 175 -45.27 24.58 -15.76
N GLY M 176 -46.43 24.00 -15.52
CA GLY M 176 -46.57 22.53 -15.48
C GLY M 176 -46.14 21.95 -14.14
N PRO M 177 -46.62 20.73 -13.83
CA PRO M 177 -46.41 20.15 -12.50
C PRO M 177 -44.95 19.84 -12.16
N ILE M 178 -44.11 19.63 -13.15
CA ILE M 178 -42.70 19.33 -12.91
C ILE M 178 -41.91 20.58 -12.53
N ILE M 179 -41.91 21.58 -13.41
CA ILE M 179 -41.17 22.81 -13.15
C ILE M 179 -41.70 23.54 -11.90
N SER M 180 -43.02 23.63 -11.76
CA SER M 180 -43.63 24.38 -10.66
C SER M 180 -43.35 23.75 -9.29
N SER M 181 -42.92 22.49 -9.29
CA SER M 181 -42.63 21.77 -8.04
C SER M 181 -41.14 21.70 -7.73
N LEU M 182 -40.34 22.46 -8.49
CA LEU M 182 -38.90 22.54 -8.25
C LEU M 182 -38.49 23.09 -6.88
N PRO M 183 -39.19 24.13 -6.38
CA PRO M 183 -38.75 24.73 -5.11
C PRO M 183 -38.68 23.76 -3.92
N GLN M 184 -39.67 22.87 -3.81
CA GLN M 184 -39.72 21.90 -2.69
C GLN M 184 -38.51 20.98 -2.70
N LEU M 185 -38.30 20.33 -3.84
CA LEU M 185 -37.14 19.46 -4.04
C LEU M 185 -35.82 20.21 -3.77
N LEU M 186 -35.75 21.46 -4.22
CA LEU M 186 -34.53 22.26 -4.13
C LEU M 186 -34.19 22.71 -2.72
N SER M 187 -35.19 22.74 -1.84
CA SER M 187 -35.03 23.30 -0.50
C SER M 187 -33.97 22.60 0.37
N ARG M 188 -33.57 21.39 -0.02
CA ARG M 188 -32.60 20.60 0.75
C ARG M 188 -31.16 21.09 0.59
N PHE M 189 -30.94 22.04 -0.31
CA PHE M 189 -29.60 22.56 -0.57
C PHE M 189 -29.28 23.85 0.19
N ASN M 190 -28.11 23.89 0.80
CA ASN M 190 -27.60 25.12 1.40
C ASN M 190 -26.91 25.97 0.33
N PHE M 191 -27.62 26.99 -0.14
CA PHE M 191 -27.13 27.83 -1.24
C PHE M 191 -26.27 28.99 -0.75
N ILE M 192 -25.09 29.11 -1.35
CA ILE M 192 -24.20 30.24 -1.10
C ILE M 192 -24.47 31.32 -2.15
N TYR M 193 -24.66 32.56 -1.70
CA TYR M 193 -24.85 33.69 -2.59
C TYR M 193 -23.56 34.49 -2.73
N ASN M 194 -22.69 34.05 -3.63
CA ASN M 194 -21.47 34.79 -3.94
C ASN M 194 -21.80 36.11 -4.62
N LEU M 195 -21.16 37.19 -4.18
CA LEU M 195 -21.58 38.54 -4.56
C LEU M 195 -20.64 39.28 -5.54
N GLU M 196 -19.66 38.57 -6.08
CA GLU M 196 -18.67 39.13 -7.03
C GLU M 196 -17.97 40.38 -6.51
N GLU N 1 -26.53 7.97 -6.30
CA GLU N 1 -27.99 7.68 -6.19
C GLU N 1 -28.28 6.91 -4.91
N ARG N 2 -29.20 7.44 -4.11
CA ARG N 2 -29.55 6.86 -2.82
C ARG N 2 -30.54 5.68 -2.91
N THR N 3 -30.16 4.57 -2.28
CA THR N 3 -30.93 3.33 -2.30
C THR N 3 -31.56 3.03 -0.93
N ILE N 4 -32.88 3.05 -0.88
CA ILE N 4 -33.63 2.93 0.38
C ILE N 4 -34.49 1.67 0.40
N ASN N 5 -34.36 0.88 1.48
CA ASN N 5 -35.18 -0.30 1.68
C ASN N 5 -36.50 0.01 2.40
N LEU N 6 -37.62 -0.24 1.71
CA LEU N 6 -38.94 -0.17 2.34
C LEU N 6 -39.50 -1.55 2.64
N TYR N 7 -40.33 -1.63 3.68
CA TYR N 7 -40.93 -2.89 4.12
C TYR N 7 -42.43 -2.74 4.29
N PRO N 8 -43.19 -3.87 4.26
CA PRO N 8 -44.64 -3.73 4.35
C PRO N 8 -45.10 -3.36 5.75
N LEU N 9 -46.18 -2.58 5.83
CA LEU N 9 -46.70 -2.08 7.11
C LEU N 9 -46.86 -3.18 8.17
N THR N 10 -47.10 -4.40 7.71
CA THR N 10 -47.30 -5.55 8.59
C THR N 10 -46.04 -5.96 9.35
N ASN N 11 -44.87 -5.63 8.77
CA ASN N 11 -43.58 -5.86 9.42
C ASN N 11 -43.43 -5.09 10.74
N TYR N 12 -44.23 -4.04 10.89
CA TYR N 12 -44.12 -3.16 12.04
C TYR N 12 -45.30 -3.35 12.98
N THR N 13 -44.98 -3.55 14.25
CA THR N 13 -45.99 -3.72 15.29
C THR N 13 -46.15 -2.45 16.14
N PHE N 14 -47.37 -1.92 16.17
CA PHE N 14 -47.64 -0.64 16.82
C PHE N 14 -48.35 -0.80 18.16
N GLY N 15 -47.61 -0.51 19.23
CA GLY N 15 -48.17 -0.51 20.58
C GLY N 15 -48.70 0.87 20.95
N THR N 16 -49.06 1.02 22.22
CA THR N 16 -49.65 2.26 22.73
C THR N 16 -48.86 2.77 23.93
N LYS N 17 -48.87 4.08 24.13
CA LYS N 17 -48.35 4.67 25.38
C LYS N 17 -49.16 5.87 25.87
N GLU N 18 -48.80 6.39 27.03
CA GLU N 18 -49.53 7.47 27.68
C GLU N 18 -49.64 8.72 26.80
N PRO N 19 -50.77 9.45 26.91
CA PRO N 19 -51.04 10.63 26.11
C PRO N 19 -49.96 11.72 26.22
N LEU N 20 -49.62 12.31 25.07
CA LEU N 20 -48.66 13.41 25.01
C LEU N 20 -49.35 14.65 24.44
N TYR N 21 -49.56 15.64 25.30
CA TYR N 21 -50.29 16.84 24.91
C TYR N 21 -49.36 17.97 24.49
N GLU N 22 -49.80 18.73 23.49
CA GLU N 22 -49.04 19.88 22.98
C GLU N 22 -48.94 20.98 24.03
N LYS N 23 -47.94 21.85 23.89
CA LYS N 23 -47.75 22.97 24.80
C LYS N 23 -48.80 24.08 24.63
N ASP N 24 -49.48 24.08 23.49
CA ASP N 24 -50.45 25.14 23.17
C ASP N 24 -51.87 24.59 23.02
N SER N 25 -52.83 25.28 23.65
CA SER N 25 -54.23 24.86 23.70
C SER N 25 -55.01 25.22 22.45
N SER N 26 -54.64 26.33 21.81
CA SER N 26 -55.32 26.82 20.62
C SER N 26 -54.33 27.44 19.63
N VAL N 27 -54.82 27.74 18.42
CA VAL N 27 -54.01 28.35 17.36
C VAL N 27 -53.47 29.72 17.79
N ALA N 28 -54.34 30.56 18.33
CA ALA N 28 -53.96 31.89 18.80
C ALA N 28 -52.88 31.83 19.88
N ALA N 29 -53.00 30.86 20.79
CA ALA N 29 -52.04 30.66 21.87
C ALA N 29 -50.66 30.25 21.34
N ARG N 30 -50.66 29.44 20.29
CA ARG N 30 -49.43 28.94 19.65
C ARG N 30 -48.63 30.09 19.05
N PHE N 31 -49.33 30.96 18.31
CA PHE N 31 -48.70 32.12 17.70
C PHE N 31 -48.35 33.18 18.72
N GLN N 32 -48.97 33.11 19.90
CA GLN N 32 -48.63 34.00 21.01
C GLN N 32 -47.30 33.58 21.64
N ARG N 33 -47.15 32.29 21.94
CA ARG N 33 -45.91 31.75 22.50
C ARG N 33 -44.74 31.88 21.53
N MET N 34 -45.03 31.82 20.23
CA MET N 34 -44.02 32.05 19.21
C MET N 34 -43.48 33.49 19.29
N ARG N 35 -44.38 34.45 19.51
CA ARG N 35 -43.99 35.85 19.64
C ARG N 35 -43.19 36.11 20.91
N GLU N 36 -43.58 35.42 21.98
CA GLU N 36 -42.94 35.56 23.29
C GLU N 36 -41.54 34.95 23.31
N GLU N 37 -41.37 33.82 22.65
CA GLU N 37 -40.07 33.16 22.58
C GLU N 37 -39.13 33.82 21.56
N PHE N 38 -39.72 34.48 20.56
CA PHE N 38 -38.93 35.14 19.52
C PHE N 38 -38.17 36.33 20.07
N ASP N 39 -38.76 37.02 21.04
CA ASP N 39 -38.14 38.17 21.68
C ASP N 39 -37.14 37.75 22.75
N LYS N 40 -37.07 36.45 23.03
CA LYS N 40 -36.09 35.91 23.96
C LYS N 40 -35.05 35.03 23.23
N ILE N 41 -35.48 33.85 22.78
CA ILE N 41 -34.59 32.88 22.15
C ILE N 41 -34.27 33.17 20.67
N GLY N 42 -35.08 34.00 20.03
CA GLY N 42 -34.95 34.25 18.59
C GLY N 42 -35.81 33.31 17.74
N MET N 43 -35.28 32.90 16.58
CA MET N 43 -36.01 32.05 15.64
C MET N 43 -36.18 30.61 16.12
N ARG N 44 -37.41 30.10 16.00
CA ARG N 44 -37.74 28.72 16.35
C ARG N 44 -37.16 27.74 15.33
N ARG N 45 -36.64 26.63 15.84
CA ARG N 45 -36.07 25.58 15.01
C ARG N 45 -36.83 24.29 15.21
N THR N 46 -37.47 23.84 14.13
CA THR N 46 -38.28 22.63 14.16
C THR N 46 -37.62 21.55 13.32
N VAL N 47 -37.77 20.30 13.74
CA VAL N 47 -37.36 19.15 12.93
C VAL N 47 -38.49 18.13 12.83
N GLU N 48 -38.60 17.49 11.67
CA GLU N 48 -39.62 16.47 11.43
C GLU N 48 -39.02 15.27 10.74
N GLY N 49 -39.64 14.12 10.95
CA GLY N 49 -39.18 12.88 10.36
C GLY N 49 -40.21 12.25 9.44
N VAL N 50 -39.75 11.85 8.27
CA VAL N 50 -40.59 11.16 7.32
C VAL N 50 -40.28 9.67 7.37
N LEU N 51 -41.14 8.91 8.04
CA LEU N 51 -41.03 7.46 8.11
C LEU N 51 -41.82 6.84 6.97
N ILE N 52 -41.13 6.19 6.05
CA ILE N 52 -41.79 5.58 4.88
C ILE N 52 -41.85 4.05 4.98
N VAL N 53 -43.05 3.52 4.77
CA VAL N 53 -43.27 2.08 4.61
C VAL N 53 -43.82 1.87 3.20
N HIS N 54 -44.41 0.70 2.94
CA HIS N 54 -45.09 0.50 1.66
C HIS N 54 -46.23 -0.52 1.74
N GLU N 55 -47.20 -0.35 0.86
CA GLU N 55 -48.19 -1.38 0.58
C GLU N 55 -48.32 -1.52 -0.92
N HIS N 56 -48.26 -2.75 -1.41
CA HIS N 56 -48.41 -3.07 -2.83
C HIS N 56 -47.43 -2.30 -3.72
N ARG N 57 -46.16 -2.30 -3.30
CA ARG N 57 -45.07 -1.63 -4.04
C ARG N 57 -45.31 -0.12 -4.26
N LEU N 58 -45.96 0.51 -3.29
CA LEU N 58 -46.16 1.95 -3.30
C LEU N 58 -45.88 2.56 -1.94
N PRO N 59 -44.97 3.56 -1.90
CA PRO N 59 -44.56 4.20 -0.66
C PRO N 59 -45.70 4.85 0.12
N HIS N 60 -45.73 4.60 1.42
CA HIS N 60 -46.69 5.23 2.32
C HIS N 60 -45.96 6.04 3.38
N VAL N 61 -46.33 7.32 3.52
CA VAL N 61 -45.75 8.16 4.56
C VAL N 61 -46.55 7.97 5.85
N LEU N 62 -45.85 7.72 6.95
CA LEU N 62 -46.50 7.52 8.24
C LEU N 62 -46.83 8.85 8.92
N LEU N 63 -48.13 9.09 9.10
CA LEU N 63 -48.62 10.35 9.65
C LEU N 63 -49.33 10.17 10.99
N LEU N 64 -49.17 11.15 11.87
CA LEU N 64 -49.91 11.20 13.11
C LEU N 64 -51.20 11.97 12.91
N GLN N 65 -52.32 11.31 13.15
CA GLN N 65 -53.65 11.90 12.99
C GLN N 65 -54.21 12.33 14.34
N LEU N 66 -54.81 13.51 14.36
CA LEU N 66 -55.52 13.99 15.55
C LEU N 66 -56.90 14.49 15.13
N GLY N 67 -57.92 13.73 15.51
CA GLY N 67 -59.29 13.99 15.06
C GLY N 67 -59.55 13.33 13.72
N THR N 68 -60.19 14.07 12.80
CA THR N 68 -60.50 13.56 11.48
C THR N 68 -59.74 14.30 10.38
N THR N 69 -59.45 15.58 10.63
CA THR N 69 -58.86 16.44 9.61
C THR N 69 -57.35 16.70 9.76
N PHE N 70 -56.87 16.79 11.01
CA PHE N 70 -55.50 17.27 11.24
C PHE N 70 -54.41 16.20 11.31
N PHE N 71 -53.49 16.26 10.34
CA PHE N 71 -52.37 15.32 10.23
C PHE N 71 -51.03 16.03 10.44
N LYS N 72 -50.16 15.43 11.24
CA LYS N 72 -48.80 15.97 11.39
C LYS N 72 -47.70 14.91 11.42
N LEU N 73 -46.51 15.29 10.93
CA LEU N 73 -45.33 14.43 10.94
C LEU N 73 -44.69 14.43 12.33
N PRO N 74 -44.11 13.29 12.74
CA PRO N 74 -43.53 13.22 14.08
C PRO N 74 -42.32 14.13 14.21
N GLY N 75 -42.29 14.93 15.28
CA GLY N 75 -41.20 15.86 15.51
C GLY N 75 -41.51 16.87 16.59
N GLY N 76 -41.01 18.09 16.41
CA GLY N 76 -41.17 19.15 17.40
C GLY N 76 -40.05 20.17 17.36
N GLU N 77 -40.05 21.09 18.33
CA GLU N 77 -39.07 22.17 18.37
C GLU N 77 -37.80 21.80 19.14
N LEU N 78 -36.66 22.19 18.58
CA LEU N 78 -35.36 21.91 19.17
C LEU N 78 -35.06 22.83 20.33
N ASN N 79 -34.54 22.25 21.43
CA ASN N 79 -34.06 23.03 22.56
C ASN N 79 -32.89 23.92 22.14
N PRO N 80 -32.69 25.07 22.81
CA PRO N 80 -31.64 26.00 22.37
C PRO N 80 -30.24 25.40 22.36
N GLY N 81 -29.59 25.43 21.19
CA GLY N 81 -28.23 24.90 21.02
C GLY N 81 -28.15 23.46 20.51
N GLU N 82 -29.23 22.71 20.69
CA GLU N 82 -29.29 21.28 20.33
C GLU N 82 -29.04 21.00 18.84
N ASP N 83 -28.27 19.94 18.58
CA ASP N 83 -28.01 19.44 17.22
C ASP N 83 -29.28 18.89 16.58
N GLU N 84 -29.47 19.18 15.28
CA GLU N 84 -30.68 18.83 14.53
C GLU N 84 -31.00 17.34 14.49
N VAL N 85 -29.99 16.50 14.27
CA VAL N 85 -30.20 15.06 14.15
C VAL N 85 -30.44 14.42 15.52
N GLU N 86 -29.56 14.71 16.48
CA GLU N 86 -29.72 14.21 17.85
C GLU N 86 -31.04 14.66 18.44
N GLY N 87 -31.44 15.89 18.11
CA GLY N 87 -32.70 16.45 18.57
C GLY N 87 -33.90 15.70 18.05
N LEU N 88 -33.87 15.34 16.77
CA LEU N 88 -34.95 14.57 16.16
C LEU N 88 -35.00 13.18 16.78
N LYS N 89 -33.84 12.60 17.07
CA LYS N 89 -33.77 11.30 17.73
C LYS N 89 -34.47 11.31 19.08
N ARG N 90 -34.18 12.34 19.89
CA ARG N 90 -34.89 12.58 21.15
C ARG N 90 -36.40 12.73 20.91
N LEU N 91 -36.76 13.56 19.93
CA LEU N 91 -38.15 13.86 19.62
C LEU N 91 -38.94 12.66 19.10
N MET N 92 -38.27 11.82 18.32
CA MET N 92 -38.84 10.56 17.83
C MET N 92 -39.10 9.57 18.95
N THR N 93 -38.14 9.47 19.87
CA THR N 93 -38.23 8.57 21.01
C THR N 93 -39.40 8.96 21.90
N GLU N 94 -39.60 10.26 22.08
CA GLU N 94 -40.71 10.77 22.89
C GLU N 94 -42.08 10.44 22.32
N ILE N 95 -42.21 10.49 20.99
CA ILE N 95 -43.52 10.33 20.33
C ILE N 95 -43.79 8.89 19.86
N LEU N 96 -42.76 8.22 19.34
CA LEU N 96 -42.95 6.86 18.81
C LEU N 96 -42.14 5.77 19.50
N GLY N 97 -41.20 6.18 20.36
CA GLY N 97 -40.28 5.24 21.02
C GLY N 97 -40.94 4.13 21.81
N ARG N 98 -40.41 2.92 21.67
CA ARG N 98 -40.91 1.73 22.37
C ARG N 98 -40.71 1.82 23.89
N GLN N 99 -41.55 1.10 24.64
CA GLN N 99 -41.63 1.27 26.09
C GLN N 99 -40.85 0.26 26.92
N ASP N 100 -40.33 -0.79 26.29
CA ASP N 100 -39.60 -1.85 26.99
C ASP N 100 -38.10 -1.57 27.11
N GLY N 101 -37.33 -2.57 27.52
CA GLY N 101 -35.90 -2.38 27.78
C GLY N 101 -34.97 -2.50 26.59
N VAL N 102 -35.49 -2.90 25.44
CA VAL N 102 -34.69 -3.06 24.23
C VAL N 102 -34.54 -1.71 23.54
N LEU N 103 -33.33 -1.40 23.05
CA LEU N 103 -33.13 -0.09 22.44
C LEU N 103 -33.61 0.01 21.00
N GLN N 104 -34.22 1.15 20.70
CA GLN N 104 -34.65 1.47 19.35
C GLN N 104 -33.73 2.56 18.81
N ASP N 105 -32.87 2.18 17.87
CA ASP N 105 -31.96 3.13 17.24
C ASP N 105 -32.62 3.74 16.01
N TRP N 106 -32.46 5.06 15.84
CA TRP N 106 -32.99 5.76 14.68
C TRP N 106 -31.91 6.00 13.64
N VAL N 107 -32.19 5.60 12.40
CA VAL N 107 -31.29 5.85 11.28
C VAL N 107 -31.79 7.08 10.49
N ILE N 108 -31.40 8.26 10.96
CA ILE N 108 -31.69 9.50 10.27
C ILE N 108 -30.42 9.94 9.55
N ASP N 109 -30.47 9.98 8.21
CA ASP N 109 -29.28 10.34 7.44
C ASP N 109 -29.52 11.35 6.29
N ASP N 110 -30.77 11.54 5.90
CA ASP N 110 -31.07 12.34 4.70
C ASP N 110 -32.03 13.50 4.92
N CYS N 111 -31.55 14.70 4.65
CA CYS N 111 -32.39 15.90 4.66
C CYS N 111 -33.16 15.95 3.36
N ILE N 112 -34.47 16.20 3.45
CA ILE N 112 -35.32 16.21 2.27
C ILE N 112 -36.10 17.51 2.07
N GLY N 113 -36.05 18.39 3.05
CA GLY N 113 -36.75 19.67 2.96
C GLY N 113 -36.33 20.72 3.97
N ASN N 114 -36.54 21.98 3.58
CA ASN N 114 -36.44 23.12 4.48
C ASN N 114 -37.63 24.06 4.24
N TRP N 115 -38.31 24.41 5.33
CA TRP N 115 -39.45 25.33 5.25
C TRP N 115 -39.27 26.51 6.20
N TRP N 116 -39.83 27.65 5.84
CA TRP N 116 -39.65 28.87 6.61
C TRP N 116 -40.96 29.61 6.81
N ARG N 117 -41.12 30.22 7.98
CA ARG N 117 -42.33 30.96 8.32
C ARG N 117 -42.00 32.44 8.43
N PRO N 118 -42.38 33.22 7.40
CA PRO N 118 -42.05 34.65 7.40
C PRO N 118 -42.74 35.45 8.49
N ASN N 119 -43.85 34.94 9.03
CA ASN N 119 -44.63 35.67 10.02
C ASN N 119 -45.24 34.78 11.11
N PHE N 120 -45.73 35.42 12.16
CA PHE N 120 -46.54 34.75 13.17
C PHE N 120 -47.93 34.49 12.59
N GLU N 121 -47.94 33.72 11.50
CA GLU N 121 -49.11 33.45 10.68
C GLU N 121 -48.99 32.02 10.14
N PRO N 122 -50.10 31.43 9.66
CA PRO N 122 -50.06 30.04 9.14
C PRO N 122 -49.09 29.75 7.98
N PRO N 123 -48.89 30.69 7.02
CA PRO N 123 -48.13 30.33 5.80
C PRO N 123 -46.66 29.95 5.98
N GLN N 124 -46.23 28.92 5.24
CA GLN N 124 -44.82 28.50 5.17
C GLN N 124 -44.42 28.27 3.70
N TYR N 125 -43.15 28.54 3.39
CA TYR N 125 -42.65 28.35 2.03
C TYR N 125 -41.32 27.60 2.03
N PRO N 126 -41.01 26.86 0.95
CA PRO N 126 -39.75 26.13 0.85
C PRO N 126 -38.56 27.00 0.48
N TYR N 127 -38.63 28.29 0.84
CA TYR N 127 -37.60 29.28 0.56
C TYR N 127 -37.92 30.50 1.44
N ILE N 128 -37.03 31.49 1.49
CA ILE N 128 -37.31 32.73 2.23
C ILE N 128 -37.64 33.85 1.24
N PRO N 129 -38.87 34.40 1.33
CA PRO N 129 -39.22 35.51 0.43
C PRO N 129 -38.16 36.61 0.48
N ALA N 130 -37.94 37.26 -0.66
CA ALA N 130 -36.83 38.20 -0.84
C ALA N 130 -36.88 39.41 0.07
N HIS N 131 -38.04 39.69 0.64
CA HIS N 131 -38.20 40.90 1.44
C HIS N 131 -38.12 40.59 2.93
N ILE N 132 -37.89 39.33 3.26
CA ILE N 132 -37.83 38.88 4.63
C ILE N 132 -36.39 38.67 5.05
N THR N 133 -36.01 39.27 6.17
CA THR N 133 -34.68 39.09 6.71
C THR N 133 -34.70 38.29 8.01
N LYS N 134 -35.77 38.41 8.78
CA LYS N 134 -35.88 37.67 10.07
C LYS N 134 -37.09 36.71 10.14
N PRO N 135 -36.96 35.50 9.55
CA PRO N 135 -38.04 34.49 9.66
C PRO N 135 -38.31 34.09 11.11
N LYS N 136 -39.54 33.65 11.37
CA LYS N 136 -39.99 33.35 12.73
C LYS N 136 -39.83 31.87 13.07
N GLU N 137 -39.88 31.02 12.05
CA GLU N 137 -39.67 29.58 12.20
C GLU N 137 -38.86 29.00 11.03
N HIS N 138 -38.03 28.01 11.34
CA HIS N 138 -37.30 27.24 10.33
C HIS N 138 -37.44 25.75 10.62
N LYS N 139 -38.10 25.05 9.70
CA LYS N 139 -38.41 23.63 9.86
C LYS N 139 -37.49 22.82 8.96
N LYS N 140 -37.12 21.62 9.41
CA LYS N 140 -36.24 20.75 8.65
C LYS N 140 -36.79 19.33 8.61
N LEU N 141 -36.82 18.77 7.41
CA LEU N 141 -37.38 17.44 7.20
C LEU N 141 -36.29 16.41 6.91
N PHE N 142 -36.33 15.32 7.66
CA PHE N 142 -35.35 14.24 7.53
C PHE N 142 -36.02 12.92 7.18
N LEU N 143 -35.42 12.20 6.23
CA LEU N 143 -35.88 10.86 5.90
C LEU N 143 -35.42 9.92 7.00
N VAL N 144 -36.37 9.21 7.60
CA VAL N 144 -36.05 8.22 8.62
C VAL N 144 -36.19 6.81 8.04
N GLN N 145 -35.07 6.09 8.04
CA GLN N 145 -35.03 4.74 7.50
C GLN N 145 -35.41 3.71 8.55
N LEU N 146 -36.53 3.04 8.32
CA LEU N 146 -36.94 1.95 9.21
C LEU N 146 -36.13 0.68 8.91
N GLN N 147 -35.96 -0.15 9.93
CA GLN N 147 -35.34 -1.46 9.76
C GLN N 147 -36.37 -2.49 9.28
N GLU N 148 -35.95 -3.74 9.11
CA GLU N 148 -36.83 -4.81 8.63
C GLU N 148 -38.02 -5.07 9.57
N LYS N 149 -37.78 -4.96 10.88
CA LYS N 149 -38.81 -5.12 11.91
C LYS N 149 -38.53 -4.19 13.09
N ALA N 150 -39.60 -3.60 13.63
CA ALA N 150 -39.50 -2.59 14.68
C ALA N 150 -40.82 -2.38 15.43
N LEU N 151 -40.72 -2.14 16.73
CA LEU N 151 -41.90 -1.84 17.55
C LEU N 151 -42.01 -0.35 17.84
N PHE N 152 -43.22 0.19 17.77
CA PHE N 152 -43.49 1.60 18.11
C PHE N 152 -44.62 1.73 19.13
N ALA N 153 -44.60 2.83 19.87
CA ALA N 153 -45.65 3.13 20.85
C ALA N 153 -46.26 4.50 20.58
N VAL N 154 -47.52 4.49 20.13
CA VAL N 154 -48.22 5.70 19.71
C VAL N 154 -49.16 6.19 20.81
N PRO N 155 -49.01 7.46 21.25
CA PRO N 155 -49.82 8.05 22.32
C PRO N 155 -51.34 7.87 22.11
N LYS N 156 -52.06 7.70 23.22
CA LYS N 156 -53.49 7.36 23.21
C LYS N 156 -54.38 8.39 22.49
N ASN N 157 -53.96 9.66 22.52
CA ASN N 157 -54.67 10.72 21.80
C ASN N 157 -54.46 10.72 20.29
N TYR N 158 -53.27 10.29 19.87
CA TYR N 158 -52.93 10.18 18.45
C TYR N 158 -53.35 8.84 17.85
N LYS N 159 -53.42 8.82 16.52
CA LYS N 159 -53.55 7.58 15.75
C LYS N 159 -52.54 7.63 14.60
N LEU N 160 -51.89 6.50 14.32
CA LEU N 160 -50.88 6.47 13.26
C LEU N 160 -51.42 5.82 11.99
N VAL N 161 -51.57 6.62 10.94
CA VAL N 161 -52.02 6.14 9.64
C VAL N 161 -50.88 6.11 8.62
N ALA N 162 -50.99 5.22 7.64
CA ALA N 162 -50.04 5.16 6.55
C ALA N 162 -50.66 5.80 5.30
N ALA N 163 -50.14 6.96 4.91
CA ALA N 163 -50.69 7.70 3.80
C ALA N 163 -49.97 7.41 2.49
N PRO N 164 -50.66 6.77 1.52
CA PRO N 164 -50.08 6.51 0.21
C PRO N 164 -49.72 7.79 -0.53
N LEU N 165 -48.65 7.75 -1.31
CA LEU N 165 -48.17 8.92 -2.06
C LEU N 165 -49.25 9.60 -2.90
N PHE N 166 -50.04 8.81 -3.63
CA PHE N 166 -51.06 9.37 -4.52
C PHE N 166 -52.14 10.15 -3.79
N GLU N 167 -52.41 9.75 -2.55
CA GLU N 167 -53.36 10.45 -1.69
C GLU N 167 -52.83 11.84 -1.32
N LEU N 168 -51.52 11.92 -1.05
CA LEU N 168 -50.89 13.17 -0.65
C LEU N 168 -50.71 14.13 -1.83
N TYR N 169 -50.42 13.58 -3.00
CA TYR N 169 -50.10 14.38 -4.18
C TYR N 169 -51.21 15.37 -4.56
N ASP N 170 -50.80 16.61 -4.84
CA ASP N 170 -51.68 17.69 -5.30
C ASP N 170 -52.90 17.92 -4.39
N ASN N 171 -52.74 17.62 -3.09
CA ASN N 171 -53.85 17.71 -2.14
C ASN N 171 -53.55 18.52 -0.88
N ALA N 172 -53.23 19.80 -1.07
CA ALA N 172 -53.05 20.73 0.04
C ALA N 172 -54.33 20.97 0.84
N PRO N 173 -55.51 21.02 0.19
CA PRO N 173 -56.77 21.04 0.93
C PRO N 173 -56.84 20.02 2.08
N GLY N 174 -56.38 18.81 1.83
CA GLY N 174 -56.48 17.74 2.83
C GLY N 174 -55.39 17.71 3.89
N TYR N 175 -54.16 18.07 3.51
CA TYR N 175 -53.00 17.83 4.38
C TYR N 175 -52.12 19.05 4.66
N GLY N 176 -52.37 20.15 3.95
CA GLY N 176 -51.50 21.33 4.03
C GLY N 176 -50.36 21.27 3.03
N PRO N 177 -49.64 22.39 2.86
CA PRO N 177 -48.63 22.54 1.80
C PRO N 177 -47.36 21.69 1.96
N ILE N 178 -46.97 21.37 3.19
CA ILE N 178 -45.73 20.63 3.43
C ILE N 178 -45.88 19.14 3.19
N ILE N 179 -46.84 18.50 3.86
CA ILE N 179 -47.07 17.07 3.73
C ILE N 179 -47.54 16.72 2.32
N SER N 180 -48.43 17.52 1.75
CA SER N 180 -48.94 17.28 0.41
C SER N 180 -47.89 17.39 -0.69
N SER N 181 -46.78 18.07 -0.39
CA SER N 181 -45.68 18.22 -1.35
C SER N 181 -44.54 17.21 -1.13
N LEU N 182 -44.79 16.19 -0.34
CA LEU N 182 -43.80 15.13 -0.10
C LEU N 182 -43.43 14.27 -1.32
N PRO N 183 -44.43 13.84 -2.13
CA PRO N 183 -44.09 12.93 -3.24
C PRO N 183 -42.99 13.43 -4.17
N GLN N 184 -42.97 14.74 -4.44
CA GLN N 184 -41.99 15.33 -5.35
C GLN N 184 -40.56 15.26 -4.80
N LEU N 185 -40.40 15.66 -3.54
CA LEU N 185 -39.12 15.56 -2.83
C LEU N 185 -38.67 14.10 -2.58
N LEU N 186 -39.65 13.21 -2.39
CA LEU N 186 -39.36 11.81 -2.08
C LEU N 186 -38.92 10.98 -3.29
N SER N 187 -39.22 11.47 -4.49
CA SER N 187 -38.98 10.72 -5.72
C SER N 187 -37.51 10.58 -6.11
N ARG N 188 -36.63 11.30 -5.44
CA ARG N 188 -35.20 11.22 -5.72
C ARG N 188 -34.58 9.93 -5.19
N PHE N 189 -35.33 9.22 -4.36
CA PHE N 189 -34.87 7.98 -3.74
C PHE N 189 -35.27 6.75 -4.53
N ASN N 190 -34.32 5.83 -4.67
CA ASN N 190 -34.58 4.54 -5.29
C ASN N 190 -35.09 3.54 -4.26
N PHE N 191 -36.40 3.35 -4.24
CA PHE N 191 -37.01 2.49 -3.23
C PHE N 191 -37.01 1.02 -3.64
N ILE N 192 -36.68 0.15 -2.70
CA ILE N 192 -36.89 -1.29 -2.87
C ILE N 192 -38.07 -1.71 -2.00
N TYR N 193 -39.05 -2.35 -2.63
CA TYR N 193 -40.27 -2.77 -1.94
C TYR N 193 -40.16 -4.25 -1.58
N ASN N 194 -39.51 -4.51 -0.44
CA ASN N 194 -39.31 -5.86 0.06
C ASN N 194 -40.63 -6.48 0.52
N LEU N 195 -40.86 -7.73 0.16
CA LEU N 195 -42.06 -8.45 0.55
C LEU N 195 -41.89 -9.16 1.89
N GLU N 196 -42.99 -9.54 2.52
CA GLU N 196 -42.93 -10.13 3.87
C GLU N 196 -42.53 -11.62 3.87
N HIS N 197 -42.35 -12.14 5.09
CA HIS N 197 -42.03 -13.55 5.41
C HIS N 197 -40.65 -13.72 6.04
N ILE O 2 -50.13 57.41 14.35
CA ILE O 2 -50.25 57.82 12.92
C ILE O 2 -49.76 56.72 11.97
N ALA O 3 -50.62 56.33 11.04
CA ALA O 3 -50.31 55.27 10.08
C ALA O 3 -50.23 55.79 8.65
N LEU O 4 -49.15 55.38 7.98
CA LEU O 4 -48.88 55.77 6.60
C LEU O 4 -48.79 54.53 5.72
N TYR O 5 -49.20 54.66 4.47
CA TYR O 5 -48.95 53.62 3.47
C TYR O 5 -47.71 54.00 2.69
N ILE O 6 -46.79 53.06 2.57
CA ILE O 6 -45.58 53.28 1.76
C ILE O 6 -45.58 52.31 0.59
N GLY O 7 -45.91 52.83 -0.58
CA GLY O 7 -46.09 52.02 -1.79
C GLY O 7 -44.92 52.14 -2.75
N ASN O 8 -45.09 51.54 -3.93
CA ASN O 8 -44.07 51.53 -4.98
C ASN O 8 -42.74 50.92 -4.54
N LEU O 9 -42.81 49.90 -3.69
CA LEU O 9 -41.62 49.17 -3.26
C LEU O 9 -41.38 47.96 -4.17
N THR O 10 -40.12 47.62 -4.43
CA THR O 10 -39.85 46.38 -5.15
C THR O 10 -40.11 45.19 -4.23
N TRP O 11 -40.24 44.01 -4.80
CA TRP O 11 -40.55 42.83 -4.00
C TRP O 11 -39.32 42.30 -3.24
N TRP O 12 -38.15 42.92 -3.47
CA TRP O 12 -36.94 42.58 -2.72
C TRP O 12 -36.49 43.67 -1.74
N THR O 13 -37.31 44.73 -1.61
CA THR O 13 -37.11 45.76 -0.58
C THR O 13 -37.47 45.19 0.79
N THR O 14 -36.47 44.96 1.62
CA THR O 14 -36.68 44.27 2.91
C THR O 14 -37.16 45.20 4.01
N ASP O 15 -37.37 44.64 5.19
CA ASP O 15 -37.72 45.39 6.39
C ASP O 15 -36.55 46.29 6.82
N GLU O 16 -35.33 45.76 6.73
CA GLU O 16 -34.10 46.50 7.05
C GLU O 16 -33.92 47.70 6.12
N ASP O 17 -34.09 47.45 4.82
CA ASP O 17 -33.96 48.50 3.81
C ASP O 17 -34.84 49.71 4.13
N LEU O 18 -36.09 49.43 4.49
CA LEU O 18 -37.06 50.47 4.83
C LEU O 18 -36.71 51.17 6.14
N THR O 19 -36.46 50.39 7.18
CA THR O 19 -36.08 50.93 8.49
C THR O 19 -34.85 51.85 8.39
N GLU O 20 -33.84 51.43 7.65
CA GLU O 20 -32.62 52.24 7.46
C GLU O 20 -32.91 53.53 6.70
N ALA O 21 -33.80 53.46 5.70
CA ALA O 21 -34.19 54.63 4.92
C ALA O 21 -34.89 55.65 5.79
N VAL O 22 -35.79 55.17 6.65
CA VAL O 22 -36.57 56.01 7.55
C VAL O 22 -35.68 56.65 8.64
N HIS O 23 -34.75 55.89 9.19
CA HIS O 23 -33.81 56.41 10.19
C HIS O 23 -32.90 57.50 9.63
N SER O 24 -32.58 57.39 8.34
CA SER O 24 -31.72 58.36 7.68
C SER O 24 -32.41 59.72 7.52
N LEU O 25 -33.73 59.73 7.59
CA LEU O 25 -34.53 60.95 7.49
C LEU O 25 -34.71 61.66 8.84
N GLY O 26 -34.40 60.96 9.93
CA GLY O 26 -34.53 61.52 11.26
C GLY O 26 -35.71 60.96 12.04
N VAL O 27 -36.47 60.09 11.40
CA VAL O 27 -37.60 59.43 12.05
C VAL O 27 -37.11 58.27 12.90
N ASN O 28 -37.22 58.42 14.21
CA ASN O 28 -36.87 57.36 15.17
C ASN O 28 -38.08 56.79 15.90
N ASP O 29 -39.26 57.29 15.55
CA ASP O 29 -40.50 56.90 16.23
C ASP O 29 -41.27 55.80 15.50
N ILE O 30 -40.56 54.89 14.84
CA ILE O 30 -41.18 53.76 14.15
C ILE O 30 -41.83 52.82 15.14
N LEU O 31 -43.13 52.58 14.95
CA LEU O 31 -43.90 51.70 15.84
C LEU O 31 -44.04 50.30 15.28
N GLU O 32 -44.34 50.21 13.99
CA GLU O 32 -44.56 48.92 13.33
C GLU O 32 -44.37 48.99 11.80
N ILE O 33 -43.93 47.88 11.22
CA ILE O 33 -43.84 47.75 9.77
C ILE O 33 -44.55 46.48 9.34
N LYS O 34 -45.66 46.64 8.63
CA LYS O 34 -46.46 45.50 8.17
C LYS O 34 -46.46 45.43 6.64
N PHE O 35 -45.78 44.44 6.10
CA PHE O 35 -45.74 44.24 4.64
C PHE O 35 -46.99 43.54 4.15
N PHE O 36 -47.47 43.94 2.97
CA PHE O 36 -48.59 43.27 2.33
C PHE O 36 -48.07 42.26 1.31
N GLU O 37 -48.41 41.00 1.53
CA GLU O 37 -47.84 39.90 0.75
C GLU O 37 -48.88 39.03 0.06
N ASN O 38 -48.49 38.48 -1.10
CA ASN O 38 -49.28 37.51 -1.83
C ASN O 38 -49.24 36.18 -1.07
N ARG O 39 -50.38 35.79 -0.50
CA ARG O 39 -50.45 34.64 0.41
C ARG O 39 -50.11 33.30 -0.24
N ALA O 40 -50.32 33.21 -1.55
CA ALA O 40 -50.04 31.98 -2.30
C ALA O 40 -48.55 31.63 -2.36
N ASN O 41 -47.71 32.62 -2.64
CA ASN O 41 -46.27 32.37 -2.78
C ASN O 41 -45.39 33.18 -1.83
N GLY O 42 -46.02 34.05 -1.04
CA GLY O 42 -45.32 34.84 -0.03
C GLY O 42 -44.70 36.14 -0.51
N GLN O 43 -44.75 36.37 -1.81
CA GLN O 43 -44.11 37.53 -2.43
C GLN O 43 -44.78 38.84 -2.00
N SER O 44 -43.95 39.82 -1.67
CA SER O 44 -44.40 41.16 -1.31
C SER O 44 -45.17 41.83 -2.45
N LYS O 45 -46.28 42.49 -2.10
CA LYS O 45 -47.10 43.22 -3.06
C LYS O 45 -46.51 44.60 -3.39
N GLY O 46 -45.43 44.95 -2.72
CA GLY O 46 -44.71 46.18 -3.02
C GLY O 46 -45.18 47.40 -2.28
N PHE O 47 -45.98 47.19 -1.24
CA PHE O 47 -46.37 48.26 -0.33
C PHE O 47 -46.57 47.75 1.09
N ALA O 48 -46.32 48.64 2.05
CA ALA O 48 -46.41 48.29 3.46
C ALA O 48 -47.20 49.33 4.24
N LEU O 49 -47.59 48.97 5.46
CA LEU O 49 -48.26 49.90 6.36
C LEU O 49 -47.30 50.22 7.50
N VAL O 50 -46.98 51.50 7.65
CA VAL O 50 -46.00 51.94 8.62
C VAL O 50 -46.63 52.89 9.65
N GLY O 51 -46.34 52.65 10.92
CA GLY O 51 -46.83 53.50 11.99
C GLY O 51 -45.72 54.31 12.66
N VAL O 52 -45.89 55.63 12.71
CA VAL O 52 -44.98 56.50 13.47
C VAL O 52 -45.68 57.09 14.69
N GLY O 53 -44.88 57.62 15.62
CA GLY O 53 -45.41 58.15 16.87
C GLY O 53 -45.47 59.67 16.96
N SER O 54 -45.08 60.35 15.88
CA SER O 54 -45.05 61.81 15.84
C SER O 54 -45.79 62.36 14.62
N GLU O 55 -46.25 63.61 14.72
CA GLU O 55 -46.75 64.33 13.56
C GLU O 55 -45.57 64.83 12.72
N ALA O 56 -44.50 65.25 13.41
CA ALA O 56 -43.27 65.68 12.76
C ALA O 56 -42.63 64.53 11.96
N SER O 57 -42.65 63.34 12.55
CA SER O 57 -42.17 62.14 11.87
C SER O 57 -43.04 61.81 10.66
N SER O 58 -44.34 62.05 10.77
CA SER O 58 -45.26 61.82 9.66
C SER O 58 -44.99 62.79 8.51
N LYS O 59 -44.75 64.07 8.85
CA LYS O 59 -44.51 65.11 7.86
C LYS O 59 -43.22 64.88 7.07
N LYS O 60 -42.18 64.40 7.76
CA LYS O 60 -40.88 64.09 7.14
C LYS O 60 -40.98 62.90 6.21
N LEU O 61 -41.79 61.93 6.59
CA LEU O 61 -41.97 60.70 5.85
C LEU O 61 -42.81 60.89 4.58
N MET O 62 -43.67 61.90 4.56
CA MET O 62 -44.46 62.24 3.38
C MET O 62 -43.76 63.19 2.41
N ASP O 63 -42.89 64.05 2.95
CA ASP O 63 -42.18 65.01 2.13
C ASP O 63 -40.84 64.46 1.63
N LEU O 64 -40.02 63.97 2.55
CA LEU O 64 -38.64 63.61 2.25
C LEU O 64 -38.43 62.22 1.66
N LEU O 65 -39.28 61.27 2.02
CA LEU O 65 -39.08 59.88 1.56
C LEU O 65 -39.28 59.66 0.05
N PRO O 66 -40.34 60.23 -0.56
CA PRO O 66 -40.49 60.15 -2.01
C PRO O 66 -39.35 60.78 -2.83
N LYS O 67 -38.55 61.62 -2.18
CA LYS O 67 -37.41 62.27 -2.84
C LYS O 67 -36.19 61.36 -2.95
N ARG O 68 -36.16 60.28 -2.15
CA ARG O 68 -35.04 59.35 -2.12
C ARG O 68 -35.38 58.04 -2.85
N GLU O 69 -34.35 57.37 -3.35
CA GLU O 69 -34.51 56.12 -4.09
C GLU O 69 -34.23 54.89 -3.21
N LEU O 70 -35.02 53.85 -3.40
CA LEU O 70 -34.82 52.57 -2.70
C LEU O 70 -34.81 51.44 -3.72
N HIS O 71 -33.63 50.86 -3.94
CA HIS O 71 -33.44 49.84 -4.97
C HIS O 71 -33.94 50.30 -6.34
N GLY O 72 -33.66 51.55 -6.67
CA GLY O 72 -34.02 52.12 -7.97
C GLY O 72 -35.45 52.59 -8.12
N GLN O 73 -36.20 52.61 -7.03
CA GLN O 73 -37.60 53.06 -7.08
C GLN O 73 -37.98 54.01 -5.94
N ASN O 74 -38.52 55.18 -6.30
CA ASN O 74 -39.00 56.14 -5.30
C ASN O 74 -40.33 55.66 -4.69
N PRO O 75 -40.42 55.70 -3.35
CA PRO O 75 -41.66 55.31 -2.67
C PRO O 75 -42.78 56.34 -2.81
N VAL O 76 -44.03 55.88 -2.71
CA VAL O 76 -45.19 56.75 -2.70
C VAL O 76 -45.86 56.64 -1.34
N VAL O 77 -45.80 57.72 -0.57
CA VAL O 77 -46.35 57.73 0.78
C VAL O 77 -47.74 58.36 0.82
N THR O 78 -48.69 57.61 1.33
CA THR O 78 -50.08 58.03 1.41
C THR O 78 -50.58 57.84 2.84
N PRO O 79 -51.37 58.81 3.36
CA PRO O 79 -51.95 58.69 4.70
C PRO O 79 -53.04 57.61 4.78
N SER O 80 -53.20 57.02 5.96
CA SER O 80 -54.30 56.08 6.21
C SER O 80 -55.64 56.79 6.03
N ASN O 81 -56.71 56.00 5.89
CA ASN O 81 -58.09 56.46 5.66
C ASN O 81 -58.68 55.83 4.39
N TYR P 5 -64.86 -4.45 -20.86
CA TYR P 5 -65.11 -3.92 -19.48
C TYR P 5 -64.95 -5.01 -18.42
N ILE P 6 -63.93 -4.84 -17.57
CA ILE P 6 -63.71 -5.72 -16.43
C ILE P 6 -63.54 -4.87 -15.18
N GLY P 7 -64.52 -4.95 -14.28
CA GLY P 7 -64.55 -4.11 -13.08
C GLY P 7 -64.23 -4.83 -11.79
N ASN P 8 -64.62 -4.21 -10.68
CA ASN P 8 -64.39 -4.73 -9.32
C ASN P 8 -62.93 -5.10 -9.03
N LEU P 9 -62.01 -4.31 -9.60
CA LEU P 9 -60.57 -4.52 -9.42
C LEU P 9 -60.01 -3.55 -8.39
N THR P 10 -58.89 -3.93 -7.77
CA THR P 10 -58.19 -3.08 -6.82
C THR P 10 -57.21 -2.16 -7.54
N TRP P 11 -56.88 -1.04 -6.90
CA TRP P 11 -55.97 -0.04 -7.48
C TRP P 11 -54.52 -0.52 -7.60
N TRP P 12 -54.24 -1.71 -7.08
CA TRP P 12 -52.92 -2.32 -7.22
C TRP P 12 -52.91 -3.54 -8.14
N THR P 13 -54.05 -3.83 -8.77
CA THR P 13 -54.14 -4.84 -9.81
C THR P 13 -53.53 -4.29 -11.09
N THR P 14 -52.37 -4.84 -11.45
CA THR P 14 -51.59 -4.35 -12.58
C THR P 14 -52.05 -4.94 -13.91
N ASP P 15 -51.40 -4.53 -14.99
CA ASP P 15 -51.65 -5.10 -16.32
C ASP P 15 -51.23 -6.57 -16.38
N GLU P 16 -50.07 -6.89 -15.79
CA GLU P 16 -49.54 -8.25 -15.76
C GLU P 16 -50.44 -9.24 -15.01
N ASP P 17 -51.01 -8.79 -13.89
CA ASP P 17 -51.90 -9.62 -13.09
C ASP P 17 -53.17 -9.98 -13.84
N LEU P 18 -53.64 -9.07 -14.69
CA LEU P 18 -54.82 -9.28 -15.53
C LEU P 18 -54.47 -10.10 -16.78
N THR P 19 -53.27 -9.88 -17.31
CA THR P 19 -52.78 -10.61 -18.48
C THR P 19 -52.59 -12.09 -18.17
N GLU P 20 -52.03 -12.39 -17.00
CA GLU P 20 -51.80 -13.78 -16.56
C GLU P 20 -53.09 -14.51 -16.22
N ALA P 21 -54.09 -13.75 -15.78
CA ALA P 21 -55.41 -14.29 -15.46
C ALA P 21 -56.17 -14.74 -16.71
N VAL P 22 -55.96 -14.03 -17.80
CA VAL P 22 -56.57 -14.34 -19.09
C VAL P 22 -55.89 -15.54 -19.76
N HIS P 23 -54.56 -15.53 -19.78
CA HIS P 23 -53.76 -16.59 -20.43
C HIS P 23 -53.78 -17.93 -19.71
N SER P 24 -54.34 -17.96 -18.50
CA SER P 24 -54.49 -19.20 -17.74
C SER P 24 -55.83 -19.88 -18.00
N LEU P 25 -56.75 -19.15 -18.63
CA LEU P 25 -58.09 -19.66 -18.93
C LEU P 25 -58.24 -20.22 -20.34
N GLY P 26 -57.33 -19.83 -21.23
CA GLY P 26 -57.35 -20.28 -22.61
C GLY P 26 -57.84 -19.21 -23.56
N VAL P 27 -57.13 -18.08 -23.59
CA VAL P 27 -57.42 -16.99 -24.51
C VAL P 27 -56.13 -16.25 -24.86
N ASN P 28 -55.42 -16.78 -25.84
CA ASN P 28 -54.12 -16.24 -26.25
C ASN P 28 -54.21 -15.09 -27.26
N ASP P 29 -55.41 -14.58 -27.47
CA ASP P 29 -55.64 -13.47 -28.40
C ASP P 29 -56.13 -12.21 -27.67
N ILE P 30 -55.18 -11.41 -27.21
CA ILE P 30 -55.48 -10.13 -26.56
C ILE P 30 -54.87 -8.97 -27.35
N LEU P 31 -55.66 -7.91 -27.54
CA LEU P 31 -55.23 -6.76 -28.32
C LEU P 31 -54.70 -5.62 -27.46
N GLU P 32 -55.60 -4.91 -26.77
CA GLU P 32 -55.23 -3.76 -25.96
C GLU P 32 -55.97 -3.72 -24.62
N ILE P 33 -55.22 -3.42 -23.56
CA ILE P 33 -55.79 -3.27 -22.22
C ILE P 33 -55.68 -1.80 -21.81
N LYS P 34 -56.82 -1.20 -21.45
CA LYS P 34 -56.85 0.21 -21.06
C LYS P 34 -57.47 0.40 -19.68
N PHE P 35 -56.64 0.88 -18.74
CA PHE P 35 -57.08 1.16 -17.38
C PHE P 35 -57.69 2.54 -17.26
N PHE P 36 -58.82 2.63 -16.57
CA PHE P 36 -59.48 3.90 -16.31
C PHE P 36 -58.95 4.50 -15.02
N GLU P 37 -58.26 5.63 -15.15
CA GLU P 37 -57.50 6.19 -14.03
C GLU P 37 -57.85 7.65 -13.73
N ASN P 38 -57.55 8.04 -12.49
CA ASN P 38 -57.75 9.41 -12.01
C ASN P 38 -56.68 10.34 -12.59
N ARG P 39 -57.11 11.40 -13.26
CA ARG P 39 -56.20 12.34 -13.93
C ARG P 39 -55.38 13.20 -12.97
N ALA P 40 -55.83 13.30 -11.73
CA ALA P 40 -55.16 14.08 -10.70
C ALA P 40 -53.91 13.40 -10.16
N ASN P 41 -54.08 12.18 -9.65
CA ASN P 41 -52.98 11.45 -9.01
C ASN P 41 -52.52 10.19 -9.74
N GLY P 42 -53.25 9.81 -10.78
CA GLY P 42 -52.89 8.63 -11.58
C GLY P 42 -53.40 7.32 -11.02
N GLN P 43 -54.25 7.39 -9.99
CA GLN P 43 -54.77 6.19 -9.33
C GLN P 43 -55.82 5.47 -10.19
N SER P 44 -55.68 4.15 -10.28
CA SER P 44 -56.65 3.30 -10.95
C SER P 44 -57.99 3.37 -10.24
N LYS P 45 -59.05 3.60 -11.02
CA LYS P 45 -60.39 3.78 -10.45
C LYS P 45 -61.08 2.48 -10.06
N GLY P 46 -60.69 1.38 -10.70
CA GLY P 46 -61.20 0.06 -10.35
C GLY P 46 -61.76 -0.78 -11.47
N PHE P 47 -61.69 -0.27 -12.70
CA PHE P 47 -62.19 -1.00 -13.88
C PHE P 47 -61.38 -0.70 -15.13
N ALA P 48 -61.29 -1.68 -16.03
CA ALA P 48 -60.50 -1.56 -17.25
C ALA P 48 -61.24 -2.10 -18.47
N LEU P 49 -60.91 -1.56 -19.64
CA LEU P 49 -61.47 -2.01 -20.91
C LEU P 49 -60.44 -2.84 -21.67
N VAL P 50 -60.86 -4.03 -22.11
CA VAL P 50 -59.97 -4.97 -22.78
C VAL P 50 -60.41 -5.22 -24.23
N GLY P 51 -59.43 -5.26 -25.13
CA GLY P 51 -59.66 -5.63 -26.52
C GLY P 51 -59.47 -7.13 -26.71
N VAL P 52 -60.46 -7.77 -27.33
CA VAL P 52 -60.43 -9.22 -27.58
C VAL P 52 -60.09 -9.50 -29.04
N GLY P 53 -59.48 -10.66 -29.30
CA GLY P 53 -59.08 -11.04 -30.65
C GLY P 53 -60.02 -12.01 -31.34
N SER P 54 -60.93 -12.61 -30.58
CA SER P 54 -61.89 -13.59 -31.11
C SER P 54 -63.25 -13.51 -30.42
N GLU P 55 -64.29 -13.92 -31.12
CA GLU P 55 -65.62 -14.06 -30.53
C GLU P 55 -65.67 -15.31 -29.66
N ALA P 56 -64.80 -16.27 -29.97
CA ALA P 56 -64.63 -17.48 -29.16
C ALA P 56 -63.94 -17.17 -27.84
N SER P 57 -62.99 -16.25 -27.88
CA SER P 57 -62.30 -15.77 -26.67
C SER P 57 -63.17 -14.82 -25.86
N SER P 58 -64.18 -14.24 -26.52
CA SER P 58 -65.09 -13.28 -25.89
C SER P 58 -66.12 -13.97 -24.99
N LYS P 59 -66.69 -15.07 -25.47
CA LYS P 59 -67.71 -15.82 -24.75
C LYS P 59 -67.13 -16.62 -23.57
N LYS P 60 -65.91 -17.11 -23.75
CA LYS P 60 -65.22 -17.90 -22.72
C LYS P 60 -64.74 -17.03 -21.56
N LEU P 61 -64.49 -15.75 -21.85
CA LEU P 61 -64.04 -14.79 -20.85
C LEU P 61 -65.18 -14.27 -19.98
N MET P 62 -66.36 -14.12 -20.60
CA MET P 62 -67.54 -13.64 -19.88
C MET P 62 -68.12 -14.71 -18.94
N ASP P 63 -67.86 -15.97 -19.25
CA ASP P 63 -68.41 -17.08 -18.48
C ASP P 63 -67.48 -17.62 -17.39
N LEU P 64 -66.17 -17.46 -17.58
CA LEU P 64 -65.18 -18.11 -16.71
C LEU P 64 -64.37 -17.19 -15.79
N LEU P 65 -64.12 -15.95 -16.23
CA LEU P 65 -63.24 -15.04 -15.50
C LEU P 65 -63.66 -14.65 -14.06
N PRO P 66 -64.97 -14.40 -13.82
CA PRO P 66 -65.39 -14.08 -12.45
C PRO P 66 -65.21 -15.21 -11.44
N LYS P 67 -64.73 -16.37 -11.90
CA LYS P 67 -64.47 -17.52 -11.02
C LYS P 67 -63.00 -17.60 -10.59
N ARG P 68 -62.19 -16.64 -11.03
CA ARG P 68 -60.79 -16.55 -10.66
C ARG P 68 -60.49 -15.21 -9.99
N GLU P 69 -60.24 -15.24 -8.68
CA GLU P 69 -60.05 -14.03 -7.89
C GLU P 69 -58.67 -13.41 -8.06
N LEU P 70 -58.64 -12.08 -8.17
CA LEU P 70 -57.41 -11.32 -8.20
C LEU P 70 -57.34 -10.40 -6.99
N HIS P 71 -56.36 -10.64 -6.14
CA HIS P 71 -56.13 -9.87 -4.90
C HIS P 71 -57.35 -9.85 -3.97
N GLY P 72 -57.99 -11.01 -3.82
CA GLY P 72 -59.11 -11.18 -2.88
C GLY P 72 -60.43 -10.63 -3.35
N GLN P 73 -60.55 -10.33 -4.65
CA GLN P 73 -61.79 -9.82 -5.23
C GLN P 73 -62.09 -10.45 -6.58
N ASN P 74 -63.35 -10.87 -6.75
CA ASN P 74 -63.83 -11.42 -8.02
C ASN P 74 -64.16 -10.32 -9.01
N PRO P 75 -63.57 -10.39 -10.23
CA PRO P 75 -63.86 -9.43 -11.31
C PRO P 75 -65.28 -9.52 -11.85
N VAL P 76 -65.76 -8.42 -12.44
CA VAL P 76 -67.11 -8.36 -13.04
C VAL P 76 -67.00 -8.01 -14.52
N VAL P 77 -67.61 -8.83 -15.38
CA VAL P 77 -67.48 -8.68 -16.83
C VAL P 77 -68.72 -8.02 -17.45
N THR P 78 -68.48 -7.13 -18.43
CA THR P 78 -69.53 -6.38 -19.12
C THR P 78 -69.15 -6.19 -20.59
N PRO P 79 -70.12 -6.36 -21.51
CA PRO P 79 -69.88 -6.10 -22.93
C PRO P 79 -69.56 -4.63 -23.24
#